data_5AIZ
# 
_entry.id   5AIZ 
# 
_audit_conform.dict_name       mmcif_pdbx.dic 
_audit_conform.dict_version    5.398 
_audit_conform.dict_location   http://mmcif.pdb.org/dictionaries/ascii/mmcif_pdbx.dic 
# 
loop_
_database_2.database_id 
_database_2.database_code 
_database_2.pdbx_database_accession 
_database_2.pdbx_DOI 
PDB   5AIZ         pdb_00005aiz 10.2210/pdb5aiz/pdb 
PDBE  EBI-63091    ?            ?                   
WWPDB D_1290063091 ?            ?                   
# 
loop_
_pdbx_audit_revision_history.ordinal 
_pdbx_audit_revision_history.data_content_type 
_pdbx_audit_revision_history.major_revision 
_pdbx_audit_revision_history.minor_revision 
_pdbx_audit_revision_history.revision_date 
1 'Structure model' 1 0 2015-10-28 
2 'Structure model' 1 1 2015-11-11 
3 'Structure model' 1 2 2015-12-02 
4 'Structure model' 1 3 2024-11-13 
# 
_pdbx_audit_revision_details.ordinal             1 
_pdbx_audit_revision_details.revision_ordinal    1 
_pdbx_audit_revision_details.data_content_type   'Structure model' 
_pdbx_audit_revision_details.provider            repository 
_pdbx_audit_revision_details.type                'Initial release' 
_pdbx_audit_revision_details.description         ? 
_pdbx_audit_revision_details.details             ? 
# 
loop_
_pdbx_audit_revision_group.ordinal 
_pdbx_audit_revision_group.revision_ordinal 
_pdbx_audit_revision_group.data_content_type 
_pdbx_audit_revision_group.group 
1 2 'Structure model' 'Database references'  
2 3 'Structure model' 'Database references'  
3 4 'Structure model' 'Data collection'      
4 4 'Structure model' 'Database references'  
5 4 'Structure model' 'Derived calculations' 
6 4 'Structure model' Other                  
7 4 'Structure model' 'Structure summary'    
# 
loop_
_pdbx_audit_revision_category.ordinal 
_pdbx_audit_revision_category.revision_ordinal 
_pdbx_audit_revision_category.data_content_type 
_pdbx_audit_revision_category.category 
1 4 'Structure model' chem_comp_atom            
2 4 'Structure model' chem_comp_bond            
3 4 'Structure model' database_2                
4 4 'Structure model' pdbx_database_status      
5 4 'Structure model' pdbx_entry_details        
6 4 'Structure model' pdbx_modification_feature 
7 4 'Structure model' struct_conn               
8 4 'Structure model' struct_site               
# 
loop_
_pdbx_audit_revision_item.ordinal 
_pdbx_audit_revision_item.revision_ordinal 
_pdbx_audit_revision_item.data_content_type 
_pdbx_audit_revision_item.item 
1 4 'Structure model' '_database_2.pdbx_DOI'                         
2 4 'Structure model' '_database_2.pdbx_database_accession'          
3 4 'Structure model' '_pdbx_database_status.status_code_sf'         
4 4 'Structure model' '_pdbx_entry_details.has_protein_modification' 
5 4 'Structure model' '_struct_conn.pdbx_leaving_atom_flag'          
6 4 'Structure model' '_struct_site.pdbx_auth_asym_id'               
7 4 'Structure model' '_struct_site.pdbx_auth_comp_id'               
8 4 'Structure model' '_struct_site.pdbx_auth_seq_id'                
# 
_pdbx_database_status.status_code                     REL 
_pdbx_database_status.entry_id                        5AIZ 
_pdbx_database_status.deposit_site                    PDBE 
_pdbx_database_status.process_site                    PDBE 
_pdbx_database_status.SG_entry                        . 
_pdbx_database_status.recvd_initial_deposition_date   2015-02-18 
_pdbx_database_status.pdb_format_compatible           Y 
_pdbx_database_status.status_code_sf                  REL 
_pdbx_database_status.status_code_mr                  ? 
_pdbx_database_status.status_code_cs                  ? 
_pdbx_database_status.methods_development_category    ? 
_pdbx_database_status.status_code_nmr_data            ? 
# 
loop_
_audit_author.name 
_audit_author.pdbx_ordinal 
'Cho, H.J.'     1 
'Murai, M.'     2 
'Chiang, M.'    3 
'Cierpicki, T.' 4 
# 
_citation.id                        primary 
_citation.title                     
'The Pias-Like Coactivator Zmiz1 is a Direct and Selective Cofactor of Notch1 in T-Cell Development and Leukemia' 
_citation.journal_abbrev            Immunity 
_citation.journal_volume            43 
_citation.page_first                870 
_citation.page_last                 ? 
_citation.year                      2015 
_citation.journal_id_ASTM           IUNIEH 
_citation.country                   US 
_citation.journal_id_ISSN           1074-7613 
_citation.journal_id_CSD            2048 
_citation.book_publisher            ? 
_citation.pdbx_database_id_PubMed   26522984 
_citation.pdbx_database_id_DOI      10.1016/J.IMMUNI.2015.10.007 
# 
loop_
_citation_author.citation_id 
_citation_author.name 
_citation_author.ordinal 
_citation_author.identifier_ORCID 
primary 'Cho, H.J.'     1 ? 
primary 'Chiang, M.'    2 ? 
primary 'Cierpicki, T.' 3 ? 
# 
loop_
_entity.id 
_entity.type 
_entity.src_method 
_entity.pdbx_description 
_entity.formula_weight 
_entity.pdbx_number_of_molecules 
_entity.pdbx_ec 
_entity.pdbx_mutation 
_entity.pdbx_fragment 
_entity.details 
1 polymer     man 'ZINC FINGER MIZ DOMAIN-CONTAINING PROTEIN 1' 14227.590 1   ? ? 'TPR DOMAIN, UNP RESIDUES 1-118' ? 
2 non-polymer syn 'UNKNOWN ATOM OR ION'                         ?         1   ? ? ?                                ? 
3 non-polymer syn 1,2-ETHANEDIOL                                62.068    1   ? ? ?                                ? 
4 non-polymer syn 'ACETATE ION'                                 59.044    1   ? ? ?                                ? 
5 water       nat water                                         18.015    131 ? ? ?                                ? 
# 
_entity_name_com.entity_id   1 
_entity_name_com.name        'PIAS-LIKE PROTEIN ZIMP10, RETINOIC ACID-INDUCED PROTEIN 17, ZMIZ1 N-TERMINAL DOMAIN' 
# 
_entity_poly.entity_id                      1 
_entity_poly.type                           'polypeptide(L)' 
_entity_poly.nstd_linkage                   no 
_entity_poly.nstd_monomer                   yes 
_entity_poly.pdbx_seq_one_letter_code       
;GPA(MSE)AH(MSE)NS(MSE)DRHIQQTNDRLQCIKQHLQNPANFHNAATELLDWCGDPRAFQRPFEQSL(MSE)GCLT
VVSRVAAQQGFDLDLGYRLLAVCAANRDKFTPKSAALLSSWCEELGRLLLLRHQKSRQSD
;
_entity_poly.pdbx_seq_one_letter_code_can   
;GPAMAHMNSMDRHIQQTNDRLQCIKQHLQNPANFHNAATELLDWCGDPRAFQRPFEQSLMGCLTVVSRVAAQQGFDLDLG
YRLLAVCAANRDKFTPKSAALLSSWCEELGRLLLLRHQKSRQSD
;
_entity_poly.pdbx_strand_id                 A 
_entity_poly.pdbx_target_identifier         ? 
# 
loop_
_pdbx_entity_nonpoly.entity_id 
_pdbx_entity_nonpoly.name 
_pdbx_entity_nonpoly.comp_id 
2 'UNKNOWN ATOM OR ION' UNX 
3 1,2-ETHANEDIOL        EDO 
4 'ACETATE ION'         ACT 
5 water                 HOH 
# 
loop_
_entity_poly_seq.entity_id 
_entity_poly_seq.num 
_entity_poly_seq.mon_id 
_entity_poly_seq.hetero 
1 1   GLY n 
1 2   PRO n 
1 3   ALA n 
1 4   MSE n 
1 5   ALA n 
1 6   HIS n 
1 7   MSE n 
1 8   ASN n 
1 9   SER n 
1 10  MSE n 
1 11  ASP n 
1 12  ARG n 
1 13  HIS n 
1 14  ILE n 
1 15  GLN n 
1 16  GLN n 
1 17  THR n 
1 18  ASN n 
1 19  ASP n 
1 20  ARG n 
1 21  LEU n 
1 22  GLN n 
1 23  CYS n 
1 24  ILE n 
1 25  LYS n 
1 26  GLN n 
1 27  HIS n 
1 28  LEU n 
1 29  GLN n 
1 30  ASN n 
1 31  PRO n 
1 32  ALA n 
1 33  ASN n 
1 34  PHE n 
1 35  HIS n 
1 36  ASN n 
1 37  ALA n 
1 38  ALA n 
1 39  THR n 
1 40  GLU n 
1 41  LEU n 
1 42  LEU n 
1 43  ASP n 
1 44  TRP n 
1 45  CYS n 
1 46  GLY n 
1 47  ASP n 
1 48  PRO n 
1 49  ARG n 
1 50  ALA n 
1 51  PHE n 
1 52  GLN n 
1 53  ARG n 
1 54  PRO n 
1 55  PHE n 
1 56  GLU n 
1 57  GLN n 
1 58  SER n 
1 59  LEU n 
1 60  MSE n 
1 61  GLY n 
1 62  CYS n 
1 63  LEU n 
1 64  THR n 
1 65  VAL n 
1 66  VAL n 
1 67  SER n 
1 68  ARG n 
1 69  VAL n 
1 70  ALA n 
1 71  ALA n 
1 72  GLN n 
1 73  GLN n 
1 74  GLY n 
1 75  PHE n 
1 76  ASP n 
1 77  LEU n 
1 78  ASP n 
1 79  LEU n 
1 80  GLY n 
1 81  TYR n 
1 82  ARG n 
1 83  LEU n 
1 84  LEU n 
1 85  ALA n 
1 86  VAL n 
1 87  CYS n 
1 88  ALA n 
1 89  ALA n 
1 90  ASN n 
1 91  ARG n 
1 92  ASP n 
1 93  LYS n 
1 94  PHE n 
1 95  THR n 
1 96  PRO n 
1 97  LYS n 
1 98  SER n 
1 99  ALA n 
1 100 ALA n 
1 101 LEU n 
1 102 LEU n 
1 103 SER n 
1 104 SER n 
1 105 TRP n 
1 106 CYS n 
1 107 GLU n 
1 108 GLU n 
1 109 LEU n 
1 110 GLY n 
1 111 ARG n 
1 112 LEU n 
1 113 LEU n 
1 114 LEU n 
1 115 LEU n 
1 116 ARG n 
1 117 HIS n 
1 118 GLN n 
1 119 LYS n 
1 120 SER n 
1 121 ARG n 
1 122 GLN n 
1 123 SER n 
1 124 ASP n 
# 
_entity_src_gen.entity_id                          1 
_entity_src_gen.pdbx_src_id                        1 
_entity_src_gen.pdbx_alt_source_flag               sample 
_entity_src_gen.pdbx_seq_type                      ? 
_entity_src_gen.pdbx_beg_seq_num                   ? 
_entity_src_gen.pdbx_end_seq_num                   ? 
_entity_src_gen.gene_src_common_name               HUMAN 
_entity_src_gen.gene_src_genus                     ? 
_entity_src_gen.pdbx_gene_src_gene                 ? 
_entity_src_gen.gene_src_species                   ? 
_entity_src_gen.gene_src_strain                    ? 
_entity_src_gen.gene_src_tissue                    ? 
_entity_src_gen.gene_src_tissue_fraction           ? 
_entity_src_gen.gene_src_details                   ? 
_entity_src_gen.pdbx_gene_src_fragment             ? 
_entity_src_gen.pdbx_gene_src_scientific_name      'HOMO SAPIENS' 
_entity_src_gen.pdbx_gene_src_ncbi_taxonomy_id     9606 
_entity_src_gen.pdbx_gene_src_variant              ? 
_entity_src_gen.pdbx_gene_src_cell_line            ? 
_entity_src_gen.pdbx_gene_src_atcc                 ? 
_entity_src_gen.pdbx_gene_src_organ                ? 
_entity_src_gen.pdbx_gene_src_organelle            ? 
_entity_src_gen.pdbx_gene_src_cell                 ? 
_entity_src_gen.pdbx_gene_src_cellular_location    ? 
_entity_src_gen.host_org_common_name               ? 
_entity_src_gen.pdbx_host_org_scientific_name      'ESCHERICHIA COLI' 
_entity_src_gen.pdbx_host_org_ncbi_taxonomy_id     469008 
_entity_src_gen.host_org_genus                     ? 
_entity_src_gen.pdbx_host_org_gene                 ? 
_entity_src_gen.pdbx_host_org_organ                ? 
_entity_src_gen.host_org_species                   ? 
_entity_src_gen.pdbx_host_org_tissue               ? 
_entity_src_gen.pdbx_host_org_tissue_fraction      ? 
_entity_src_gen.pdbx_host_org_strain               'BL21(DE3)' 
_entity_src_gen.pdbx_host_org_variant              ROSETTA2 
_entity_src_gen.pdbx_host_org_cell_line            ? 
_entity_src_gen.pdbx_host_org_atcc                 ? 
_entity_src_gen.pdbx_host_org_culture_collection   ? 
_entity_src_gen.pdbx_host_org_cell                 ? 
_entity_src_gen.pdbx_host_org_organelle            ? 
_entity_src_gen.pdbx_host_org_cellular_location    ? 
_entity_src_gen.pdbx_host_org_vector_type          PLASMID 
_entity_src_gen.pdbx_host_org_vector               ? 
_entity_src_gen.host_org_details                   ? 
_entity_src_gen.expression_system_id               ? 
_entity_src_gen.plasmid_name                       'MODIFIED PET32A' 
_entity_src_gen.plasmid_details                    ? 
_entity_src_gen.pdbx_description                   ? 
# 
loop_
_chem_comp.id 
_chem_comp.type 
_chem_comp.mon_nstd_flag 
_chem_comp.name 
_chem_comp.pdbx_synonyms 
_chem_comp.formula 
_chem_comp.formula_weight 
ACT non-polymer         . 'ACETATE ION'         ?                 'C2 H3 O2 -1'    59.044  
ALA 'L-peptide linking' y ALANINE               ?                 'C3 H7 N O2'     89.093  
ARG 'L-peptide linking' y ARGININE              ?                 'C6 H15 N4 O2 1' 175.209 
ASN 'L-peptide linking' y ASPARAGINE            ?                 'C4 H8 N2 O3'    132.118 
ASP 'L-peptide linking' y 'ASPARTIC ACID'       ?                 'C4 H7 N O4'     133.103 
CYS 'L-peptide linking' y CYSTEINE              ?                 'C3 H7 N O2 S'   121.158 
EDO non-polymer         . 1,2-ETHANEDIOL        'ETHYLENE GLYCOL' 'C2 H6 O2'       62.068  
GLN 'L-peptide linking' y GLUTAMINE             ?                 'C5 H10 N2 O3'   146.144 
GLU 'L-peptide linking' y 'GLUTAMIC ACID'       ?                 'C5 H9 N O4'     147.129 
GLY 'peptide linking'   y GLYCINE               ?                 'C2 H5 N O2'     75.067  
HIS 'L-peptide linking' y HISTIDINE             ?                 'C6 H10 N3 O2 1' 156.162 
HOH non-polymer         . WATER                 ?                 'H2 O'           18.015  
ILE 'L-peptide linking' y ISOLEUCINE            ?                 'C6 H13 N O2'    131.173 
LEU 'L-peptide linking' y LEUCINE               ?                 'C6 H13 N O2'    131.173 
LYS 'L-peptide linking' y LYSINE                ?                 'C6 H15 N2 O2 1' 147.195 
MSE 'L-peptide linking' n SELENOMETHIONINE      ?                 'C5 H11 N O2 Se' 196.106 
PHE 'L-peptide linking' y PHENYLALANINE         ?                 'C9 H11 N O2'    165.189 
PRO 'L-peptide linking' y PROLINE               ?                 'C5 H9 N O2'     115.130 
SER 'L-peptide linking' y SERINE                ?                 'C3 H7 N O3'     105.093 
THR 'L-peptide linking' y THREONINE             ?                 'C4 H9 N O3'     119.119 
TRP 'L-peptide linking' y TRYPTOPHAN            ?                 'C11 H12 N2 O2'  204.225 
TYR 'L-peptide linking' y TYROSINE              ?                 'C9 H11 N O3'    181.189 
UNX non-polymer         . 'UNKNOWN ATOM OR ION' ?                 ?                ?       
VAL 'L-peptide linking' y VALINE                ?                 'C5 H11 N O2'    117.146 
# 
loop_
_pdbx_poly_seq_scheme.asym_id 
_pdbx_poly_seq_scheme.entity_id 
_pdbx_poly_seq_scheme.seq_id 
_pdbx_poly_seq_scheme.mon_id 
_pdbx_poly_seq_scheme.ndb_seq_num 
_pdbx_poly_seq_scheme.pdb_seq_num 
_pdbx_poly_seq_scheme.auth_seq_num 
_pdbx_poly_seq_scheme.pdb_mon_id 
_pdbx_poly_seq_scheme.auth_mon_id 
_pdbx_poly_seq_scheme.pdb_strand_id 
_pdbx_poly_seq_scheme.pdb_ins_code 
_pdbx_poly_seq_scheme.hetero 
A 1 1   GLY 1   -5  ?   ?   ?   A . n 
A 1 2   PRO 2   -4  ?   ?   ?   A . n 
A 1 3   ALA 3   -3  ?   ?   ?   A . n 
A 1 4   MSE 4   -2  ?   ?   ?   A . n 
A 1 5   ALA 5   -1  ?   ?   ?   A . n 
A 1 6   HIS 6   0   ?   ?   ?   A . n 
A 1 7   MSE 7   1   ?   ?   ?   A . n 
A 1 8   ASN 8   2   ?   ?   ?   A . n 
A 1 9   SER 9   3   3   SER SER A . n 
A 1 10  MSE 10  4   4   MSE MSE A . n 
A 1 11  ASP 11  5   5   ASP ASP A . n 
A 1 12  ARG 12  6   6   ARG ARG A . n 
A 1 13  HIS 13  7   7   HIS HIS A . n 
A 1 14  ILE 14  8   8   ILE ILE A . n 
A 1 15  GLN 15  9   9   GLN GLN A . n 
A 1 16  GLN 16  10  10  GLN GLN A . n 
A 1 17  THR 17  11  11  THR THR A . n 
A 1 18  ASN 18  12  12  ASN ASN A . n 
A 1 19  ASP 19  13  13  ASP ASP A . n 
A 1 20  ARG 20  14  14  ARG ARG A . n 
A 1 21  LEU 21  15  15  LEU LEU A . n 
A 1 22  GLN 22  16  16  GLN GLN A . n 
A 1 23  CYS 23  17  17  CYS CYS A . n 
A 1 24  ILE 24  18  18  ILE ILE A . n 
A 1 25  LYS 25  19  19  LYS LYS A . n 
A 1 26  GLN 26  20  20  GLN GLN A . n 
A 1 27  HIS 27  21  21  HIS HIS A . n 
A 1 28  LEU 28  22  22  LEU LEU A . n 
A 1 29  GLN 29  23  23  GLN GLN A . n 
A 1 30  ASN 30  24  24  ASN ASN A . n 
A 1 31  PRO 31  25  25  PRO PRO A . n 
A 1 32  ALA 32  26  26  ALA ALA A . n 
A 1 33  ASN 33  27  27  ASN ASN A . n 
A 1 34  PHE 34  28  28  PHE PHE A . n 
A 1 35  HIS 35  29  29  HIS HIS A . n 
A 1 36  ASN 36  30  30  ASN ASN A . n 
A 1 37  ALA 37  31  31  ALA ALA A . n 
A 1 38  ALA 38  32  32  ALA ALA A . n 
A 1 39  THR 39  33  33  THR THR A . n 
A 1 40  GLU 40  34  34  GLU GLU A . n 
A 1 41  LEU 41  35  35  LEU LEU A . n 
A 1 42  LEU 42  36  36  LEU LEU A . n 
A 1 43  ASP 43  37  37  ASP ASP A . n 
A 1 44  TRP 44  38  38  TRP TRP A . n 
A 1 45  CYS 45  39  39  CYS CYS A . n 
A 1 46  GLY 46  40  40  GLY GLY A . n 
A 1 47  ASP 47  41  41  ASP ASP A . n 
A 1 48  PRO 48  42  42  PRO PRO A . n 
A 1 49  ARG 49  43  43  ARG ARG A . n 
A 1 50  ALA 50  44  44  ALA ALA A . n 
A 1 51  PHE 51  45  45  PHE PHE A . n 
A 1 52  GLN 52  46  46  GLN GLN A . n 
A 1 53  ARG 53  47  47  ARG ARG A . n 
A 1 54  PRO 54  48  48  PRO PRO A . n 
A 1 55  PHE 55  49  49  PHE PHE A . n 
A 1 56  GLU 56  50  50  GLU GLU A . n 
A 1 57  GLN 57  51  51  GLN GLN A . n 
A 1 58  SER 58  52  52  SER SER A . n 
A 1 59  LEU 59  53  53  LEU LEU A . n 
A 1 60  MSE 60  54  54  MSE MSE A . n 
A 1 61  GLY 61  55  55  GLY GLY A . n 
A 1 62  CYS 62  56  56  CYS CYS A . n 
A 1 63  LEU 63  57  57  LEU LEU A . n 
A 1 64  THR 64  58  58  THR THR A . n 
A 1 65  VAL 65  59  59  VAL VAL A . n 
A 1 66  VAL 66  60  60  VAL VAL A . n 
A 1 67  SER 67  61  61  SER SER A . n 
A 1 68  ARG 68  62  62  ARG ARG A . n 
A 1 69  VAL 69  63  63  VAL VAL A . n 
A 1 70  ALA 70  64  64  ALA ALA A . n 
A 1 71  ALA 71  65  65  ALA ALA A . n 
A 1 72  GLN 72  66  66  GLN GLN A . n 
A 1 73  GLN 73  67  67  GLN GLN A . n 
A 1 74  GLY 74  68  68  GLY GLY A . n 
A 1 75  PHE 75  69  69  PHE PHE A . n 
A 1 76  ASP 76  70  70  ASP ASP A . n 
A 1 77  LEU 77  71  71  LEU LEU A . n 
A 1 78  ASP 78  72  72  ASP ASP A . n 
A 1 79  LEU 79  73  73  LEU LEU A . n 
A 1 80  GLY 80  74  74  GLY GLY A . n 
A 1 81  TYR 81  75  75  TYR TYR A . n 
A 1 82  ARG 82  76  76  ARG ARG A . n 
A 1 83  LEU 83  77  77  LEU LEU A . n 
A 1 84  LEU 84  78  78  LEU LEU A . n 
A 1 85  ALA 85  79  79  ALA ALA A . n 
A 1 86  VAL 86  80  80  VAL VAL A . n 
A 1 87  CYS 87  81  81  CYS CYS A . n 
A 1 88  ALA 88  82  82  ALA ALA A . n 
A 1 89  ALA 89  83  83  ALA ALA A . n 
A 1 90  ASN 90  84  84  ASN ASN A . n 
A 1 91  ARG 91  85  85  ARG ARG A . n 
A 1 92  ASP 92  86  86  ASP ASP A . n 
A 1 93  LYS 93  87  87  LYS LYS A . n 
A 1 94  PHE 94  88  88  PHE PHE A . n 
A 1 95  THR 95  89  89  THR THR A . n 
A 1 96  PRO 96  90  90  PRO PRO A . n 
A 1 97  LYS 97  91  91  LYS LYS A . n 
A 1 98  SER 98  92  92  SER SER A . n 
A 1 99  ALA 99  93  93  ALA ALA A . n 
A 1 100 ALA 100 94  94  ALA ALA A . n 
A 1 101 LEU 101 95  95  LEU LEU A . n 
A 1 102 LEU 102 96  96  LEU LEU A . n 
A 1 103 SER 103 97  97  SER SER A . n 
A 1 104 SER 104 98  98  SER SER A . n 
A 1 105 TRP 105 99  99  TRP TRP A . n 
A 1 106 CYS 106 100 100 CYS CYS A . n 
A 1 107 GLU 107 101 101 GLU GLU A . n 
A 1 108 GLU 108 102 102 GLU GLU A . n 
A 1 109 LEU 109 103 103 LEU LEU A . n 
A 1 110 GLY 110 104 104 GLY GLY A . n 
A 1 111 ARG 111 105 105 ARG ARG A . n 
A 1 112 LEU 112 106 106 LEU LEU A . n 
A 1 113 LEU 113 107 107 LEU LEU A . n 
A 1 114 LEU 114 108 108 LEU LEU A . n 
A 1 115 LEU 115 109 109 LEU LEU A . n 
A 1 116 ARG 116 110 110 ARG ARG A . n 
A 1 117 HIS 117 111 111 HIS HIS A . n 
A 1 118 GLN 118 112 112 GLN GLN A . n 
A 1 119 LYS 119 113 ?   ?   ?   A . n 
A 1 120 SER 120 114 ?   ?   ?   A . n 
A 1 121 ARG 121 115 ?   ?   ?   A . n 
A 1 122 GLN 122 116 ?   ?   ?   A . n 
A 1 123 SER 123 117 ?   ?   ?   A . n 
A 1 124 ASP 124 118 ?   ?   ?   A . n 
# 
loop_
_pdbx_nonpoly_scheme.asym_id 
_pdbx_nonpoly_scheme.entity_id 
_pdbx_nonpoly_scheme.mon_id 
_pdbx_nonpoly_scheme.ndb_seq_num 
_pdbx_nonpoly_scheme.pdb_seq_num 
_pdbx_nonpoly_scheme.auth_seq_num 
_pdbx_nonpoly_scheme.pdb_mon_id 
_pdbx_nonpoly_scheme.auth_mon_id 
_pdbx_nonpoly_scheme.pdb_strand_id 
_pdbx_nonpoly_scheme.pdb_ins_code 
B 2 UNX 1   1115 1115 UNX UNX A . 
C 3 EDO 1   1113 1113 EDO EDO A . 
D 4 ACT 1   1114 1114 ACT ACT A . 
E 5 HOH 1   2001 2001 HOH HOH A . 
E 5 HOH 2   2002 2002 HOH HOH A . 
E 5 HOH 3   2003 2003 HOH HOH A . 
E 5 HOH 4   2004 2004 HOH HOH A . 
E 5 HOH 5   2005 2005 HOH HOH A . 
E 5 HOH 6   2006 2006 HOH HOH A . 
E 5 HOH 7   2007 2007 HOH HOH A . 
E 5 HOH 8   2008 2008 HOH HOH A . 
E 5 HOH 9   2009 2009 HOH HOH A . 
E 5 HOH 10  2010 2010 HOH HOH A . 
E 5 HOH 11  2011 2011 HOH HOH A . 
E 5 HOH 12  2012 2012 HOH HOH A . 
E 5 HOH 13  2013 2013 HOH HOH A . 
E 5 HOH 14  2014 2014 HOH HOH A . 
E 5 HOH 15  2015 2015 HOH HOH A . 
E 5 HOH 16  2016 2016 HOH HOH A . 
E 5 HOH 17  2017 2017 HOH HOH A . 
E 5 HOH 18  2018 2018 HOH HOH A . 
E 5 HOH 19  2019 2019 HOH HOH A . 
E 5 HOH 20  2020 2020 HOH HOH A . 
E 5 HOH 21  2021 2021 HOH HOH A . 
E 5 HOH 22  2022 2022 HOH HOH A . 
E 5 HOH 23  2023 2023 HOH HOH A . 
E 5 HOH 24  2024 2024 HOH HOH A . 
E 5 HOH 25  2025 2025 HOH HOH A . 
E 5 HOH 26  2026 2026 HOH HOH A . 
E 5 HOH 27  2027 2027 HOH HOH A . 
E 5 HOH 28  2028 2028 HOH HOH A . 
E 5 HOH 29  2029 2029 HOH HOH A . 
E 5 HOH 30  2030 2030 HOH HOH A . 
E 5 HOH 31  2031 2031 HOH HOH A . 
E 5 HOH 32  2032 2032 HOH HOH A . 
E 5 HOH 33  2033 2033 HOH HOH A . 
E 5 HOH 34  2034 2034 HOH HOH A . 
E 5 HOH 35  2035 2035 HOH HOH A . 
E 5 HOH 36  2036 2036 HOH HOH A . 
E 5 HOH 37  2037 2037 HOH HOH A . 
E 5 HOH 38  2038 2038 HOH HOH A . 
E 5 HOH 39  2039 2039 HOH HOH A . 
E 5 HOH 40  2040 2040 HOH HOH A . 
E 5 HOH 41  2041 2041 HOH HOH A . 
E 5 HOH 42  2042 2042 HOH HOH A . 
E 5 HOH 43  2043 2043 HOH HOH A . 
E 5 HOH 44  2044 2044 HOH HOH A . 
E 5 HOH 45  2045 2045 HOH HOH A . 
E 5 HOH 46  2046 2046 HOH HOH A . 
E 5 HOH 47  2047 2047 HOH HOH A . 
E 5 HOH 48  2048 2048 HOH HOH A . 
E 5 HOH 49  2049 2049 HOH HOH A . 
E 5 HOH 50  2050 2050 HOH HOH A . 
E 5 HOH 51  2051 2051 HOH HOH A . 
E 5 HOH 52  2052 2052 HOH HOH A . 
E 5 HOH 53  2053 2053 HOH HOH A . 
E 5 HOH 54  2054 2054 HOH HOH A . 
E 5 HOH 55  2055 2055 HOH HOH A . 
E 5 HOH 56  2056 2056 HOH HOH A . 
E 5 HOH 57  2057 2057 HOH HOH A . 
E 5 HOH 58  2058 2058 HOH HOH A . 
E 5 HOH 59  2059 2059 HOH HOH A . 
E 5 HOH 60  2060 2060 HOH HOH A . 
E 5 HOH 61  2061 2061 HOH HOH A . 
E 5 HOH 62  2062 2062 HOH HOH A . 
E 5 HOH 63  2063 2063 HOH HOH A . 
E 5 HOH 64  2064 2064 HOH HOH A . 
E 5 HOH 65  2065 2065 HOH HOH A . 
E 5 HOH 66  2066 2066 HOH HOH A . 
E 5 HOH 67  2067 2067 HOH HOH A . 
E 5 HOH 68  2068 2068 HOH HOH A . 
E 5 HOH 69  2069 2069 HOH HOH A . 
E 5 HOH 70  2070 2070 HOH HOH A . 
E 5 HOH 71  2071 2071 HOH HOH A . 
E 5 HOH 72  2072 2072 HOH HOH A . 
E 5 HOH 73  2073 2073 HOH HOH A . 
E 5 HOH 74  2074 2074 HOH HOH A . 
E 5 HOH 75  2075 2075 HOH HOH A . 
E 5 HOH 76  2076 2076 HOH HOH A . 
E 5 HOH 77  2077 2077 HOH HOH A . 
E 5 HOH 78  2078 2078 HOH HOH A . 
E 5 HOH 79  2079 2079 HOH HOH A . 
E 5 HOH 80  2080 2080 HOH HOH A . 
E 5 HOH 81  2081 2081 HOH HOH A . 
E 5 HOH 82  2082 2082 HOH HOH A . 
E 5 HOH 83  2083 2083 HOH HOH A . 
E 5 HOH 84  2084 2084 HOH HOH A . 
E 5 HOH 85  2085 2085 HOH HOH A . 
E 5 HOH 86  2086 2086 HOH HOH A . 
E 5 HOH 87  2087 2087 HOH HOH A . 
E 5 HOH 88  2088 2088 HOH HOH A . 
E 5 HOH 89  2089 2089 HOH HOH A . 
E 5 HOH 90  2090 2090 HOH HOH A . 
E 5 HOH 91  2091 2091 HOH HOH A . 
E 5 HOH 92  2092 2092 HOH HOH A . 
E 5 HOH 93  2093 2093 HOH HOH A . 
E 5 HOH 94  2094 2094 HOH HOH A . 
E 5 HOH 95  2095 2095 HOH HOH A . 
E 5 HOH 96  2096 2096 HOH HOH A . 
E 5 HOH 97  2097 2097 HOH HOH A . 
E 5 HOH 98  2098 2098 HOH HOH A . 
E 5 HOH 99  2099 2099 HOH HOH A . 
E 5 HOH 100 2100 2100 HOH HOH A . 
E 5 HOH 101 2101 2101 HOH HOH A . 
E 5 HOH 102 2102 2102 HOH HOH A . 
E 5 HOH 103 2103 2103 HOH HOH A . 
E 5 HOH 104 2104 2104 HOH HOH A . 
E 5 HOH 105 2105 2105 HOH HOH A . 
E 5 HOH 106 2106 2106 HOH HOH A . 
E 5 HOH 107 2107 2107 HOH HOH A . 
E 5 HOH 108 2108 2108 HOH HOH A . 
E 5 HOH 109 2109 2109 HOH HOH A . 
E 5 HOH 110 2110 2110 HOH HOH A . 
E 5 HOH 111 2111 2111 HOH HOH A . 
E 5 HOH 112 2112 2112 HOH HOH A . 
E 5 HOH 113 2113 2113 HOH HOH A . 
E 5 HOH 114 2114 2114 HOH HOH A . 
E 5 HOH 115 2115 2115 HOH HOH A . 
E 5 HOH 116 2116 2116 HOH HOH A . 
E 5 HOH 117 2117 2117 HOH HOH A . 
E 5 HOH 118 2118 2118 HOH HOH A . 
E 5 HOH 119 2119 2119 HOH HOH A . 
E 5 HOH 120 2120 2120 HOH HOH A . 
E 5 HOH 121 2121 2121 HOH HOH A . 
E 5 HOH 122 2122 2122 HOH HOH A . 
E 5 HOH 123 2123 2123 HOH HOH A . 
E 5 HOH 124 2124 2124 HOH HOH A . 
E 5 HOH 125 2125 2125 HOH HOH A . 
E 5 HOH 126 2126 2126 HOH HOH A . 
E 5 HOH 127 2127 2127 HOH HOH A . 
E 5 HOH 128 2128 2128 HOH HOH A . 
E 5 HOH 129 2129 2129 HOH HOH A . 
E 5 HOH 130 2130 2130 HOH HOH A . 
E 5 HOH 131 2131 2131 HOH HOH A . 
# 
loop_
_pdbx_unobs_or_zero_occ_atoms.id 
_pdbx_unobs_or_zero_occ_atoms.PDB_model_num 
_pdbx_unobs_or_zero_occ_atoms.polymer_flag 
_pdbx_unobs_or_zero_occ_atoms.occupancy_flag 
_pdbx_unobs_or_zero_occ_atoms.auth_asym_id 
_pdbx_unobs_or_zero_occ_atoms.auth_comp_id 
_pdbx_unobs_or_zero_occ_atoms.auth_seq_id 
_pdbx_unobs_or_zero_occ_atoms.PDB_ins_code 
_pdbx_unobs_or_zero_occ_atoms.auth_atom_id 
_pdbx_unobs_or_zero_occ_atoms.label_alt_id 
_pdbx_unobs_or_zero_occ_atoms.label_asym_id 
_pdbx_unobs_or_zero_occ_atoms.label_comp_id 
_pdbx_unobs_or_zero_occ_atoms.label_seq_id 
_pdbx_unobs_or_zero_occ_atoms.label_atom_id 
1 1 Y 1 A ARG 105 ? CG  ? A ARG 111 CG  
2 1 Y 1 A ARG 105 ? CD  ? A ARG 111 CD  
3 1 Y 1 A ARG 105 ? NE  ? A ARG 111 NE  
4 1 Y 1 A ARG 105 ? CZ  ? A ARG 111 CZ  
5 1 Y 1 A ARG 105 ? NH1 ? A ARG 111 NH1 
6 1 Y 1 A ARG 105 ? NH2 ? A ARG 111 NH2 
# 
loop_
_software.name 
_software.classification 
_software.version 
_software.citation_id 
_software.pdbx_ordinal 
REFMAC    refinement       5.8.0073 ? 1 
DENZO     'data reduction' .        ? 2 
SCALEPACK 'data scaling'   .        ? 3 
HKL-3000  phasing          .        ? 4 
# 
_cell.entry_id           5AIZ 
_cell.length_a           43.472 
_cell.length_b           45.040 
_cell.length_c           57.518 
_cell.angle_alpha        90.00 
_cell.angle_beta         90.00 
_cell.angle_gamma        90.00 
_cell.Z_PDB              4 
_cell.pdbx_unique_axis   ? 
# 
_symmetry.entry_id                         5AIZ 
_symmetry.space_group_name_H-M             'P 21 21 21' 
_symmetry.pdbx_full_space_group_name_H-M   ? 
_symmetry.cell_setting                     ? 
_symmetry.Int_Tables_number                19 
# 
_exptl.entry_id          5AIZ 
_exptl.method            'X-RAY DIFFRACTION' 
_exptl.crystals_number   1 
# 
_exptl_crystal.id                    1 
_exptl_crystal.density_meas          ? 
_exptl_crystal.density_Matthews      2.3 
_exptl_crystal.density_percent_sol   46.67 
_exptl_crystal.description           
'THE STRUCTURE WAS SOLVED BY SAD PHASING AND AN INITIAL MODEL WAS GENERATED USING AN EARLY VERSION HKL3000' 
# 
_exptl_crystal_grow.crystal_id      1 
_exptl_crystal_grow.method          ? 
_exptl_crystal_grow.temp            ? 
_exptl_crystal_grow.temp_details    ? 
_exptl_crystal_grow.pH              4.5 
_exptl_crystal_grow.pdbx_pH_range   ? 
_exptl_crystal_grow.pdbx_details    '2.5 M SODIUM CHLORIDE, 0.2 M LITHIUM SULFATE AND 0.1 M SODIUM ACETATE PH4.5' 
# 
_diffrn.id                     1 
_diffrn.ambient_temp           110 
_diffrn.ambient_temp_details   ? 
_diffrn.crystal_id             1 
# 
_diffrn_detector.diffrn_id              1 
_diffrn_detector.detector               CCD 
_diffrn_detector.type                   MARRESEARCH 
_diffrn_detector.pdbx_collection_date   2012-08-11 
_diffrn_detector.details                ? 
# 
_diffrn_radiation.diffrn_id                        1 
_diffrn_radiation.wavelength_id                    1 
_diffrn_radiation.pdbx_monochromatic_or_laue_m_l   M 
_diffrn_radiation.monochromator                    'KOHZU MONOCHROMATOR' 
_diffrn_radiation.pdbx_diffrn_protocol             'SINGLE WAVELENGTH' 
_diffrn_radiation.pdbx_scattering_type             x-ray 
# 
_diffrn_radiation_wavelength.id           1 
_diffrn_radiation_wavelength.wavelength   0.97928 
_diffrn_radiation_wavelength.wt           1.0 
# 
_diffrn_source.diffrn_id                   1 
_diffrn_source.source                      SYNCHROTRON 
_diffrn_source.type                        'APS BEAMLINE 21-ID-D' 
_diffrn_source.pdbx_synchrotron_site       APS 
_diffrn_source.pdbx_synchrotron_beamline   21-ID-D 
_diffrn_source.pdbx_wavelength             0.97928 
_diffrn_source.pdbx_wavelength_list        ? 
# 
_reflns.pdbx_diffrn_id               1 
_reflns.pdbx_ordinal                 1 
_reflns.entry_id                     5AIZ 
_reflns.observed_criterion_sigma_I   -2.0 
_reflns.observed_criterion_sigma_F   ? 
_reflns.d_resolution_low             50.00 
_reflns.d_resolution_high            1.70 
_reflns.number_obs                   12677 
_reflns.number_all                   ? 
_reflns.percent_possible_obs         98.2 
_reflns.pdbx_Rmerge_I_obs            0.10 
_reflns.pdbx_Rsym_value              ? 
_reflns.pdbx_netI_over_sigmaI        32.85 
_reflns.B_iso_Wilson_estimate        ? 
_reflns.pdbx_redundancy              10.2 
# 
_reflns_shell.pdbx_diffrn_id         1 
_reflns_shell.pdbx_ordinal           1 
_reflns_shell.d_res_high             1.70 
_reflns_shell.d_res_low              1.73 
_reflns_shell.percent_possible_all   95.4 
_reflns_shell.Rmerge_I_obs           0.44 
_reflns_shell.pdbx_Rsym_value        ? 
_reflns_shell.meanI_over_sigI_obs    3.65 
_reflns_shell.pdbx_redundancy        8.1 
# 
_refine.pdbx_refine_id                           'X-RAY DIFFRACTION' 
_refine.entry_id                                 5AIZ 
_refine.pdbx_diffrn_id                           1 
_refine.pdbx_TLS_residual_ADP_flag               ? 
_refine.ls_number_reflns_obs                     12026 
_refine.ls_number_reflns_all                     ? 
_refine.pdbx_ls_sigma_I                          ? 
_refine.pdbx_ls_sigma_F                          . 
_refine.pdbx_data_cutoff_high_absF               ? 
_refine.pdbx_data_cutoff_low_absF                ? 
_refine.pdbx_data_cutoff_high_rms_absF           ? 
_refine.ls_d_res_low                             35.46 
_refine.ls_d_res_high                            1.70 
_refine.ls_percent_reflns_obs                    98.13 
_refine.ls_R_factor_obs                          0.16061 
_refine.ls_R_factor_all                          ? 
_refine.ls_R_factor_R_work                       0.15839 
_refine.ls_R_factor_R_free                       0.20441 
_refine.ls_R_factor_R_free_error                 ? 
_refine.ls_R_factor_R_free_error_details         ? 
_refine.ls_percent_reflns_R_free                 4.9 
_refine.ls_number_reflns_R_free                  622 
_refine.ls_number_parameters                     ? 
_refine.ls_number_restraints                     ? 
_refine.occupancy_min                            ? 
_refine.occupancy_max                            ? 
_refine.correlation_coeff_Fo_to_Fc               0.962 
_refine.correlation_coeff_Fo_to_Fc_free          0.950 
_refine.B_iso_mean                               18.335 
_refine.aniso_B[1][1]                            -0.17 
_refine.aniso_B[2][2]                            0.49 
_refine.aniso_B[3][3]                            -0.32 
_refine.aniso_B[1][2]                            0.00 
_refine.aniso_B[1][3]                            0.00 
_refine.aniso_B[2][3]                            0.00 
_refine.solvent_model_details                    MASK 
_refine.solvent_model_param_ksol                 ? 
_refine.solvent_model_param_bsol                 ? 
_refine.pdbx_solvent_vdw_probe_radii             1.20 
_refine.pdbx_solvent_ion_probe_radii             0.80 
_refine.pdbx_solvent_shrinkage_radii             0.80 
_refine.pdbx_ls_cross_valid_method               THROUGHOUT 
_refine.details                                  'HYDROGENS HAVE BEEN ADDED IN THE RIDING POSITIONS.' 
_refine.pdbx_starting_model                      NONE 
_refine.pdbx_method_to_determine_struct          SAD 
_refine.pdbx_isotropic_thermal_model             ? 
_refine.pdbx_stereochemistry_target_values       'MAXIMUM LIKELIHOOD' 
_refine.pdbx_stereochem_target_val_spec_case     ? 
_refine.pdbx_R_Free_selection_details            RANDOM 
_refine.pdbx_overall_ESU_R                       0.098 
_refine.pdbx_overall_ESU_R_Free                  0.103 
_refine.overall_SU_ML                            0.066 
_refine.pdbx_overall_phase_error                 ? 
_refine.overall_SU_B                             1.946 
_refine.overall_SU_R_Cruickshank_DPI             ? 
_refine.pdbx_overall_SU_R_free_Cruickshank_DPI   ? 
_refine.pdbx_overall_SU_R_Blow_DPI               ? 
_refine.pdbx_overall_SU_R_free_Blow_DPI          ? 
# 
_refine_hist.pdbx_refine_id                   'X-RAY DIFFRACTION' 
_refine_hist.cycle_id                         LAST 
_refine_hist.pdbx_number_atoms_protein        870 
_refine_hist.pdbx_number_atoms_nucleic_acid   0 
_refine_hist.pdbx_number_atoms_ligand         9 
_refine_hist.number_atoms_solvent             131 
_refine_hist.number_atoms_total               1010 
_refine_hist.d_res_high                       1.70 
_refine_hist.d_res_low                        35.46 
# 
loop_
_refine_ls_restr.type 
_refine_ls_restr.dev_ideal 
_refine_ls_restr.dev_ideal_target 
_refine_ls_restr.weight 
_refine_ls_restr.number 
_refine_ls_restr.pdbx_refine_id 
_refine_ls_restr.pdbx_restraint_function 
r_bond_refined_d             0.021  0.019  ? 899  'X-RAY DIFFRACTION' ? 
r_bond_other_d               0.002  0.020  ? 855  'X-RAY DIFFRACTION' ? 
r_angle_refined_deg          1.913  1.956  ? 1215 'X-RAY DIFFRACTION' ? 
r_angle_other_deg            0.953  3.000  ? 1953 'X-RAY DIFFRACTION' ? 
r_dihedral_angle_1_deg       4.896  5.000  ? 111  'X-RAY DIFFRACTION' ? 
r_dihedral_angle_2_deg       41.373 24.043 ? 47   'X-RAY DIFFRACTION' ? 
r_dihedral_angle_3_deg       11.542 15.000 ? 146  'X-RAY DIFFRACTION' ? 
r_dihedral_angle_4_deg       16.958 15.000 ? 8    'X-RAY DIFFRACTION' ? 
r_chiral_restr               0.117  0.200  ? 133  'X-RAY DIFFRACTION' ? 
r_gen_planes_refined         0.011  0.020  ? 1043 'X-RAY DIFFRACTION' ? 
r_gen_planes_other           0.001  0.020  ? 225  'X-RAY DIFFRACTION' ? 
r_nbd_refined                ?      ?      ? ?    'X-RAY DIFFRACTION' ? 
r_nbd_other                  ?      ?      ? ?    'X-RAY DIFFRACTION' ? 
r_nbtor_refined              ?      ?      ? ?    'X-RAY DIFFRACTION' ? 
r_nbtor_other                ?      ?      ? ?    'X-RAY DIFFRACTION' ? 
r_xyhbond_nbd_refined        ?      ?      ? ?    'X-RAY DIFFRACTION' ? 
r_xyhbond_nbd_other          ?      ?      ? ?    'X-RAY DIFFRACTION' ? 
r_metal_ion_refined          ?      ?      ? ?    'X-RAY DIFFRACTION' ? 
r_metal_ion_other            ?      ?      ? ?    'X-RAY DIFFRACTION' ? 
r_symmetry_vdw_refined       ?      ?      ? ?    'X-RAY DIFFRACTION' ? 
r_symmetry_vdw_other         ?      ?      ? ?    'X-RAY DIFFRACTION' ? 
r_symmetry_hbond_refined     ?      ?      ? ?    'X-RAY DIFFRACTION' ? 
r_symmetry_hbond_other       ?      ?      ? ?    'X-RAY DIFFRACTION' ? 
r_symmetry_metal_ion_refined ?      ?      ? ?    'X-RAY DIFFRACTION' ? 
r_symmetry_metal_ion_other   ?      ?      ? ?    'X-RAY DIFFRACTION' ? 
r_mcbond_it                  1.700  1.442  ? 442  'X-RAY DIFFRACTION' ? 
r_mcbond_other               1.636  1.427  ? 440  'X-RAY DIFFRACTION' ? 
r_mcangle_it                 2.470  2.142  ? 550  'X-RAY DIFFRACTION' ? 
r_mcangle_other              ?      ?      ? ?    'X-RAY DIFFRACTION' ? 
r_scbond_it                  3.792  1.921  ? 457  'X-RAY DIFFRACTION' ? 
r_scbond_other               ?      ?      ? ?    'X-RAY DIFFRACTION' ? 
r_scangle_it                 ?      ?      ? ?    'X-RAY DIFFRACTION' ? 
r_scangle_other              ?      ?      ? ?    'X-RAY DIFFRACTION' ? 
r_long_range_B_refined       ?      ?      ? ?    'X-RAY DIFFRACTION' ? 
r_long_range_B_other         ?      ?      ? ?    'X-RAY DIFFRACTION' ? 
r_rigid_bond_restr           ?      ?      ? ?    'X-RAY DIFFRACTION' ? 
r_sphericity_free            ?      ?      ? ?    'X-RAY DIFFRACTION' ? 
r_sphericity_bonded          ?      ?      ? ?    'X-RAY DIFFRACTION' ? 
# 
_refine_ls_shell.pdbx_refine_id                   'X-RAY DIFFRACTION' 
_refine_ls_shell.pdbx_total_number_of_bins_used   20 
_refine_ls_shell.d_res_high                       1.702 
_refine_ls_shell.d_res_low                        1.747 
_refine_ls_shell.number_reflns_R_work             838 
_refine_ls_shell.R_factor_R_work                  0.184 
_refine_ls_shell.percent_reflns_obs               93.89 
_refine_ls_shell.R_factor_R_free                  0.261 
_refine_ls_shell.R_factor_R_free_error            ? 
_refine_ls_shell.percent_reflns_R_free            ? 
_refine_ls_shell.number_reflns_R_free             54 
_refine_ls_shell.number_reflns_all                ? 
_refine_ls_shell.R_factor_all                     ? 
# 
_struct.entry_id                  5AIZ 
_struct.title                     
'The PIAS-like coactivator Zmiz1 is a direct and selective cofactor of Notch1 in T-cell development and leukemia' 
_struct.pdbx_model_details        ? 
_struct.pdbx_CASP_flag            ? 
_struct.pdbx_model_type_details   ? 
# 
_struct_keywords.entry_id        5AIZ 
_struct_keywords.pdbx_keywords   'ZINC-BINDING PROTEIN' 
_struct_keywords.text            'ZINC-BINDING PROTEIN, PROTEIN' 
# 
loop_
_struct_asym.id 
_struct_asym.pdbx_blank_PDB_chainid_flag 
_struct_asym.pdbx_modified 
_struct_asym.entity_id 
_struct_asym.details 
A N N 1 ? 
B N N 2 ? 
C N N 3 ? 
D N N 4 ? 
E N N 5 ? 
# 
_struct_ref.id                         1 
_struct_ref.db_name                    UNP 
_struct_ref.db_code                    ZMIZ1_HUMAN 
_struct_ref.entity_id                  1 
_struct_ref.pdbx_seq_one_letter_code   ? 
_struct_ref.pdbx_align_begin           ? 
_struct_ref.pdbx_db_accession          Q9ULJ6 
_struct_ref.pdbx_db_isoform            ? 
# 
_struct_ref_seq.align_id                      1 
_struct_ref_seq.ref_id                        1 
_struct_ref_seq.pdbx_PDB_id_code              5AIZ 
_struct_ref_seq.pdbx_strand_id                A 
_struct_ref_seq.seq_align_beg                 7 
_struct_ref_seq.pdbx_seq_align_beg_ins_code   ? 
_struct_ref_seq.seq_align_end                 124 
_struct_ref_seq.pdbx_seq_align_end_ins_code   ? 
_struct_ref_seq.pdbx_db_accession             Q9ULJ6 
_struct_ref_seq.db_align_beg                  1 
_struct_ref_seq.pdbx_db_align_beg_ins_code    ? 
_struct_ref_seq.db_align_end                  118 
_struct_ref_seq.pdbx_db_align_end_ins_code    ? 
_struct_ref_seq.pdbx_auth_seq_align_beg       1 
_struct_ref_seq.pdbx_auth_seq_align_end       118 
# 
loop_
_struct_ref_seq_dif.align_id 
_struct_ref_seq_dif.pdbx_pdb_id_code 
_struct_ref_seq_dif.mon_id 
_struct_ref_seq_dif.pdbx_pdb_strand_id 
_struct_ref_seq_dif.seq_num 
_struct_ref_seq_dif.pdbx_pdb_ins_code 
_struct_ref_seq_dif.pdbx_seq_db_name 
_struct_ref_seq_dif.pdbx_seq_db_accession_code 
_struct_ref_seq_dif.db_mon_id 
_struct_ref_seq_dif.pdbx_seq_db_seq_num 
_struct_ref_seq_dif.details 
_struct_ref_seq_dif.pdbx_auth_seq_num 
_struct_ref_seq_dif.pdbx_ordinal 
1 5AIZ GLY A 1 ? UNP Q9ULJ6 ? ? 'expression tag' -5 1 
1 5AIZ PRO A 2 ? UNP Q9ULJ6 ? ? 'expression tag' -4 2 
1 5AIZ ALA A 3 ? UNP Q9ULJ6 ? ? 'expression tag' -3 3 
1 5AIZ MSE A 4 ? UNP Q9ULJ6 ? ? 'expression tag' -2 4 
1 5AIZ ALA A 5 ? UNP Q9ULJ6 ? ? 'expression tag' -1 5 
1 5AIZ HIS A 6 ? UNP Q9ULJ6 ? ? 'expression tag' 0  6 
# 
_pdbx_struct_assembly.id                   1 
_pdbx_struct_assembly.details              author_and_software_defined_assembly 
_pdbx_struct_assembly.method_details       PISA 
_pdbx_struct_assembly.oligomeric_details   monomeric 
_pdbx_struct_assembly.oligomeric_count     1 
# 
_pdbx_struct_assembly_gen.assembly_id       1 
_pdbx_struct_assembly_gen.oper_expression   1 
_pdbx_struct_assembly_gen.asym_id_list      A,B,C,D,E 
# 
_pdbx_struct_oper_list.id                   1 
_pdbx_struct_oper_list.type                 'identity operation' 
_pdbx_struct_oper_list.name                 1_555 
_pdbx_struct_oper_list.symmetry_operation   x,y,z 
_pdbx_struct_oper_list.matrix[1][1]         1.0000000000 
_pdbx_struct_oper_list.matrix[1][2]         0.0000000000 
_pdbx_struct_oper_list.matrix[1][3]         0.0000000000 
_pdbx_struct_oper_list.vector[1]            0.0000000000 
_pdbx_struct_oper_list.matrix[2][1]         0.0000000000 
_pdbx_struct_oper_list.matrix[2][2]         1.0000000000 
_pdbx_struct_oper_list.matrix[2][3]         0.0000000000 
_pdbx_struct_oper_list.vector[2]            0.0000000000 
_pdbx_struct_oper_list.matrix[3][1]         0.0000000000 
_pdbx_struct_oper_list.matrix[3][2]         0.0000000000 
_pdbx_struct_oper_list.matrix[3][3]         1.0000000000 
_pdbx_struct_oper_list.vector[3]            0.0000000000 
# 
_struct_biol.id   1 
# 
loop_
_struct_conf.conf_type_id 
_struct_conf.id 
_struct_conf.pdbx_PDB_helix_id 
_struct_conf.beg_label_comp_id 
_struct_conf.beg_label_asym_id 
_struct_conf.beg_label_seq_id 
_struct_conf.pdbx_beg_PDB_ins_code 
_struct_conf.end_label_comp_id 
_struct_conf.end_label_asym_id 
_struct_conf.end_label_seq_id 
_struct_conf.pdbx_end_PDB_ins_code 
_struct_conf.beg_auth_comp_id 
_struct_conf.beg_auth_asym_id 
_struct_conf.beg_auth_seq_id 
_struct_conf.end_auth_comp_id 
_struct_conf.end_auth_asym_id 
_struct_conf.end_auth_seq_id 
_struct_conf.pdbx_PDB_helix_class 
_struct_conf.details 
_struct_conf.pdbx_PDB_helix_length 
HELX_P HELX_P1 1 HIS A 13 ? LEU A 28  ? HIS A 7  LEU A 22  1 ? 16 
HELX_P HELX_P2 2 ASN A 30 ? GLY A 46  ? ASN A 24 GLY A 40  1 ? 17 
HELX_P HELX_P3 3 ASP A 47 ? PHE A 51  ? ASP A 41 PHE A 45  5 ? 5  
HELX_P HELX_P4 4 GLN A 52 ? ALA A 70  ? GLN A 46 ALA A 64  1 ? 19 
HELX_P HELX_P5 5 ASP A 76 ? ASN A 90  ? ASP A 70 ASN A 84  1 ? 15 
HELX_P HELX_P6 6 ARG A 91 ? PHE A 94  ? ARG A 85 PHE A 88  5 ? 4  
HELX_P HELX_P7 7 THR A 95 ? HIS A 117 ? THR A 89 HIS A 111 1 ? 23 
# 
_struct_conf_type.id          HELX_P 
_struct_conf_type.criteria    ? 
_struct_conf_type.reference   ? 
# 
loop_
_struct_conn.id 
_struct_conn.conn_type_id 
_struct_conn.pdbx_leaving_atom_flag 
_struct_conn.pdbx_PDB_id 
_struct_conn.ptnr1_label_asym_id 
_struct_conn.ptnr1_label_comp_id 
_struct_conn.ptnr1_label_seq_id 
_struct_conn.ptnr1_label_atom_id 
_struct_conn.pdbx_ptnr1_label_alt_id 
_struct_conn.pdbx_ptnr1_PDB_ins_code 
_struct_conn.pdbx_ptnr1_standard_comp_id 
_struct_conn.ptnr1_symmetry 
_struct_conn.ptnr2_label_asym_id 
_struct_conn.ptnr2_label_comp_id 
_struct_conn.ptnr2_label_seq_id 
_struct_conn.ptnr2_label_atom_id 
_struct_conn.pdbx_ptnr2_label_alt_id 
_struct_conn.pdbx_ptnr2_PDB_ins_code 
_struct_conn.ptnr1_auth_asym_id 
_struct_conn.ptnr1_auth_comp_id 
_struct_conn.ptnr1_auth_seq_id 
_struct_conn.ptnr2_auth_asym_id 
_struct_conn.ptnr2_auth_comp_id 
_struct_conn.ptnr2_auth_seq_id 
_struct_conn.ptnr2_symmetry 
_struct_conn.pdbx_ptnr3_label_atom_id 
_struct_conn.pdbx_ptnr3_label_seq_id 
_struct_conn.pdbx_ptnr3_label_comp_id 
_struct_conn.pdbx_ptnr3_label_asym_id 
_struct_conn.pdbx_ptnr3_label_alt_id 
_struct_conn.pdbx_ptnr3_PDB_ins_code 
_struct_conn.details 
_struct_conn.pdbx_dist_value 
_struct_conn.pdbx_value_order 
_struct_conn.pdbx_role 
covale1 covale both ? A SER 9  C ? ? ? 1_555 A MSE 10 N ? ? A SER 3  A MSE 4  1_555 ? ? ? ? ? ? ? 1.335 ? ? 
covale2 covale both ? A MSE 10 C ? ? ? 1_555 A ASP 11 N ? ? A MSE 4  A ASP 5  1_555 ? ? ? ? ? ? ? 1.333 ? ? 
covale3 covale both ? A LEU 59 C ? ? ? 1_555 A MSE 60 N ? ? A LEU 53 A MSE 54 1_555 ? ? ? ? ? ? ? 1.318 ? ? 
covale4 covale both ? A MSE 60 C ? ? ? 1_555 A GLY 61 N ? ? A MSE 54 A GLY 55 1_555 ? ? ? ? ? ? ? 1.297 ? ? 
# 
_struct_conn_type.id          covale 
_struct_conn_type.criteria    ? 
_struct_conn_type.reference   ? 
# 
loop_
_pdbx_modification_feature.ordinal 
_pdbx_modification_feature.label_comp_id 
_pdbx_modification_feature.label_asym_id 
_pdbx_modification_feature.label_seq_id 
_pdbx_modification_feature.label_alt_id 
_pdbx_modification_feature.modified_residue_label_comp_id 
_pdbx_modification_feature.modified_residue_label_asym_id 
_pdbx_modification_feature.modified_residue_label_seq_id 
_pdbx_modification_feature.modified_residue_label_alt_id 
_pdbx_modification_feature.auth_comp_id 
_pdbx_modification_feature.auth_asym_id 
_pdbx_modification_feature.auth_seq_id 
_pdbx_modification_feature.PDB_ins_code 
_pdbx_modification_feature.symmetry 
_pdbx_modification_feature.modified_residue_auth_comp_id 
_pdbx_modification_feature.modified_residue_auth_asym_id 
_pdbx_modification_feature.modified_residue_auth_seq_id 
_pdbx_modification_feature.modified_residue_PDB_ins_code 
_pdbx_modification_feature.modified_residue_symmetry 
_pdbx_modification_feature.comp_id_linking_atom 
_pdbx_modification_feature.modified_residue_id_linking_atom 
_pdbx_modification_feature.modified_residue_id 
_pdbx_modification_feature.ref_pcm_id 
_pdbx_modification_feature.ref_comp_id 
_pdbx_modification_feature.type 
_pdbx_modification_feature.category 
1 MSE A 10 ? . . . . MSE A 4  ? 1_555 . . . . . . . MET 1 MSE Selenomethionine 'Named protein modification' 
2 MSE A 60 ? . . . . MSE A 54 ? 1_555 . . . . . . . MET 1 MSE Selenomethionine 'Named protein modification' 
# 
loop_
_struct_site.id 
_struct_site.pdbx_evidence_code 
_struct_site.pdbx_auth_asym_id 
_struct_site.pdbx_auth_comp_id 
_struct_site.pdbx_auth_seq_id 
_struct_site.pdbx_auth_ins_code 
_struct_site.pdbx_num_residues 
_struct_site.details 
AC1 Software A EDO 1113 ? 6 'BINDING SITE FOR RESIDUE EDO A 1113' 
AC2 Software A ACT 1114 ? 4 'BINDING SITE FOR RESIDUE ACT A 1114' 
# 
loop_
_struct_site_gen.id 
_struct_site_gen.site_id 
_struct_site_gen.pdbx_num_res 
_struct_site_gen.label_comp_id 
_struct_site_gen.label_asym_id 
_struct_site_gen.label_seq_id 
_struct_site_gen.pdbx_auth_ins_code 
_struct_site_gen.auth_comp_id 
_struct_site_gen.auth_asym_id 
_struct_site_gen.auth_seq_id 
_struct_site_gen.label_atom_id 
_struct_site_gen.label_alt_id 
_struct_site_gen.symmetry 
_struct_site_gen.details 
1  AC1 6 ARG A 20  ? ARG A 14   . ? 1_555 ? 
2  AC1 6 GLU A 40  ? GLU A 34   . ? 1_555 ? 
3  AC1 6 SER A 67  ? SER A 61   . ? 3_656 ? 
4  AC1 6 ARG A 68  ? ARG A 62   . ? 3_656 ? 
5  AC1 6 ALA A 71  ? ALA A 65   . ? 3_656 ? 
6  AC1 6 LEU A 109 ? LEU A 103  . ? 3_656 ? 
7  AC2 4 HIS A 35  ? HIS A 29   . ? 1_555 ? 
8  AC2 4 ARG A 68  ? ARG A 62   . ? 3_656 ? 
9  AC2 4 HOH E .   ? HOH A 2065 . ? 1_555 ? 
10 AC2 4 HOH E .   ? HOH A 2131 . ? 1_555 ? 
# 
_pdbx_entry_details.entry_id                   5AIZ 
_pdbx_entry_details.compound_details           ? 
_pdbx_entry_details.source_details             ? 
_pdbx_entry_details.nonpolymer_details         ? 
_pdbx_entry_details.sequence_details           
;ZMIZ1 NTD  WITH ADDITIONAL GPAMAH SEQUENCE AT THE N-
TERMINUS DUE TO CLONING PROCEDURE.
;
_pdbx_entry_details.has_ligand_of_interest     ? 
_pdbx_entry_details.has_protein_modification   Y 
# 
loop_
_pdbx_validate_close_contact.id 
_pdbx_validate_close_contact.PDB_model_num 
_pdbx_validate_close_contact.auth_atom_id_1 
_pdbx_validate_close_contact.auth_asym_id_1 
_pdbx_validate_close_contact.auth_comp_id_1 
_pdbx_validate_close_contact.auth_seq_id_1 
_pdbx_validate_close_contact.PDB_ins_code_1 
_pdbx_validate_close_contact.label_alt_id_1 
_pdbx_validate_close_contact.auth_atom_id_2 
_pdbx_validate_close_contact.auth_asym_id_2 
_pdbx_validate_close_contact.auth_comp_id_2 
_pdbx_validate_close_contact.auth_seq_id_2 
_pdbx_validate_close_contact.PDB_ins_code_2 
_pdbx_validate_close_contact.label_alt_id_2 
_pdbx_validate_close_contact.dist 
1 1 O   A HOH 2032 ? ? O A HOH 2073 ? ? 2.03 
2 1 O   A HOH 2021 ? ? O A HOH 2022 ? ? 2.07 
3 1 OG  A SER 3    ? ? O A HOH 2002 ? ? 2.09 
4 1 O   A HOH 2049 ? ? O A HOH 2050 ? ? 2.13 
5 1 OD1 A ASP 86   ? A O A HOH 2115 ? ? 2.16 
6 1 O   A HOH 2073 ? ? O A HOH 2075 ? ? 2.17 
# 
_pdbx_validate_rmsd_bond.id                        1 
_pdbx_validate_rmsd_bond.PDB_model_num             1 
_pdbx_validate_rmsd_bond.auth_atom_id_1            CD 
_pdbx_validate_rmsd_bond.auth_asym_id_1            A 
_pdbx_validate_rmsd_bond.auth_comp_id_1            GLU 
_pdbx_validate_rmsd_bond.auth_seq_id_1             50 
_pdbx_validate_rmsd_bond.PDB_ins_code_1            ? 
_pdbx_validate_rmsd_bond.label_alt_id_1            ? 
_pdbx_validate_rmsd_bond.auth_atom_id_2            OE2 
_pdbx_validate_rmsd_bond.auth_asym_id_2            A 
_pdbx_validate_rmsd_bond.auth_comp_id_2            GLU 
_pdbx_validate_rmsd_bond.auth_seq_id_2             50 
_pdbx_validate_rmsd_bond.PDB_ins_code_2            ? 
_pdbx_validate_rmsd_bond.label_alt_id_2            ? 
_pdbx_validate_rmsd_bond.bond_value                1.326 
_pdbx_validate_rmsd_bond.bond_target_value         1.252 
_pdbx_validate_rmsd_bond.bond_deviation            0.074 
_pdbx_validate_rmsd_bond.bond_standard_deviation   0.011 
_pdbx_validate_rmsd_bond.linker_flag               N 
# 
loop_
_pdbx_validate_rmsd_angle.id 
_pdbx_validate_rmsd_angle.PDB_model_num 
_pdbx_validate_rmsd_angle.auth_atom_id_1 
_pdbx_validate_rmsd_angle.auth_asym_id_1 
_pdbx_validate_rmsd_angle.auth_comp_id_1 
_pdbx_validate_rmsd_angle.auth_seq_id_1 
_pdbx_validate_rmsd_angle.PDB_ins_code_1 
_pdbx_validate_rmsd_angle.label_alt_id_1 
_pdbx_validate_rmsd_angle.auth_atom_id_2 
_pdbx_validate_rmsd_angle.auth_asym_id_2 
_pdbx_validate_rmsd_angle.auth_comp_id_2 
_pdbx_validate_rmsd_angle.auth_seq_id_2 
_pdbx_validate_rmsd_angle.PDB_ins_code_2 
_pdbx_validate_rmsd_angle.label_alt_id_2 
_pdbx_validate_rmsd_angle.auth_atom_id_3 
_pdbx_validate_rmsd_angle.auth_asym_id_3 
_pdbx_validate_rmsd_angle.auth_comp_id_3 
_pdbx_validate_rmsd_angle.auth_seq_id_3 
_pdbx_validate_rmsd_angle.PDB_ins_code_3 
_pdbx_validate_rmsd_angle.label_alt_id_3 
_pdbx_validate_rmsd_angle.angle_value 
_pdbx_validate_rmsd_angle.angle_target_value 
_pdbx_validate_rmsd_angle.angle_deviation 
_pdbx_validate_rmsd_angle.angle_standard_deviation 
_pdbx_validate_rmsd_angle.linker_flag 
1 1 NE A ARG 14 ? ? CZ A ARG 14 ? ? NH2 A ARG 14 ? ? 115.80 120.30 -4.50 0.50 N 
2 1 CB A ASP 70 ? ? CG A ASP 70 ? ? OD1 A ASP 70 ? ? 124.38 118.30 6.08  0.90 N 
3 1 NE A ARG 76 ? ? CZ A ARG 76 ? ? NH2 A ARG 76 ? ? 116.98 120.30 -3.32 0.50 N 
4 1 CB A ASP 86 ? B CG A ASP 86 ? B OD1 A ASP 86 ? B 124.28 118.30 5.98  0.90 N 
# 
loop_
_pdbx_struct_mod_residue.id 
_pdbx_struct_mod_residue.label_asym_id 
_pdbx_struct_mod_residue.label_comp_id 
_pdbx_struct_mod_residue.label_seq_id 
_pdbx_struct_mod_residue.auth_asym_id 
_pdbx_struct_mod_residue.auth_comp_id 
_pdbx_struct_mod_residue.auth_seq_id 
_pdbx_struct_mod_residue.PDB_ins_code 
_pdbx_struct_mod_residue.parent_comp_id 
_pdbx_struct_mod_residue.details 
1 A MSE 10 A MSE 4  ? MET SELENOMETHIONINE 
2 A MSE 60 A MSE 54 ? MET SELENOMETHIONINE 
# 
loop_
_pdbx_unobs_or_zero_occ_residues.id 
_pdbx_unobs_or_zero_occ_residues.PDB_model_num 
_pdbx_unobs_or_zero_occ_residues.polymer_flag 
_pdbx_unobs_or_zero_occ_residues.occupancy_flag 
_pdbx_unobs_or_zero_occ_residues.auth_asym_id 
_pdbx_unobs_or_zero_occ_residues.auth_comp_id 
_pdbx_unobs_or_zero_occ_residues.auth_seq_id 
_pdbx_unobs_or_zero_occ_residues.PDB_ins_code 
_pdbx_unobs_or_zero_occ_residues.label_asym_id 
_pdbx_unobs_or_zero_occ_residues.label_comp_id 
_pdbx_unobs_or_zero_occ_residues.label_seq_id 
1  1 Y 1 A GLY -5  ? A GLY 1   
2  1 Y 1 A PRO -4  ? A PRO 2   
3  1 Y 1 A ALA -3  ? A ALA 3   
4  1 Y 1 A MSE -2  ? A MSE 4   
5  1 Y 1 A ALA -1  ? A ALA 5   
6  1 Y 1 A HIS 0   ? A HIS 6   
7  1 Y 1 A MSE 1   ? A MSE 7   
8  1 Y 1 A ASN 2   ? A ASN 8   
9  1 Y 1 A LYS 113 ? A LYS 119 
10 1 Y 1 A SER 114 ? A SER 120 
11 1 Y 1 A ARG 115 ? A ARG 121 
12 1 Y 1 A GLN 116 ? A GLN 122 
13 1 Y 1 A SER 117 ? A SER 123 
14 1 Y 1 A ASP 118 ? A ASP 124 
# 
loop_
_chem_comp_atom.comp_id 
_chem_comp_atom.atom_id 
_chem_comp_atom.type_symbol 
_chem_comp_atom.pdbx_aromatic_flag 
_chem_comp_atom.pdbx_stereo_config 
_chem_comp_atom.pdbx_ordinal 
ACT C    C  N N 1   
ACT O    O  N N 2   
ACT OXT  O  N N 3   
ACT CH3  C  N N 4   
ACT H1   H  N N 5   
ACT H2   H  N N 6   
ACT H3   H  N N 7   
ALA N    N  N N 8   
ALA CA   C  N S 9   
ALA C    C  N N 10  
ALA O    O  N N 11  
ALA CB   C  N N 12  
ALA OXT  O  N N 13  
ALA H    H  N N 14  
ALA H2   H  N N 15  
ALA HA   H  N N 16  
ALA HB1  H  N N 17  
ALA HB2  H  N N 18  
ALA HB3  H  N N 19  
ALA HXT  H  N N 20  
ARG N    N  N N 21  
ARG CA   C  N S 22  
ARG C    C  N N 23  
ARG O    O  N N 24  
ARG CB   C  N N 25  
ARG CG   C  N N 26  
ARG CD   C  N N 27  
ARG NE   N  N N 28  
ARG CZ   C  N N 29  
ARG NH1  N  N N 30  
ARG NH2  N  N N 31  
ARG OXT  O  N N 32  
ARG H    H  N N 33  
ARG H2   H  N N 34  
ARG HA   H  N N 35  
ARG HB2  H  N N 36  
ARG HB3  H  N N 37  
ARG HG2  H  N N 38  
ARG HG3  H  N N 39  
ARG HD2  H  N N 40  
ARG HD3  H  N N 41  
ARG HE   H  N N 42  
ARG HH11 H  N N 43  
ARG HH12 H  N N 44  
ARG HH21 H  N N 45  
ARG HH22 H  N N 46  
ARG HXT  H  N N 47  
ASN N    N  N N 48  
ASN CA   C  N S 49  
ASN C    C  N N 50  
ASN O    O  N N 51  
ASN CB   C  N N 52  
ASN CG   C  N N 53  
ASN OD1  O  N N 54  
ASN ND2  N  N N 55  
ASN OXT  O  N N 56  
ASN H    H  N N 57  
ASN H2   H  N N 58  
ASN HA   H  N N 59  
ASN HB2  H  N N 60  
ASN HB3  H  N N 61  
ASN HD21 H  N N 62  
ASN HD22 H  N N 63  
ASN HXT  H  N N 64  
ASP N    N  N N 65  
ASP CA   C  N S 66  
ASP C    C  N N 67  
ASP O    O  N N 68  
ASP CB   C  N N 69  
ASP CG   C  N N 70  
ASP OD1  O  N N 71  
ASP OD2  O  N N 72  
ASP OXT  O  N N 73  
ASP H    H  N N 74  
ASP H2   H  N N 75  
ASP HA   H  N N 76  
ASP HB2  H  N N 77  
ASP HB3  H  N N 78  
ASP HD2  H  N N 79  
ASP HXT  H  N N 80  
CYS N    N  N N 81  
CYS CA   C  N R 82  
CYS C    C  N N 83  
CYS O    O  N N 84  
CYS CB   C  N N 85  
CYS SG   S  N N 86  
CYS OXT  O  N N 87  
CYS H    H  N N 88  
CYS H2   H  N N 89  
CYS HA   H  N N 90  
CYS HB2  H  N N 91  
CYS HB3  H  N N 92  
CYS HG   H  N N 93  
CYS HXT  H  N N 94  
EDO C1   C  N N 95  
EDO O1   O  N N 96  
EDO C2   C  N N 97  
EDO O2   O  N N 98  
EDO H11  H  N N 99  
EDO H12  H  N N 100 
EDO HO1  H  N N 101 
EDO H21  H  N N 102 
EDO H22  H  N N 103 
EDO HO2  H  N N 104 
GLN N    N  N N 105 
GLN CA   C  N S 106 
GLN C    C  N N 107 
GLN O    O  N N 108 
GLN CB   C  N N 109 
GLN CG   C  N N 110 
GLN CD   C  N N 111 
GLN OE1  O  N N 112 
GLN NE2  N  N N 113 
GLN OXT  O  N N 114 
GLN H    H  N N 115 
GLN H2   H  N N 116 
GLN HA   H  N N 117 
GLN HB2  H  N N 118 
GLN HB3  H  N N 119 
GLN HG2  H  N N 120 
GLN HG3  H  N N 121 
GLN HE21 H  N N 122 
GLN HE22 H  N N 123 
GLN HXT  H  N N 124 
GLU N    N  N N 125 
GLU CA   C  N S 126 
GLU C    C  N N 127 
GLU O    O  N N 128 
GLU CB   C  N N 129 
GLU CG   C  N N 130 
GLU CD   C  N N 131 
GLU OE1  O  N N 132 
GLU OE2  O  N N 133 
GLU OXT  O  N N 134 
GLU H    H  N N 135 
GLU H2   H  N N 136 
GLU HA   H  N N 137 
GLU HB2  H  N N 138 
GLU HB3  H  N N 139 
GLU HG2  H  N N 140 
GLU HG3  H  N N 141 
GLU HE2  H  N N 142 
GLU HXT  H  N N 143 
GLY N    N  N N 144 
GLY CA   C  N N 145 
GLY C    C  N N 146 
GLY O    O  N N 147 
GLY OXT  O  N N 148 
GLY H    H  N N 149 
GLY H2   H  N N 150 
GLY HA2  H  N N 151 
GLY HA3  H  N N 152 
GLY HXT  H  N N 153 
HIS N    N  N N 154 
HIS CA   C  N S 155 
HIS C    C  N N 156 
HIS O    O  N N 157 
HIS CB   C  N N 158 
HIS CG   C  Y N 159 
HIS ND1  N  Y N 160 
HIS CD2  C  Y N 161 
HIS CE1  C  Y N 162 
HIS NE2  N  Y N 163 
HIS OXT  O  N N 164 
HIS H    H  N N 165 
HIS H2   H  N N 166 
HIS HA   H  N N 167 
HIS HB2  H  N N 168 
HIS HB3  H  N N 169 
HIS HD1  H  N N 170 
HIS HD2  H  N N 171 
HIS HE1  H  N N 172 
HIS HE2  H  N N 173 
HIS HXT  H  N N 174 
HOH O    O  N N 175 
HOH H1   H  N N 176 
HOH H2   H  N N 177 
ILE N    N  N N 178 
ILE CA   C  N S 179 
ILE C    C  N N 180 
ILE O    O  N N 181 
ILE CB   C  N S 182 
ILE CG1  C  N N 183 
ILE CG2  C  N N 184 
ILE CD1  C  N N 185 
ILE OXT  O  N N 186 
ILE H    H  N N 187 
ILE H2   H  N N 188 
ILE HA   H  N N 189 
ILE HB   H  N N 190 
ILE HG12 H  N N 191 
ILE HG13 H  N N 192 
ILE HG21 H  N N 193 
ILE HG22 H  N N 194 
ILE HG23 H  N N 195 
ILE HD11 H  N N 196 
ILE HD12 H  N N 197 
ILE HD13 H  N N 198 
ILE HXT  H  N N 199 
LEU N    N  N N 200 
LEU CA   C  N S 201 
LEU C    C  N N 202 
LEU O    O  N N 203 
LEU CB   C  N N 204 
LEU CG   C  N N 205 
LEU CD1  C  N N 206 
LEU CD2  C  N N 207 
LEU OXT  O  N N 208 
LEU H    H  N N 209 
LEU H2   H  N N 210 
LEU HA   H  N N 211 
LEU HB2  H  N N 212 
LEU HB3  H  N N 213 
LEU HG   H  N N 214 
LEU HD11 H  N N 215 
LEU HD12 H  N N 216 
LEU HD13 H  N N 217 
LEU HD21 H  N N 218 
LEU HD22 H  N N 219 
LEU HD23 H  N N 220 
LEU HXT  H  N N 221 
LYS N    N  N N 222 
LYS CA   C  N S 223 
LYS C    C  N N 224 
LYS O    O  N N 225 
LYS CB   C  N N 226 
LYS CG   C  N N 227 
LYS CD   C  N N 228 
LYS CE   C  N N 229 
LYS NZ   N  N N 230 
LYS OXT  O  N N 231 
LYS H    H  N N 232 
LYS H2   H  N N 233 
LYS HA   H  N N 234 
LYS HB2  H  N N 235 
LYS HB3  H  N N 236 
LYS HG2  H  N N 237 
LYS HG3  H  N N 238 
LYS HD2  H  N N 239 
LYS HD3  H  N N 240 
LYS HE2  H  N N 241 
LYS HE3  H  N N 242 
LYS HZ1  H  N N 243 
LYS HZ2  H  N N 244 
LYS HZ3  H  N N 245 
LYS HXT  H  N N 246 
MSE N    N  N N 247 
MSE CA   C  N S 248 
MSE C    C  N N 249 
MSE O    O  N N 250 
MSE OXT  O  N N 251 
MSE CB   C  N N 252 
MSE CG   C  N N 253 
MSE SE   SE N N 254 
MSE CE   C  N N 255 
MSE H    H  N N 256 
MSE H2   H  N N 257 
MSE HA   H  N N 258 
MSE HXT  H  N N 259 
MSE HB2  H  N N 260 
MSE HB3  H  N N 261 
MSE HG2  H  N N 262 
MSE HG3  H  N N 263 
MSE HE1  H  N N 264 
MSE HE2  H  N N 265 
MSE HE3  H  N N 266 
PHE N    N  N N 267 
PHE CA   C  N S 268 
PHE C    C  N N 269 
PHE O    O  N N 270 
PHE CB   C  N N 271 
PHE CG   C  Y N 272 
PHE CD1  C  Y N 273 
PHE CD2  C  Y N 274 
PHE CE1  C  Y N 275 
PHE CE2  C  Y N 276 
PHE CZ   C  Y N 277 
PHE OXT  O  N N 278 
PHE H    H  N N 279 
PHE H2   H  N N 280 
PHE HA   H  N N 281 
PHE HB2  H  N N 282 
PHE HB3  H  N N 283 
PHE HD1  H  N N 284 
PHE HD2  H  N N 285 
PHE HE1  H  N N 286 
PHE HE2  H  N N 287 
PHE HZ   H  N N 288 
PHE HXT  H  N N 289 
PRO N    N  N N 290 
PRO CA   C  N S 291 
PRO C    C  N N 292 
PRO O    O  N N 293 
PRO CB   C  N N 294 
PRO CG   C  N N 295 
PRO CD   C  N N 296 
PRO OXT  O  N N 297 
PRO H    H  N N 298 
PRO HA   H  N N 299 
PRO HB2  H  N N 300 
PRO HB3  H  N N 301 
PRO HG2  H  N N 302 
PRO HG3  H  N N 303 
PRO HD2  H  N N 304 
PRO HD3  H  N N 305 
PRO HXT  H  N N 306 
SER N    N  N N 307 
SER CA   C  N S 308 
SER C    C  N N 309 
SER O    O  N N 310 
SER CB   C  N N 311 
SER OG   O  N N 312 
SER OXT  O  N N 313 
SER H    H  N N 314 
SER H2   H  N N 315 
SER HA   H  N N 316 
SER HB2  H  N N 317 
SER HB3  H  N N 318 
SER HG   H  N N 319 
SER HXT  H  N N 320 
THR N    N  N N 321 
THR CA   C  N S 322 
THR C    C  N N 323 
THR O    O  N N 324 
THR CB   C  N R 325 
THR OG1  O  N N 326 
THR CG2  C  N N 327 
THR OXT  O  N N 328 
THR H    H  N N 329 
THR H2   H  N N 330 
THR HA   H  N N 331 
THR HB   H  N N 332 
THR HG1  H  N N 333 
THR HG21 H  N N 334 
THR HG22 H  N N 335 
THR HG23 H  N N 336 
THR HXT  H  N N 337 
TRP N    N  N N 338 
TRP CA   C  N S 339 
TRP C    C  N N 340 
TRP O    O  N N 341 
TRP CB   C  N N 342 
TRP CG   C  Y N 343 
TRP CD1  C  Y N 344 
TRP CD2  C  Y N 345 
TRP NE1  N  Y N 346 
TRP CE2  C  Y N 347 
TRP CE3  C  Y N 348 
TRP CZ2  C  Y N 349 
TRP CZ3  C  Y N 350 
TRP CH2  C  Y N 351 
TRP OXT  O  N N 352 
TRP H    H  N N 353 
TRP H2   H  N N 354 
TRP HA   H  N N 355 
TRP HB2  H  N N 356 
TRP HB3  H  N N 357 
TRP HD1  H  N N 358 
TRP HE1  H  N N 359 
TRP HE3  H  N N 360 
TRP HZ2  H  N N 361 
TRP HZ3  H  N N 362 
TRP HH2  H  N N 363 
TRP HXT  H  N N 364 
TYR N    N  N N 365 
TYR CA   C  N S 366 
TYR C    C  N N 367 
TYR O    O  N N 368 
TYR CB   C  N N 369 
TYR CG   C  Y N 370 
TYR CD1  C  Y N 371 
TYR CD2  C  Y N 372 
TYR CE1  C  Y N 373 
TYR CE2  C  Y N 374 
TYR CZ   C  Y N 375 
TYR OH   O  N N 376 
TYR OXT  O  N N 377 
TYR H    H  N N 378 
TYR H2   H  N N 379 
TYR HA   H  N N 380 
TYR HB2  H  N N 381 
TYR HB3  H  N N 382 
TYR HD1  H  N N 383 
TYR HD2  H  N N 384 
TYR HE1  H  N N 385 
TYR HE2  H  N N 386 
TYR HH   H  N N 387 
TYR HXT  H  N N 388 
VAL N    N  N N 389 
VAL CA   C  N S 390 
VAL C    C  N N 391 
VAL O    O  N N 392 
VAL CB   C  N N 393 
VAL CG1  C  N N 394 
VAL CG2  C  N N 395 
VAL OXT  O  N N 396 
VAL H    H  N N 397 
VAL H2   H  N N 398 
VAL HA   H  N N 399 
VAL HB   H  N N 400 
VAL HG11 H  N N 401 
VAL HG12 H  N N 402 
VAL HG13 H  N N 403 
VAL HG21 H  N N 404 
VAL HG22 H  N N 405 
VAL HG23 H  N N 406 
VAL HXT  H  N N 407 
# 
loop_
_chem_comp_bond.comp_id 
_chem_comp_bond.atom_id_1 
_chem_comp_bond.atom_id_2 
_chem_comp_bond.value_order 
_chem_comp_bond.pdbx_aromatic_flag 
_chem_comp_bond.pdbx_stereo_config 
_chem_comp_bond.pdbx_ordinal 
ACT C   O    doub N N 1   
ACT C   OXT  sing N N 2   
ACT C   CH3  sing N N 3   
ACT CH3 H1   sing N N 4   
ACT CH3 H2   sing N N 5   
ACT CH3 H3   sing N N 6   
ALA N   CA   sing N N 7   
ALA N   H    sing N N 8   
ALA N   H2   sing N N 9   
ALA CA  C    sing N N 10  
ALA CA  CB   sing N N 11  
ALA CA  HA   sing N N 12  
ALA C   O    doub N N 13  
ALA C   OXT  sing N N 14  
ALA CB  HB1  sing N N 15  
ALA CB  HB2  sing N N 16  
ALA CB  HB3  sing N N 17  
ALA OXT HXT  sing N N 18  
ARG N   CA   sing N N 19  
ARG N   H    sing N N 20  
ARG N   H2   sing N N 21  
ARG CA  C    sing N N 22  
ARG CA  CB   sing N N 23  
ARG CA  HA   sing N N 24  
ARG C   O    doub N N 25  
ARG C   OXT  sing N N 26  
ARG CB  CG   sing N N 27  
ARG CB  HB2  sing N N 28  
ARG CB  HB3  sing N N 29  
ARG CG  CD   sing N N 30  
ARG CG  HG2  sing N N 31  
ARG CG  HG3  sing N N 32  
ARG CD  NE   sing N N 33  
ARG CD  HD2  sing N N 34  
ARG CD  HD3  sing N N 35  
ARG NE  CZ   sing N N 36  
ARG NE  HE   sing N N 37  
ARG CZ  NH1  sing N N 38  
ARG CZ  NH2  doub N N 39  
ARG NH1 HH11 sing N N 40  
ARG NH1 HH12 sing N N 41  
ARG NH2 HH21 sing N N 42  
ARG NH2 HH22 sing N N 43  
ARG OXT HXT  sing N N 44  
ASN N   CA   sing N N 45  
ASN N   H    sing N N 46  
ASN N   H2   sing N N 47  
ASN CA  C    sing N N 48  
ASN CA  CB   sing N N 49  
ASN CA  HA   sing N N 50  
ASN C   O    doub N N 51  
ASN C   OXT  sing N N 52  
ASN CB  CG   sing N N 53  
ASN CB  HB2  sing N N 54  
ASN CB  HB3  sing N N 55  
ASN CG  OD1  doub N N 56  
ASN CG  ND2  sing N N 57  
ASN ND2 HD21 sing N N 58  
ASN ND2 HD22 sing N N 59  
ASN OXT HXT  sing N N 60  
ASP N   CA   sing N N 61  
ASP N   H    sing N N 62  
ASP N   H2   sing N N 63  
ASP CA  C    sing N N 64  
ASP CA  CB   sing N N 65  
ASP CA  HA   sing N N 66  
ASP C   O    doub N N 67  
ASP C   OXT  sing N N 68  
ASP CB  CG   sing N N 69  
ASP CB  HB2  sing N N 70  
ASP CB  HB3  sing N N 71  
ASP CG  OD1  doub N N 72  
ASP CG  OD2  sing N N 73  
ASP OD2 HD2  sing N N 74  
ASP OXT HXT  sing N N 75  
CYS N   CA   sing N N 76  
CYS N   H    sing N N 77  
CYS N   H2   sing N N 78  
CYS CA  C    sing N N 79  
CYS CA  CB   sing N N 80  
CYS CA  HA   sing N N 81  
CYS C   O    doub N N 82  
CYS C   OXT  sing N N 83  
CYS CB  SG   sing N N 84  
CYS CB  HB2  sing N N 85  
CYS CB  HB3  sing N N 86  
CYS SG  HG   sing N N 87  
CYS OXT HXT  sing N N 88  
EDO C1  O1   sing N N 89  
EDO C1  C2   sing N N 90  
EDO C1  H11  sing N N 91  
EDO C1  H12  sing N N 92  
EDO O1  HO1  sing N N 93  
EDO C2  O2   sing N N 94  
EDO C2  H21  sing N N 95  
EDO C2  H22  sing N N 96  
EDO O2  HO2  sing N N 97  
GLN N   CA   sing N N 98  
GLN N   H    sing N N 99  
GLN N   H2   sing N N 100 
GLN CA  C    sing N N 101 
GLN CA  CB   sing N N 102 
GLN CA  HA   sing N N 103 
GLN C   O    doub N N 104 
GLN C   OXT  sing N N 105 
GLN CB  CG   sing N N 106 
GLN CB  HB2  sing N N 107 
GLN CB  HB3  sing N N 108 
GLN CG  CD   sing N N 109 
GLN CG  HG2  sing N N 110 
GLN CG  HG3  sing N N 111 
GLN CD  OE1  doub N N 112 
GLN CD  NE2  sing N N 113 
GLN NE2 HE21 sing N N 114 
GLN NE2 HE22 sing N N 115 
GLN OXT HXT  sing N N 116 
GLU N   CA   sing N N 117 
GLU N   H    sing N N 118 
GLU N   H2   sing N N 119 
GLU CA  C    sing N N 120 
GLU CA  CB   sing N N 121 
GLU CA  HA   sing N N 122 
GLU C   O    doub N N 123 
GLU C   OXT  sing N N 124 
GLU CB  CG   sing N N 125 
GLU CB  HB2  sing N N 126 
GLU CB  HB3  sing N N 127 
GLU CG  CD   sing N N 128 
GLU CG  HG2  sing N N 129 
GLU CG  HG3  sing N N 130 
GLU CD  OE1  doub N N 131 
GLU CD  OE2  sing N N 132 
GLU OE2 HE2  sing N N 133 
GLU OXT HXT  sing N N 134 
GLY N   CA   sing N N 135 
GLY N   H    sing N N 136 
GLY N   H2   sing N N 137 
GLY CA  C    sing N N 138 
GLY CA  HA2  sing N N 139 
GLY CA  HA3  sing N N 140 
GLY C   O    doub N N 141 
GLY C   OXT  sing N N 142 
GLY OXT HXT  sing N N 143 
HIS N   CA   sing N N 144 
HIS N   H    sing N N 145 
HIS N   H2   sing N N 146 
HIS CA  C    sing N N 147 
HIS CA  CB   sing N N 148 
HIS CA  HA   sing N N 149 
HIS C   O    doub N N 150 
HIS C   OXT  sing N N 151 
HIS CB  CG   sing N N 152 
HIS CB  HB2  sing N N 153 
HIS CB  HB3  sing N N 154 
HIS CG  ND1  sing Y N 155 
HIS CG  CD2  doub Y N 156 
HIS ND1 CE1  doub Y N 157 
HIS ND1 HD1  sing N N 158 
HIS CD2 NE2  sing Y N 159 
HIS CD2 HD2  sing N N 160 
HIS CE1 NE2  sing Y N 161 
HIS CE1 HE1  sing N N 162 
HIS NE2 HE2  sing N N 163 
HIS OXT HXT  sing N N 164 
HOH O   H1   sing N N 165 
HOH O   H2   sing N N 166 
ILE N   CA   sing N N 167 
ILE N   H    sing N N 168 
ILE N   H2   sing N N 169 
ILE CA  C    sing N N 170 
ILE CA  CB   sing N N 171 
ILE CA  HA   sing N N 172 
ILE C   O    doub N N 173 
ILE C   OXT  sing N N 174 
ILE CB  CG1  sing N N 175 
ILE CB  CG2  sing N N 176 
ILE CB  HB   sing N N 177 
ILE CG1 CD1  sing N N 178 
ILE CG1 HG12 sing N N 179 
ILE CG1 HG13 sing N N 180 
ILE CG2 HG21 sing N N 181 
ILE CG2 HG22 sing N N 182 
ILE CG2 HG23 sing N N 183 
ILE CD1 HD11 sing N N 184 
ILE CD1 HD12 sing N N 185 
ILE CD1 HD13 sing N N 186 
ILE OXT HXT  sing N N 187 
LEU N   CA   sing N N 188 
LEU N   H    sing N N 189 
LEU N   H2   sing N N 190 
LEU CA  C    sing N N 191 
LEU CA  CB   sing N N 192 
LEU CA  HA   sing N N 193 
LEU C   O    doub N N 194 
LEU C   OXT  sing N N 195 
LEU CB  CG   sing N N 196 
LEU CB  HB2  sing N N 197 
LEU CB  HB3  sing N N 198 
LEU CG  CD1  sing N N 199 
LEU CG  CD2  sing N N 200 
LEU CG  HG   sing N N 201 
LEU CD1 HD11 sing N N 202 
LEU CD1 HD12 sing N N 203 
LEU CD1 HD13 sing N N 204 
LEU CD2 HD21 sing N N 205 
LEU CD2 HD22 sing N N 206 
LEU CD2 HD23 sing N N 207 
LEU OXT HXT  sing N N 208 
LYS N   CA   sing N N 209 
LYS N   H    sing N N 210 
LYS N   H2   sing N N 211 
LYS CA  C    sing N N 212 
LYS CA  CB   sing N N 213 
LYS CA  HA   sing N N 214 
LYS C   O    doub N N 215 
LYS C   OXT  sing N N 216 
LYS CB  CG   sing N N 217 
LYS CB  HB2  sing N N 218 
LYS CB  HB3  sing N N 219 
LYS CG  CD   sing N N 220 
LYS CG  HG2  sing N N 221 
LYS CG  HG3  sing N N 222 
LYS CD  CE   sing N N 223 
LYS CD  HD2  sing N N 224 
LYS CD  HD3  sing N N 225 
LYS CE  NZ   sing N N 226 
LYS CE  HE2  sing N N 227 
LYS CE  HE3  sing N N 228 
LYS NZ  HZ1  sing N N 229 
LYS NZ  HZ2  sing N N 230 
LYS NZ  HZ3  sing N N 231 
LYS OXT HXT  sing N N 232 
MSE N   CA   sing N N 233 
MSE N   H    sing N N 234 
MSE N   H2   sing N N 235 
MSE CA  C    sing N N 236 
MSE CA  CB   sing N N 237 
MSE CA  HA   sing N N 238 
MSE C   O    doub N N 239 
MSE C   OXT  sing N N 240 
MSE OXT HXT  sing N N 241 
MSE CB  CG   sing N N 242 
MSE CB  HB2  sing N N 243 
MSE CB  HB3  sing N N 244 
MSE CG  SE   sing N N 245 
MSE CG  HG2  sing N N 246 
MSE CG  HG3  sing N N 247 
MSE SE  CE   sing N N 248 
MSE CE  HE1  sing N N 249 
MSE CE  HE2  sing N N 250 
MSE CE  HE3  sing N N 251 
PHE N   CA   sing N N 252 
PHE N   H    sing N N 253 
PHE N   H2   sing N N 254 
PHE CA  C    sing N N 255 
PHE CA  CB   sing N N 256 
PHE CA  HA   sing N N 257 
PHE C   O    doub N N 258 
PHE C   OXT  sing N N 259 
PHE CB  CG   sing N N 260 
PHE CB  HB2  sing N N 261 
PHE CB  HB3  sing N N 262 
PHE CG  CD1  doub Y N 263 
PHE CG  CD2  sing Y N 264 
PHE CD1 CE1  sing Y N 265 
PHE CD1 HD1  sing N N 266 
PHE CD2 CE2  doub Y N 267 
PHE CD2 HD2  sing N N 268 
PHE CE1 CZ   doub Y N 269 
PHE CE1 HE1  sing N N 270 
PHE CE2 CZ   sing Y N 271 
PHE CE2 HE2  sing N N 272 
PHE CZ  HZ   sing N N 273 
PHE OXT HXT  sing N N 274 
PRO N   CA   sing N N 275 
PRO N   CD   sing N N 276 
PRO N   H    sing N N 277 
PRO CA  C    sing N N 278 
PRO CA  CB   sing N N 279 
PRO CA  HA   sing N N 280 
PRO C   O    doub N N 281 
PRO C   OXT  sing N N 282 
PRO CB  CG   sing N N 283 
PRO CB  HB2  sing N N 284 
PRO CB  HB3  sing N N 285 
PRO CG  CD   sing N N 286 
PRO CG  HG2  sing N N 287 
PRO CG  HG3  sing N N 288 
PRO CD  HD2  sing N N 289 
PRO CD  HD3  sing N N 290 
PRO OXT HXT  sing N N 291 
SER N   CA   sing N N 292 
SER N   H    sing N N 293 
SER N   H2   sing N N 294 
SER CA  C    sing N N 295 
SER CA  CB   sing N N 296 
SER CA  HA   sing N N 297 
SER C   O    doub N N 298 
SER C   OXT  sing N N 299 
SER CB  OG   sing N N 300 
SER CB  HB2  sing N N 301 
SER CB  HB3  sing N N 302 
SER OG  HG   sing N N 303 
SER OXT HXT  sing N N 304 
THR N   CA   sing N N 305 
THR N   H    sing N N 306 
THR N   H2   sing N N 307 
THR CA  C    sing N N 308 
THR CA  CB   sing N N 309 
THR CA  HA   sing N N 310 
THR C   O    doub N N 311 
THR C   OXT  sing N N 312 
THR CB  OG1  sing N N 313 
THR CB  CG2  sing N N 314 
THR CB  HB   sing N N 315 
THR OG1 HG1  sing N N 316 
THR CG2 HG21 sing N N 317 
THR CG2 HG22 sing N N 318 
THR CG2 HG23 sing N N 319 
THR OXT HXT  sing N N 320 
TRP N   CA   sing N N 321 
TRP N   H    sing N N 322 
TRP N   H2   sing N N 323 
TRP CA  C    sing N N 324 
TRP CA  CB   sing N N 325 
TRP CA  HA   sing N N 326 
TRP C   O    doub N N 327 
TRP C   OXT  sing N N 328 
TRP CB  CG   sing N N 329 
TRP CB  HB2  sing N N 330 
TRP CB  HB3  sing N N 331 
TRP CG  CD1  doub Y N 332 
TRP CG  CD2  sing Y N 333 
TRP CD1 NE1  sing Y N 334 
TRP CD1 HD1  sing N N 335 
TRP CD2 CE2  doub Y N 336 
TRP CD2 CE3  sing Y N 337 
TRP NE1 CE2  sing Y N 338 
TRP NE1 HE1  sing N N 339 
TRP CE2 CZ2  sing Y N 340 
TRP CE3 CZ3  doub Y N 341 
TRP CE3 HE3  sing N N 342 
TRP CZ2 CH2  doub Y N 343 
TRP CZ2 HZ2  sing N N 344 
TRP CZ3 CH2  sing Y N 345 
TRP CZ3 HZ3  sing N N 346 
TRP CH2 HH2  sing N N 347 
TRP OXT HXT  sing N N 348 
TYR N   CA   sing N N 349 
TYR N   H    sing N N 350 
TYR N   H2   sing N N 351 
TYR CA  C    sing N N 352 
TYR CA  CB   sing N N 353 
TYR CA  HA   sing N N 354 
TYR C   O    doub N N 355 
TYR C   OXT  sing N N 356 
TYR CB  CG   sing N N 357 
TYR CB  HB2  sing N N 358 
TYR CB  HB3  sing N N 359 
TYR CG  CD1  doub Y N 360 
TYR CG  CD2  sing Y N 361 
TYR CD1 CE1  sing Y N 362 
TYR CD1 HD1  sing N N 363 
TYR CD2 CE2  doub Y N 364 
TYR CD2 HD2  sing N N 365 
TYR CE1 CZ   doub Y N 366 
TYR CE1 HE1  sing N N 367 
TYR CE2 CZ   sing Y N 368 
TYR CE2 HE2  sing N N 369 
TYR CZ  OH   sing N N 370 
TYR OH  HH   sing N N 371 
TYR OXT HXT  sing N N 372 
VAL N   CA   sing N N 373 
VAL N   H    sing N N 374 
VAL N   H2   sing N N 375 
VAL CA  C    sing N N 376 
VAL CA  CB   sing N N 377 
VAL CA  HA   sing N N 378 
VAL C   O    doub N N 379 
VAL C   OXT  sing N N 380 
VAL CB  CG1  sing N N 381 
VAL CB  CG2  sing N N 382 
VAL CB  HB   sing N N 383 
VAL CG1 HG11 sing N N 384 
VAL CG1 HG12 sing N N 385 
VAL CG1 HG13 sing N N 386 
VAL CG2 HG21 sing N N 387 
VAL CG2 HG22 sing N N 388 
VAL CG2 HG23 sing N N 389 
VAL OXT HXT  sing N N 390 
# 
_atom_sites.entry_id                    5AIZ 
_atom_sites.fract_transf_matrix[1][1]   -0.01500335 
_atom_sites.fract_transf_matrix[1][2]   -0.00175292 
_atom_sites.fract_transf_matrix[1][3]   -0.01734834 
_atom_sites.fract_transf_matrix[2][1]   -0.00921731 
_atom_sites.fract_transf_matrix[2][2]   -0.01768462 
_atom_sites.fract_transf_matrix[2][3]   0.00975830 
_atom_sites.fract_transf_matrix[3][1]   -0.01102655 
_atom_sites.fract_transf_matrix[3][2]   0.01042767 
_atom_sites.fract_transf_matrix[3][3]   0.00848245 
_atom_sites.fract_transf_vector[1]      0.462899 
_atom_sites.fract_transf_vector[2]      0.183040 
_atom_sites.fract_transf_vector[3]      0.856673 
# 
loop_
_atom_type.symbol 
C  
N  
O  
S  
SE 
X  
# 
loop_
_atom_site.group_PDB 
_atom_site.id 
_atom_site.type_symbol 
_atom_site.label_atom_id 
_atom_site.label_alt_id 
_atom_site.label_comp_id 
_atom_site.label_asym_id 
_atom_site.label_entity_id 
_atom_site.label_seq_id 
_atom_site.pdbx_PDB_ins_code 
_atom_site.Cartn_x 
_atom_site.Cartn_y 
_atom_site.Cartn_z 
_atom_site.occupancy 
_atom_site.B_iso_or_equiv 
_atom_site.pdbx_formal_charge 
_atom_site.auth_seq_id 
_atom_site.auth_comp_id 
_atom_site.auth_asym_id 
_atom_site.auth_atom_id 
_atom_site.pdbx_PDB_model_num 
ATOM   1    N  N   . SER A 1 9   ? -3.857  -10.210 18.709  1.00 40.53 ? 3    SER A N   1 
ATOM   2    C  CA  . SER A 1 9   ? -2.908  -9.153  19.280  1.00 40.78 ? 3    SER A CA  1 
ATOM   3    C  C   . SER A 1 9   ? -1.816  -8.678  18.265  1.00 39.76 ? 3    SER A C   1 
ATOM   4    O  O   . SER A 1 9   ? -1.134  -9.506  17.649  1.00 45.36 ? 3    SER A O   1 
ATOM   5    C  CB  . SER A 1 9   ? -2.228  -9.662  20.546  1.00 41.78 ? 3    SER A CB  1 
ATOM   6    O  OG  . SER A 1 9   ? -1.383  -8.651  21.107  1.00 45.64 ? 3    SER A OG  1 
HETATM 7    N  N   . MSE A 1 10  ? -1.626  -7.365  18.108  1.00 32.18 ? 4    MSE A N   1 
HETATM 8    C  CA  . MSE A 1 10  ? -0.728  -6.871  17.052  1.00 33.76 ? 4    MSE A CA  1 
HETATM 9    C  C   . MSE A 1 10  ? 0.701   -6.598  17.451  1.00 28.98 ? 4    MSE A C   1 
HETATM 10   O  O   . MSE A 1 10  ? 1.541   -6.595  16.603  1.00 31.18 ? 4    MSE A O   1 
HETATM 11   C  CB  . MSE A 1 10  ? -1.161  -5.487  16.504  1.00 43.34 ? 4    MSE A CB  1 
HETATM 12   C  CG  . MSE A 1 10  ? -2.420  -5.524  15.679  1.00 55.98 ? 4    MSE A CG  1 
HETATM 13   SE SE  . MSE A 1 10  ? -1.909  -5.766  13.790  1.00 89.66 ? 4    MSE A SE  1 
HETATM 14   C  CE  . MSE A 1 10  ? -2.356  -7.699  13.878  1.00 69.52 ? 4    MSE A CE  1 
ATOM   15   N  N   . ASP A 1 11  ? 0.938   -6.275  18.722  1.00 22.77 ? 5    ASP A N   1 
ATOM   16   C  CA  . ASP A 1 11  ? 2.216   -5.700  19.241  1.00 22.14 ? 5    ASP A CA  1 
ATOM   17   C  C   . ASP A 1 11  ? 2.991   -6.658  20.159  1.00 20.64 ? 5    ASP A C   1 
ATOM   18   O  O   . ASP A 1 11  ? 3.939   -6.255  20.806  1.00 17.57 ? 5    ASP A O   1 
ATOM   19   C  CB  . ASP A 1 11  ? 1.959   -4.333  19.905  1.00 22.02 ? 5    ASP A CB  1 
ATOM   20   C  CG  . ASP A 1 11  ? 1.578   -3.276  18.856  1.00 24.28 ? 5    ASP A CG  1 
ATOM   21   O  OD1 . ASP A 1 11  ? 2.515   -2.808  18.152  1.00 19.19 ? 5    ASP A OD1 1 
ATOM   22   O  OD2 . ASP A 1 11  ? 0.361   -3.062  18.629  1.00 23.63 ? 5    ASP A OD2 1 
ATOM   23   N  N   . ARG A 1 12  ? 2.666   -7.949  20.051  1.00 22.58 ? 6    ARG A N   1 
ATOM   24   C  CA  . ARG A 1 12  ? 3.356   -8.966  20.848  1.00 24.09 ? 6    ARG A CA  1 
ATOM   25   C  C   . ARG A 1 12  ? 4.575   -9.544  20.091  1.00 23.12 ? 6    ARG A C   1 
ATOM   26   O  O   . ARG A 1 12  ? 5.514   -10.069 20.688  1.00 21.86 ? 6    ARG A O   1 
ATOM   27   C  CB  . ARG A 1 12  ? 2.365   -10.089 21.236  1.00 28.69 ? 6    ARG A CB  1 
ATOM   28   C  CG  . ARG A 1 12  ? 1.278   -9.619  22.189  1.00 36.02 ? 6    ARG A CG  1 
ATOM   29   C  CD  . ARG A 1 12  ? 1.374   -10.161 23.625  1.00 38.48 ? 6    ARG A CD  1 
ATOM   30   N  NE  . ARG A 1 12  ? 0.309   -9.636  24.531  1.00 38.64 ? 6    ARG A NE  1 
ATOM   31   C  CZ  . ARG A 1 12  ? 0.403   -9.619  25.878  1.00 42.15 ? 6    ARG A CZ  1 
ATOM   32   N  NH1 . ARG A 1 12  ? 1.504   -10.136 26.451  1.00 43.94 ? 6    ARG A NH1 1 
ATOM   33   N  NH2 . ARG A 1 12  ? -0.586  -9.082  26.661  1.00 30.88 ? 6    ARG A NH2 1 
ATOM   34   N  N   . HIS A 1 13  ? 4.558   -9.423  18.754  1.00 21.90 ? 7    HIS A N   1 
ATOM   35   C  CA  . HIS A 1 13  ? 5.667   -9.858  17.955  1.00 20.88 ? 7    HIS A CA  1 
ATOM   36   C  C   . HIS A 1 13  ? 5.745   -8.899  16.775  1.00 19.10 ? 7    HIS A C   1 
ATOM   37   O  O   . HIS A 1 13  ? 5.458   -9.236  15.619  1.00 18.68 ? 7    HIS A O   1 
ATOM   38   C  CB  . HIS A 1 13  ? 5.437   -11.277 17.453  1.00 25.85 ? 7    HIS A CB  1 
ATOM   39   C  CG  . HIS A 1 13  ? 5.218   -12.303 18.530  1.00 29.94 ? 7    HIS A CG  1 
ATOM   40   N  ND1 . HIS A 1 13  ? 6.259   -12.916 19.202  1.00 34.45 ? 7    HIS A ND1 1 
ATOM   41   C  CD2 . HIS A 1 13  ? 4.076   -12.852 19.028  1.00 33.73 ? 7    HIS A CD2 1 
ATOM   42   C  CE1 . HIS A 1 13  ? 5.771   -13.790 20.066  1.00 33.17 ? 7    HIS A CE1 1 
ATOM   43   N  NE2 . HIS A 1 13  ? 4.450   -13.764 19.988  1.00 34.70 ? 7    HIS A NE2 1 
ATOM   44   N  N   . ILE A 1 14  ? 6.174   -7.678  17.069  1.00 17.57 ? 8    ILE A N   1 
ATOM   45   C  CA  . ILE A 1 14  ? 6.337   -6.621  16.062  1.00 17.31 ? 8    ILE A CA  1 
ATOM   46   C  C   . ILE A 1 14  ? 7.305   -7.044  14.934  1.00 17.36 ? 8    ILE A C   1 
ATOM   47   O  O   . ILE A 1 14  ? 7.047   -6.722  13.749  1.00 15.32 ? 8    ILE A O   1 
ATOM   48   C  CB  . ILE A 1 14  ? 6.798   -5.351  16.824  1.00 17.60 ? 8    ILE A CB  1 
ATOM   49   C  CG1 . ILE A 1 14  ? 5.592   -4.883  17.638  1.00 18.81 ? 8    ILE A CG1 1 
ATOM   50   C  CG2 . ILE A 1 14  ? 7.279   -4.256  15.909  1.00 19.73 ? 8    ILE A CG2 1 
ATOM   51   C  CD1 . ILE A 1 14  ? 5.915   -3.860  18.701  1.00 18.85 ? 8    ILE A CD1 1 
ATOM   52   N  N   . GLN A 1 15  ? 8.408   -7.759  15.241  1.00 16.19 ? 9    GLN A N   1 
ATOM   53   C  CA  . GLN A 1 15  ? 9.294   -8.171  14.215  1.00 17.63 ? 9    GLN A CA  1 
ATOM   54   C  C   . GLN A 1 15  ? 8.667   -9.090  13.200  1.00 15.38 ? 9    GLN A C   1 
ATOM   55   O  O   . GLN A 1 15  ? 8.993   -9.021  12.015  1.00 16.68 ? 9    GLN A O   1 
ATOM   56   C  CB  . GLN A 1 15  ? 10.555  -8.845  14.766  1.00 21.76 ? 9    GLN A CB  1 
ATOM   57   C  CG  . GLN A 1 15  ? 11.610  -9.064  13.680  1.00 25.24 ? 9    GLN A CG  1 
ATOM   58   C  CD  . GLN A 1 15  ? 12.052  -7.777  12.972  1.00 31.73 ? 9    GLN A CD  1 
ATOM   59   O  OE1 . GLN A 1 15  ? 12.681  -6.916  13.583  1.00 36.53 ? 9    GLN A OE1 1 
ATOM   60   N  NE2 . GLN A 1 15  ? 11.739  -7.648  11.658  1.00 31.74 ? 9    GLN A NE2 1 
ATOM   61   N  N   . GLN A 1 16  ? 7.771   -9.951  13.673  1.00 14.79 ? 10   GLN A N   1 
ATOM   62   C  CA  . GLN A 1 16  ? 7.024   -10.833 12.787  1.00 14.25 ? 10   GLN A CA  1 
ATOM   63   C  C   . GLN A 1 16  ? 6.164   -10.097 11.798  1.00 15.73 ? 10   GLN A C   1 
ATOM   64   O  O   . GLN A 1 16  ? 6.083   -10.466 10.645  1.00 15.16 ? 10   GLN A O   1 
ATOM   65   C  CB  . GLN A 1 16  ? 6.249   -11.864 13.595  1.00 14.34 ? 10   GLN A CB  1 
ATOM   66   C  CG  . GLN A 1 16  ? 7.100   -12.838 14.378  1.00 15.39 ? 10   GLN A CG  1 
ATOM   67   C  CD  . GLN A 1 16  ? 6.280   -13.826 15.212  1.00 14.46 ? 10   GLN A CD  1 
ATOM   68   O  OE1 . GLN A 1 16  ? 5.021   -13.891 15.129  1.00 17.82 ? 10   GLN A OE1 1 
ATOM   69   N  NE2 . GLN A 1 16  ? 6.992   -14.634 15.987  1.00 20.21 ? 10   GLN A NE2 1 
ATOM   70   N  N   . THR A 1 17  ? 5.473   -9.047  12.227  1.00 14.29 ? 11   THR A N   1 
ATOM   71   C  CA  . THR A 1 17  ? 4.628   -8.312  11.336  1.00 13.50 ? 11   THR A CA  1 
ATOM   72   C  C   . THR A 1 17  ? 5.481   -7.545  10.335  1.00 11.94 ? 11   THR A C   1 
ATOM   73   O  O   . THR A 1 17  ? 5.145   -7.512  9.174   1.00 12.65 ? 11   THR A O   1 
ATOM   74   C  CB  . THR A 1 17  ? 3.710   -7.307  12.142  1.00 15.55 ? 11   THR A CB  1 
ATOM   75   O  OG1 . THR A 1 17  ? 2.673   -8.036  12.815  1.00 21.31 ? 11   THR A OG1 1 
ATOM   76   C  CG2 . THR A 1 17  ? 3.026   -6.364  11.287  1.00 16.34 ? 11   THR A CG2 1 
ATOM   77   N  N   . ASN A 1 18  ? 6.604   -6.956  10.797  1.00 12.48 ? 12   ASN A N   1 
ATOM   78   C  CA  . ASN A 1 18  ? 7.482   -6.265  9.853   1.00 11.67 ? 12   ASN A CA  1 
ATOM   79   C  C   . ASN A 1 18  ? 8.117   -7.220  8.840   1.00 11.92 ? 12   ASN A C   1 
ATOM   80   O  O   . ASN A 1 18  ? 8.180   -6.931  7.647   1.00 12.67 ? 12   ASN A O   1 
ATOM   81   C  CB  . ASN A 1 18  ? 8.512   -5.479  10.647  1.00 13.31 ? 12   ASN A CB  1 
ATOM   82   C  CG  . ASN A 1 18  ? 7.968   -4.115  11.117  1.00 14.79 ? 12   ASN A CG  1 
ATOM   83   O  OD1 . ASN A 1 18  ? 7.405   -3.373  10.350  1.00 15.08 ? 12   ASN A OD1 1 
ATOM   84   N  ND2 . ASN A 1 18  ? 8.181   -3.785  12.414  1.00 15.92 ? 12   ASN A ND2 1 
ATOM   85   N  N   . ASP A 1 19  ? 8.538   -8.413  9.292   1.00 11.28 ? 13   ASP A N   1 
ATOM   86   C  CA  . ASP A 1 19  ? 8.995   -9.443  8.349   1.00 12.56 ? 13   ASP A CA  1 
ATOM   87   C  C   . ASP A 1 19  ? 7.919   -9.829  7.315   1.00 11.95 ? 13   ASP A C   1 
ATOM   88   O  O   . ASP A 1 19  ? 8.232   -10.003 6.113   1.00 12.25 ? 13   ASP A O   1 
ATOM   89   C  CB  . ASP A 1 19  ? 9.549   -10.654 9.100   1.00 14.85 ? 13   ASP A CB  1 
ATOM   90   C  CG  . ASP A 1 19  ? 10.872  -10.306 9.825   1.00 17.31 ? 13   ASP A CG  1 
ATOM   91   O  OD1 . ASP A 1 19  ? 11.597  -9.370  9.411   1.00 24.66 ? 13   ASP A OD1 1 
ATOM   92   O  OD2 . ASP A 1 19  ? 11.154  -10.958 10.814  1.00 30.75 ? 13   ASP A OD2 1 
ATOM   93   N  N   . ARG A 1 20  ? 6.668   -9.980  7.736   1.00 10.67 ? 14   ARG A N   1 
ATOM   94   C  CA  . ARG A 1 20  ? 5.575   -10.255 6.807   1.00 11.68 ? 14   ARG A CA  1 
ATOM   95   C  C   . ARG A 1 20  ? 5.376   -9.138  5.776   1.00 11.37 ? 14   ARG A C   1 
ATOM   96   O  O   . ARG A 1 20  ? 5.261   -9.393  4.549   1.00 12.42 ? 14   ARG A O   1 
ATOM   97   C  CB  . ARG A 1 20  ? 4.286   -10.508 7.572   1.00 15.46 ? 14   ARG A CB  1 
ATOM   98   C  CG  . ARG A 1 20  ? 3.168   -10.953 6.673   1.00 17.79 ? 14   ARG A CG  1 
ATOM   99   C  CD  . ARG A 1 20  ? 1.929   -11.177 7.595   1.00 21.68 ? 14   ARG A CD  1 
ATOM   100  N  NE  . ARG A 1 20  ? 0.903   -11.432 6.636   1.00 30.07 ? 14   ARG A NE  1 
ATOM   101  C  CZ  . ARG A 1 20  ? -0.091  -10.607 6.332   1.00 24.13 ? 14   ARG A CZ  1 
ATOM   102  N  NH1 . ARG A 1 20  ? -0.288  -9.523  7.061   1.00 26.91 ? 14   ARG A NH1 1 
ATOM   103  N  NH2 . ARG A 1 20  ? -0.978  -11.067 5.454   1.00 26.59 ? 14   ARG A NH2 1 
ATOM   104  N  N   . LEU A 1 21  ? 5.394   -7.920  6.250   1.00 10.21 ? 15   LEU A N   1 
ATOM   105  C  CA  . LEU A 1 21  ? 5.271   -6.743  5.368   1.00 9.77  ? 15   LEU A CA  1 
ATOM   106  C  C   . LEU A 1 21  ? 6.444   -6.652  4.372   1.00 10.57 ? 15   LEU A C   1 
ATOM   107  O  O   . LEU A 1 21  ? 6.231   -6.275  3.228   1.00 10.79 ? 15   LEU A O   1 
ATOM   108  C  CB  . LEU A 1 21  ? 5.141   -5.422  6.169   1.00 10.34 ? 15   LEU A CB  1 
ATOM   109  C  CG  . LEU A 1 21  ? 3.872   -5.249  7.004   1.00 11.32 ? 15   LEU A CG  1 
ATOM   110  C  CD1 . LEU A 1 21  ? 3.962   -4.069  7.927   1.00 12.80 ? 15   LEU A CD1 1 
ATOM   111  C  CD2 . LEU A 1 21  ? 2.715   -5.165  6.072   1.00 12.45 ? 15   LEU A CD2 1 
ATOM   112  N  N   . GLN A 1 22  ? 7.667   -6.990  4.786   1.00 10.77 ? 16   GLN A N   1 
ATOM   113  C  CA  . GLN A 1 22  ? 8.827   -7.001  3.893   1.00 12.22 ? 16   GLN A CA  1 
ATOM   114  C  C   . GLN A 1 22  ? 8.700   -8.072  2.868   1.00 12.17 ? 16   GLN A C   1 
ATOM   115  O  O   . GLN A 1 22  ? 9.117   -7.889  1.748   1.00 13.24 ? 16   GLN A O   1 
ATOM   116  C  CB  . GLN A 1 22  ? 10.128  -7.222  4.729   1.00 14.78 ? 16   GLN A CB  1 
ATOM   117  C  CG  . GLN A 1 22  ? 10.429  -6.010  5.592   1.00 18.32 ? 16   GLN A CG  1 
ATOM   118  C  CD  . GLN A 1 22  ? 10.805  -4.770  4.755   1.00 25.07 ? 16   GLN A CD  1 
ATOM   119  O  OE1 . GLN A 1 22  ? 11.446  -4.845  3.671   1.00 27.45 ? 16   GLN A OE1 1 
ATOM   120  N  NE2 . GLN A 1 22  ? 10.328  -3.619  5.203   1.00 29.05 ? 16   GLN A NE2 1 
ATOM   121  N  N   . CYS A 1 23  ? 8.114   -9.224  3.228   1.00 11.26 ? 17   CYS A N   1 
ATOM   122  C  CA  . CYS A 1 23  ? 7.823   -10.295 2.225   1.00 12.83 ? 17   CYS A CA  1 
ATOM   123  C  C   . CYS A 1 23  ? 6.807   -9.825  1.223   1.00 11.07 ? 17   CYS A C   1 
ATOM   124  O  O   . CYS A 1 23  ? 6.898   -10.135 0.010   1.00 13.10 ? 17   CYS A O   1 
ATOM   125  C  CB  . CYS A 1 23  ? 7.358   -11.617 2.868   1.00 15.16 ? 17   CYS A CB  1 
ATOM   126  S  SG  . CYS A 1 23  ? 8.747   -12.502 3.596   1.00 21.21 ? 17   CYS A SG  1 
ATOM   127  N  N   . ILE A 1 24  ? 5.738   -9.191  1.699   1.00 11.02 ? 18   ILE A N   1 
ATOM   128  C  CA  . ILE A 1 24  ? 4.720   -8.651  0.812   1.00 10.55 ? 18   ILE A CA  1 
ATOM   129  C  C   . ILE A 1 24  ? 5.355   -7.633  -0.115  1.00 11.18 ? 18   ILE A C   1 
ATOM   130  O  O   . ILE A 1 24  ? 5.086   -7.705  -1.289  1.00 12.44 ? 18   ILE A O   1 
ATOM   131  C  CB  . ILE A 1 24  ? 3.563   -8.019  1.616   1.00 11.07 ? 18   ILE A CB  1 
ATOM   132  C  CG1 . ILE A 1 24  ? 2.792   -9.176  2.322   1.00 12.59 ? 18   ILE A CG1 1 
ATOM   133  C  CG2 . ILE A 1 24  ? 2.641   -7.221  0.734   1.00 10.52 ? 18   ILE A CG2 1 
ATOM   134  C  CD1 . ILE A 1 24  ? 1.761   -8.650  3.329   1.00 14.15 ? 18   ILE A CD1 1 
ATOM   135  N  N   . LYS A 1 25  ? 6.253   -6.793  0.367   1.00 10.29 ? 19   LYS A N   1 
ATOM   136  C  CA  . LYS A 1 25  ? 6.926   -5.765  -0.457  1.00 11.49 ? 19   LYS A CA  1 
ATOM   137  C  C   . LYS A 1 25  ? 7.644   -6.391  -1.647  1.00 11.92 ? 19   LYS A C   1 
ATOM   138  O  O   . LYS A 1 25  ? 7.524   -5.943  -2.823  1.00 11.87 ? 19   LYS A O   1 
ATOM   139  C  CB  . LYS A 1 25  ? 7.923   -5.023  0.413   1.00 12.64 ? 19   LYS A CB  1 
ATOM   140  C  CG  . LYS A 1 25  ? 8.608   -3.865  -0.281  1.00 15.08 ? 19   LYS A CG  1 
ATOM   141  C  CD  . LYS A 1 25  ? 9.661   -3.198  0.618   1.00 18.92 ? 19   LYS A CD  1 
ATOM   142  C  CE  . LYS A 1 25  ? 10.591  -2.383  -0.304  1.00 27.37 ? 19   LYS A CE  1 
ATOM   143  N  NZ  . LYS A 1 25  ? 11.693  -1.518  0.239   1.00 33.34 ? 19   LYS A NZ  1 
ATOM   144  N  N   . GLN A 1 26  ? 8.382   -7.457  -1.369  1.00 13.83 ? 20   GLN A N   1 
ATOM   145  C  CA  . GLN A 1 26  ? 9.075   -8.210  -2.406  1.00 15.34 ? 20   GLN A CA  1 
ATOM   146  C  C   . GLN A 1 26  ? 8.127   -8.791  -3.473  1.00 14.38 ? 20   GLN A C   1 
ATOM   147  O  O   . GLN A 1 26  ? 8.415   -8.725  -4.686  1.00 15.70 ? 20   GLN A O   1 
ATOM   148  C  CB  . GLN A 1 26  ? 9.912   -9.332  -1.768  1.00 18.60 ? 20   GLN A CB  1 
ATOM   149  C  CG  . GLN A 1 26  ? 11.059  -8.787  -0.927  1.00 24.13 ? 20   GLN A CG  1 
ATOM   150  C  CD  . GLN A 1 26  ? 11.906  -7.778  -1.692  1.00 31.39 ? 20   GLN A CD  1 
ATOM   151  O  OE1 . GLN A 1 26  ? 11.882  -6.551  -1.423  1.00 39.53 ? 20   GLN A OE1 1 
ATOM   152  N  NE2 . GLN A 1 26  ? 12.606  -8.270  -2.721  1.00 38.40 ? 20   GLN A NE2 1 
ATOM   153  N  N   . HIS A 1 27  ? 6.992   -9.344  -3.051  1.00 12.16 ? 21   HIS A N   1 
ATOM   154  C  CA  . HIS A 1 27  ? 6.067   -9.973  -3.980  1.00 10.93 ? 21   HIS A CA  1 
ATOM   155  C  C   . HIS A 1 27  ? 5.238   -8.994  -4.780  1.00 10.83 ? 21   HIS A C   1 
ATOM   156  O  O   . HIS A 1 27  ? 4.740   -9.331  -5.861  1.00 14.14 ? 21   HIS A O   1 
ATOM   157  C  CB  . HIS A 1 27  ? 5.237   -10.965 -3.223  1.00 12.20 ? 21   HIS A CB  1 
ATOM   158  C  CG  . HIS A 1 27  ? 6.039   -12.168 -2.799  1.00 14.07 ? 21   HIS A CG  1 
ATOM   159  N  ND1 . HIS A 1 27  ? 6.813   -12.198 -1.650  1.00 16.23 ? 21   HIS A ND1 1 
ATOM   160  C  CD2 . HIS A 1 27  ? 6.251   -13.358 -3.424  1.00 17.39 ? 21   HIS A CD2 1 
ATOM   161  C  CE1 . HIS A 1 27  ? 7.424   -13.365 -1.578  1.00 17.36 ? 21   HIS A CE1 1 
ATOM   162  N  NE2 . HIS A 1 27  ? 7.081   -14.092 -2.629  1.00 16.92 ? 21   HIS A NE2 1 
ATOM   163  N  N   . LEU A 1 28  ? 5.060   -7.784  -4.273  1.00 11.16 ? 22   LEU A N   1 
ATOM   164  C  CA  . LEU A 1 28  ? 4.334   -6.781  -5.027  1.00 12.38 ? 22   LEU A CA  1 
ATOM   165  C  C   . LEU A 1 28  ? 5.064   -6.376  -6.333  1.00 13.42 ? 22   LEU A C   1 
ATOM   166  O  O   . LEU A 1 28  ? 4.454   -5.807  -7.207  1.00 14.83 ? 22   LEU A O   1 
ATOM   167  C  CB  . LEU A 1 28  ? 4.143   -5.548  -4.153  1.00 12.51 ? 22   LEU A CB  1 
ATOM   168  C  CG  . LEU A 1 28  ? 3.133   -5.632  -2.990  1.00 12.42 ? 22   LEU A CG  1 
ATOM   169  C  CD1 . LEU A 1 28  ? 3.381   -4.401  -2.081  1.00 13.48 ? 22   LEU A CD1 1 
ATOM   170  C  CD2 . LEU A 1 28  ? 1.746   -5.584  -3.539  1.00 13.82 ? 22   LEU A CD2 1 
ATOM   171  N  N   . GLN A 1 29  ? 6.357   -6.684  -6.419  1.00 14.65 ? 23   GLN A N   1 
ATOM   172  C  CA  . GLN A 1 29  ? 7.161   -6.284  -7.546  1.00 16.38 ? 23   GLN A CA  1 
ATOM   173  C  C   . GLN A 1 29  ? 6.915   -7.142  -8.743  1.00 16.70 ? 23   GLN A C   1 
ATOM   174  O  O   . GLN A 1 29  ? 7.346   -6.774  -9.848  1.00 18.70 ? 23   GLN A O   1 
ATOM   175  C  CB  . GLN A 1 29  ? 8.653   -6.292  -7.195  1.00 19.23 ? 23   GLN A CB  1 
ATOM   176  C  CG  . GLN A 1 29  ? 8.940   -5.335  -6.059  1.00 23.51 ? 23   GLN A CG  1 
ATOM   177  C  CD  . GLN A 1 29  ? 10.381  -4.944  -5.935  1.00 33.35 ? 23   GLN A CD  1 
ATOM   178  O  OE1 . GLN A 1 29  ? 11.293  -5.786  -6.034  1.00 41.91 ? 23   GLN A OE1 1 
ATOM   179  N  NE2 . GLN A 1 29  ? 10.616  -3.654  -5.730  1.00 39.26 ? 23   GLN A NE2 1 
ATOM   180  N  N   . ASN A 1 30  ? 6.320   -8.304  -8.531  1.00 16.87 ? 24   ASN A N   1 
ATOM   181  C  CA  . ASN A 1 30  ? 6.185   -9.400  -9.519  1.00 19.02 ? 24   ASN A CA  1 
ATOM   182  C  C   . ASN A 1 30  ? 4.750   -9.439  -10.060 1.00 15.95 ? 24   ASN A C   1 
ATOM   183  O  O   . ASN A 1 30  ? 3.851   -9.577  -9.306  1.00 13.77 ? 24   ASN A O   1 
ATOM   184  C  CB  . ASN A 1 30  ? 6.380   -10.768 -8.798  1.00 22.54 ? 24   ASN A CB  1 
ATOM   185  C  CG  . ASN A 1 30  ? 7.655   -10.892 -7.972  1.00 29.20 ? 24   ASN A CG  1 
ATOM   186  O  OD1 . ASN A 1 30  ? 7.730   -11.693 -6.951  1.00 36.69 ? 24   ASN A OD1 1 
ATOM   187  N  ND2 . ASN A 1 30  ? 8.711   -10.198 -8.432  1.00 32.06 ? 24   ASN A ND2 1 
ATOM   188  N  N   . PRO A 1 31  ? 4.516   -9.258  -11.382 1.00 17.50 ? 25   PRO A N   1 
ATOM   189  C  CA  . PRO A 1 31  ? 3.088   -9.256  -11.844 1.00 15.97 ? 25   PRO A CA  1 
ATOM   190  C  C   . PRO A 1 31  ? 2.317   -10.546 -11.500 1.00 16.68 ? 25   PRO A C   1 
ATOM   191  O  O   . PRO A 1 31  ? 1.094   -10.476 -11.290 1.00 15.42 ? 25   PRO A O   1 
ATOM   192  C  CB  . PRO A 1 31  ? 3.163   -9.055  -13.365 1.00 19.17 ? 25   PRO A CB  1 
ATOM   193  C  CG  . PRO A 1 31  ? 4.575   -9.261  -13.702 1.00 19.96 ? 25   PRO A CG  1 
ATOM   194  C  CD  . PRO A 1 31  ? 5.456   -9.010  -12.467 1.00 19.45 ? 25   PRO A CD  1 
ATOM   195  N  N   . ALA A 1 32  ? 3.030   -11.671 -11.392 1.00 16.33 ? 26   ALA A N   1 
ATOM   196  C  CA  . ALA A 1 32  ? 2.372   -12.958 -11.124 1.00 16.41 ? 26   ALA A CA  1 
ATOM   197  C  C   . ALA A 1 32  ? 1.919   -13.036 -9.677  1.00 15.16 ? 26   ALA A C   1 
ATOM   198  O  O   . ALA A 1 32  ? 0.973   -13.771 -9.361  1.00 17.58 ? 26   ALA A O   1 
ATOM   199  C  CB  . ALA A 1 32  ? 3.289   -14.128 -11.440 1.00 17.41 ? 26   ALA A CB  1 
ATOM   200  N  N   . ASN A 1 33  ? 2.564   -12.266 -8.799  1.00 13.56 ? 27   ASN A N   1 
ATOM   201  C  CA  . ASN A 1 33  ? 2.177   -12.288 -7.340  1.00 12.67 ? 27   ASN A CA  1 
ATOM   202  C  C   . ASN A 1 33  ? 1.452   -11.018 -6.874  1.00 13.44 ? 27   ASN A C   1 
ATOM   203  O  O   . ASN A 1 33  ? 0.948   -10.924 -5.804  1.00 10.79 ? 27   ASN A O   1 
ATOM   204  C  CB  . ASN A 1 33  ? 3.424   -12.428 -6.542  1.00 14.02 ? 27   ASN A CB  1 
ATOM   205  C  CG  . ASN A 1 33  ? 4.157   -13.716 -6.841  1.00 17.92 ? 27   ASN A CG  1 
ATOM   206  O  OD1 . ASN A 1 33  ? 5.413   -13.656 -7.059  1.00 23.32 ? 27   ASN A OD1 1 
ATOM   207  N  ND2 . ASN A 1 33  ? 3.430   -14.857 -6.853  1.00 14.48 ? 27   ASN A ND2 1 
ATOM   208  N  N   . PHE A 1 34  ? 1.335   -9.989  -7.719  1.00 11.25 ? 28   PHE A N   1 
ATOM   209  C  CA  . PHE A 1 34  ? 0.761   -8.721  -7.234  1.00 10.47 ? 28   PHE A CA  1 
ATOM   210  C  C   . PHE A 1 34  ? -0.654  -8.889  -6.730  1.00 11.03 ? 28   PHE A C   1 
ATOM   211  O  O   . PHE A 1 34  ? -1.031  -8.256  -5.726  1.00 10.34 ? 28   PHE A O   1 
ATOM   212  C  CB  . PHE A 1 34  ? 0.797   -7.689  -8.375  1.00 10.43 ? 28   PHE A CB  1 
ATOM   213  C  CG  . PHE A 1 34  ? 0.223   -6.312  -8.014  1.00 10.19 ? 28   PHE A CG  1 
ATOM   214  C  CD1 . PHE A 1 34  ? 1.062   -5.380  -7.371  1.00 10.59 ? 28   PHE A CD1 1 
ATOM   215  C  CD2 . PHE A 1 34  ? -1.085  -5.952  -8.244  1.00 9.69  ? 28   PHE A CD2 1 
ATOM   216  C  CE1 . PHE A 1 34  ? 0.578   -4.131  -7.026  1.00 9.80  ? 28   PHE A CE1 1 
ATOM   217  C  CE2 . PHE A 1 34  ? -1.571  -4.669  -7.912  1.00 9.63  ? 28   PHE A CE2 1 
ATOM   218  C  CZ  . PHE A 1 34  ? -0.710  -3.784  -7.334  1.00 9.46  ? 28   PHE A CZ  1 
ATOM   219  N  N   . HIS A 1 35  ? -1.500  -9.673  -7.432  1.00 11.86 ? 29   HIS A N   1 
ATOM   220  C  CA  . HIS A 1 35  ? -2.862  -9.811  -6.990  1.00 13.53 ? 29   HIS A CA  1 
ATOM   221  C  C   . HIS A 1 35  ? -2.933  -10.292 -5.547  1.00 12.02 ? 29   HIS A C   1 
ATOM   222  O  O   . HIS A 1 35  ? -3.613  -9.712  -4.699  1.00 11.81 ? 29   HIS A O   1 
ATOM   223  C  CB  . HIS A 1 35  ? -3.660  -10.731 -7.910  1.00 16.31 ? 29   HIS A CB  1 
ATOM   224  C  CG  . HIS A 1 35  ? -5.062  -10.932 -7.428  1.00 17.08 ? 29   HIS A CG  1 
ATOM   225  N  ND1 . HIS A 1 35  ? -6.077  -10.068 -7.746  1.00 20.77 ? 29   HIS A ND1 1 
ATOM   226  C  CD2 . HIS A 1 35  ? -5.579  -11.814 -6.536  1.00 19.26 ? 29   HIS A CD2 1 
ATOM   227  C  CE1 . HIS A 1 35  ? -7.172  -10.419 -7.093  1.00 18.48 ? 29   HIS A CE1 1 
ATOM   228  N  NE2 . HIS A 1 35  ? -6.882  -11.466 -6.337  1.00 22.23 ? 29   HIS A NE2 1 
ATOM   229  N  N   . ASN A 1 36  ? -2.228  -11.383 -5.240  1.00 12.05 ? 30   ASN A N   1 
ATOM   230  C  CA  . ASN A 1 36  ? -2.315  -11.941 -3.859  1.00 11.46 ? 30   ASN A CA  1 
ATOM   231  C  C   . ASN A 1 36  ? -1.668  -10.986 -2.857  1.00 9.79  ? 30   ASN A C   1 
ATOM   232  O  O   . ASN A 1 36  ? -2.235  -10.730 -1.782  1.00 11.74 ? 30   ASN A O   1 
ATOM   233  C  CB  . ASN A 1 36  ? -1.688  -13.337 -3.847  1.00 11.83 ? 30   ASN A CB  1 
ATOM   234  C  CG  . ASN A 1 36  ? -2.094  -14.164 -2.666  1.00 12.29 ? 30   ASN A CG  1 
ATOM   235  O  OD1 . ASN A 1 36  ? -3.263  -14.319 -2.417  1.00 14.86 ? 30   ASN A OD1 1 
ATOM   236  N  ND2 . ASN A 1 36  ? -1.130  -14.655 -1.920  1.00 13.02 ? 30   ASN A ND2 1 
ATOM   237  N  N   . ALA A 1 37  ? -0.508  -10.417 -3.224  1.00 9.42  ? 31   ALA A N   1 
ATOM   238  C  CA  . ALA A 1 37  ? 0.252   -9.548  -2.275  1.00 9.47  ? 31   ALA A CA  1 
ATOM   239  C  C   . ALA A 1 37  ? -0.518  -8.240  -1.968  1.00 10.14 ? 31   ALA A C   1 
ATOM   240  O  O   . ALA A 1 37  ? -0.615  -7.809  -0.824  1.00 10.35 ? 31   ALA A O   1 
ATOM   241  C  CB  . ALA A 1 37  ? 1.637   -9.232  -2.845  1.00 9.88  ? 31   ALA A CB  1 
ATOM   242  N  N   . ALA A 1 38  ? -1.119  -7.650  -3.027  1.00 10.17 ? 32   ALA A N   1 
ATOM   243  C  CA  . ALA A 1 38  ? -1.864  -6.403  -2.826  1.00 10.99 ? 32   ALA A CA  1 
ATOM   244  C  C   . ALA A 1 38  ? -3.153  -6.673  -2.093  1.00 10.20 ? 32   ALA A C   1 
ATOM   245  O  O   . ALA A 1 38  ? -3.616  -5.859  -1.307  1.00 11.14 ? 32   ALA A O   1 
ATOM   246  C  CB  . ALA A 1 38  ? -2.116  -5.720  -4.179  1.00 10.64 ? 32   ALA A CB  1 
ATOM   247  N  N   . THR A 1 39  ? -3.741  -7.850  -2.318  1.00 10.74 ? 33   THR A N   1 
ATOM   248  C  CA  . THR A 1 39  ? -4.933  -8.255  -1.538  1.00 11.05 ? 33   THR A CA  1 
ATOM   249  C  C   . THR A 1 39  ? -4.644  -8.467  -0.039  1.00 11.11 ? 33   THR A C   1 
ATOM   250  O  O   . THR A 1 39  ? -5.401  -8.006  0.845   1.00 12.92 ? 33   THR A O   1 
ATOM   251  C  CB  . THR A 1 39  ? -5.611  -9.475  -2.155  1.00 11.69 ? 33   THR A CB  1 
ATOM   252  O  OG1 . THR A 1 39  ? -6.044  -9.126  -3.461  1.00 11.48 ? 33   THR A OG1 1 
ATOM   253  C  CG2 . THR A 1 39  ? -6.852  -9.831  -1.283  1.00 12.17 ? 33   THR A CG2 1 
ATOM   254  N  N   . GLU A 1 40  ? -3.521  -9.116  0.221   1.00 10.65 ? 34   GLU A N   1 
ATOM   255  C  CA  . GLU A 1 40  ? -3.014  -9.275  1.587   1.00 11.15 ? 34   GLU A CA  1 
ATOM   256  C  C   . GLU A 1 40  ? -2.915  -7.882  2.195   1.00 11.86 ? 34   GLU A C   1 
ATOM   257  O  O   . GLU A 1 40  ? -3.318  -7.681  3.337   1.00 14.65 ? 34   GLU A O   1 
ATOM   258  C  CB  . GLU A 1 40  ? -1.655  -9.940  1.654   1.00 12.30 ? 34   GLU A CB  1 
ATOM   259  C  CG  . GLU A 1 40  ? -1.735  -11.434 1.469   1.00 13.71 ? 34   GLU A CG  1 
ATOM   260  C  CD  . GLU A 1 40  ? -0.502  -12.135 1.003   1.00 14.91 ? 34   GLU A CD  1 
ATOM   261  O  OE1 . GLU A 1 40  ? 0.541   -11.501 0.770   1.00 13.13 ? 34   GLU A OE1 1 
ATOM   262  O  OE2 . GLU A 1 40  ? -0.524  -13.402 0.898   1.00 15.24 ? 34   GLU A OE2 1 
ATOM   263  N  N   . LEU A 1 41  ? -2.268  -6.946  1.493   1.00 11.92 ? 35   LEU A N   1 
ATOM   264  C  CA  . LEU A 1 41  ? -2.064  -5.643  2.070   1.00 12.63 ? 35   LEU A CA  1 
ATOM   265  C  C   . LEU A 1 41  ? -3.364  -4.802  2.258   1.00 12.43 ? 35   LEU A C   1 
ATOM   266  O  O   . LEU A 1 41  ? -3.569  -4.094  3.300   1.00 12.98 ? 35   LEU A O   1 
ATOM   267  C  CB  . LEU A 1 41  ? -0.972  -4.943  1.284   1.00 14.66 ? 35   LEU A CB  1 
ATOM   268  C  CG  . LEU A 1 41  ? -0.400  -3.779  2.008   1.00 17.62 ? 35   LEU A CG  1 
ATOM   269  C  CD1 . LEU A 1 41  ? 0.281   -4.173  3.309   1.00 19.42 ? 35   LEU A CD1 1 
ATOM   270  C  CD2 . LEU A 1 41  ? 0.620   -3.169  1.076   1.00 19.34 ? 35   LEU A CD2 1 
ATOM   271  N  N   . LEU A 1 42  ? -4.286  -4.919  1.323   1.00 11.33 ? 36   LEU A N   1 
ATOM   272  C  CA  . LEU A 1 42  ? -5.558  -4.278  1.492   1.00 12.34 ? 36   LEU A CA  1 
ATOM   273  C  C   . LEU A 1 42  ? -6.344  -4.826  2.670   1.00 14.18 ? 36   LEU A C   1 
ATOM   274  O  O   . LEU A 1 42  ? -6.902  -4.094  3.465   1.00 13.21 ? 36   LEU A O   1 
ATOM   275  C  CB  . LEU A 1 42  ? -6.334  -4.409  0.169   1.00 14.64 ? 36   LEU A CB  1 
ATOM   276  C  CG  . LEU A 1 42  ? -7.690  -3.835  0.097   1.00 15.13 ? 36   LEU A CG  1 
ATOM   277  C  CD1 . LEU A 1 42  ? -7.632  -2.319  0.301   1.00 18.86 ? 36   LEU A CD1 1 
ATOM   278  C  CD2 . LEU A 1 42  ? -8.278  -4.240  -1.270  1.00 18.10 ? 36   LEU A CD2 1 
ATOM   279  N  N   . ASP A 1 43  ? -6.302  -6.120  2.851   1.00 14.07 ? 37   ASP A N   1 
ATOM   280  C  CA  . ASP A 1 43  ? -6.945  -6.770  4.016   1.00 16.33 ? 37   ASP A CA  1 
ATOM   281  C  C   . ASP A 1 43  ? -6.306  -6.298  5.305   1.00 16.28 ? 37   ASP A C   1 
ATOM   282  O  O   . ASP A 1 43  ? -6.997  -6.007  6.307   1.00 15.46 ? 37   ASP A O   1 
ATOM   283  C  CB  . ASP A 1 43  ? -6.875  -8.295  3.890   1.00 18.58 ? 37   ASP A CB  1 
ATOM   284  C  CG  . ASP A 1 43  ? -7.697  -8.849  2.770   1.00 21.29 ? 37   ASP A CG  1 
ATOM   285  O  OD1 . ASP A 1 43  ? -8.578  -8.193  2.183   1.00 21.84 ? 37   ASP A OD1 1 
ATOM   286  O  OD2 . ASP A 1 43  ? -7.458  -10.047 2.441   1.00 25.01 ? 37   ASP A OD2 1 
ATOM   287  N  N   . TRP A 1 44  ? -4.994  -6.233  5.310   1.00 14.70 ? 38   TRP A N   1 
ATOM   288  C  CA  . TRP A 1 44  ? -4.289  -5.795  6.493   1.00 18.09 ? 38   TRP A CA  1 
ATOM   289  C  C   . TRP A 1 44  ? -4.605  -4.307  6.834   1.00 15.75 ? 38   TRP A C   1 
ATOM   290  O  O   . TRP A 1 44  ? -4.882  -3.941  8.024   1.00 18.39 ? 38   TRP A O   1 
ATOM   291  C  CB  . TRP A 1 44  ? -2.859  -5.971  6.248   1.00 19.73 ? 38   TRP A CB  1 
ATOM   292  C  CG  . TRP A 1 44  ? -2.121  -5.887  7.511   1.00 25.32 ? 38   TRP A CG  1 
ATOM   293  C  CD1 . TRP A 1 44  ? -2.133  -6.763  8.565   1.00 26.11 ? 38   TRP A CD1 1 
ATOM   294  C  CD2 . TRP A 1 44  ? -1.298  -4.825  7.871   1.00 21.28 ? 38   TRP A CD2 1 
ATOM   295  N  NE1 . TRP A 1 44  ? -1.334  -6.304  9.559   1.00 26.22 ? 38   TRP A NE1 1 
ATOM   296  C  CE2 . TRP A 1 44  ? -0.794  -5.115  9.145   1.00 25.31 ? 38   TRP A CE2 1 
ATOM   297  C  CE3 . TRP A 1 44  ? -0.897  -3.672  7.214   1.00 19.96 ? 38   TRP A CE3 1 
ATOM   298  C  CZ2 . TRP A 1 44  ? 0.082   -4.303  9.783   1.00 23.18 ? 38   TRP A CZ2 1 
ATOM   299  C  CZ3 . TRP A 1 44  ? -0.062  -2.886  7.861   1.00 18.37 ? 38   TRP A CZ3 1 
ATOM   300  C  CH2 . TRP A 1 44  ? 0.423   -3.205  9.113   1.00 22.37 ? 38   TRP A CH2 1 
ATOM   301  N  N   . CYS A 1 45  ? -4.654  -3.446  5.835   1.00 15.40 ? 39   CYS A N   1 
ATOM   302  C  CA  . CYS A 1 45  ? -5.016  -2.026  6.018   1.00 14.98 ? 39   CYS A CA  1 
ATOM   303  C  C   . CYS A 1 45  ? -6.476  -1.781  6.412   1.00 15.74 ? 39   CYS A C   1 
ATOM   304  O  O   . CYS A 1 45  ? -6.798  -0.706  6.866   1.00 17.47 ? 39   CYS A O   1 
ATOM   305  C  CB  . CYS A 1 45  ? -4.666  -1.195  4.805   1.00 17.34 ? 39   CYS A CB  1 
ATOM   306  S  SG  . CYS A 1 45  ? -2.896  -1.101  4.495   1.00 18.54 ? 39   CYS A SG  1 
ATOM   307  N  N   . GLY A 1 46  ? -7.302  -2.808  6.353   1.00 16.15 ? 40   GLY A N   1 
ATOM   308  C  CA  . GLY A 1 46  ? -8.696  -2.768  6.814   1.00 18.49 ? 40   GLY A CA  1 
ATOM   309  C  C   . GLY A 1 46  ? -8.832  -2.954  8.312   1.00 20.44 ? 40   GLY A C   1 
ATOM   310  O  O   . GLY A 1 46  ? -9.943  -2.808  8.849   1.00 21.32 ? 40   GLY A O   1 
ATOM   311  N  N   . ASP A 1 47  ? -7.720  -3.305  8.990   1.00 17.16 ? 41   ASP A N   1 
ATOM   312  C  CA  . ASP A 1 47  ? -7.696  -3.472  10.441  1.00 16.51 ? 41   ASP A CA  1 
ATOM   313  C  C   . ASP A 1 47  ? -7.215  -2.107  10.944  1.00 14.72 ? 41   ASP A C   1 
ATOM   314  O  O   . ASP A 1 47  ? -6.122  -1.645  10.568  1.00 14.04 ? 41   ASP A O   1 
ATOM   315  C  CB  . ASP A 1 47  ? -6.684  -4.551  10.821  1.00 16.99 ? 41   ASP A CB  1 
ATOM   316  C  CG  . ASP A 1 47  ? -6.674  -4.867  12.291  1.00 18.96 ? 41   ASP A CG  1 
ATOM   317  O  OD1 . ASP A 1 47  ? -6.843  -3.926  13.118  1.00 16.17 ? 41   ASP A OD1 1 
ATOM   318  O  OD2 . ASP A 1 47  ? -6.501  -6.103  12.621  1.00 21.68 ? 41   ASP A OD2 1 
ATOM   319  N  N   . PRO A 1 48  ? -8.000  -1.445  11.809  1.00 14.88 ? 42   PRO A N   1 
ATOM   320  C  CA  . PRO A 1 48  ? -7.563  -0.097  12.168  1.00 14.22 ? 42   PRO A CA  1 
ATOM   321  C  C   . PRO A 1 48  ? -6.247  -0.074  12.998  1.00 13.49 ? 42   PRO A C   1 
ATOM   322  O  O   . PRO A 1 48  ? -5.531  0.974   13.064  1.00 14.32 ? 42   PRO A O   1 
ATOM   323  C  CB  . PRO A 1 48  ? -8.736  0.459   13.002  1.00 17.07 ? 42   PRO A CB  1 
ATOM   324  C  CG  . PRO A 1 48  ? -9.431  -0.794  13.514  1.00 16.10 ? 42   PRO A CG  1 
ATOM   325  C  CD  . PRO A 1 48  ? -9.318  -1.780  12.398  1.00 15.58 ? 42   PRO A CD  1 
ATOM   326  N  N   . ARG A 1 49  ? -5.858  -1.207  13.548  1.00 12.99 ? 43   ARG A N   1 
ATOM   327  C  CA  . ARG A 1 49  ? -4.659  -1.301  14.370  1.00 12.97 ? 43   ARG A CA  1 
ATOM   328  C  C   . ARG A 1 49  ? -3.412  -1.301  13.504  1.00 13.25 ? 43   ARG A C   1 
ATOM   329  O  O   . ARG A 1 49  ? -2.312  -1.205  14.006  1.00 13.30 ? 43   ARG A O   1 
ATOM   330  C  CB  . ARG A 1 49  ? -4.686  -2.599  15.157  1.00 13.79 ? 43   ARG A CB  1 
ATOM   331  C  CG  . ARG A 1 49  ? -5.849  -2.697  16.096  1.00 14.02 ? 43   ARG A CG  1 
ATOM   332  C  CD  . ARG A 1 49  ? -5.962  -4.029  16.820  1.00 16.08 ? 43   ARG A CD  1 
ATOM   333  N  NE  . ARG A 1 49  ? -6.138  -5.082  15.840  1.00 16.21 ? 43   ARG A NE  1 
ATOM   334  C  CZ  . ARG A 1 49  ? -6.017  -6.367  16.107  1.00 19.88 ? 43   ARG A CZ  1 
ATOM   335  N  NH1 . ARG A 1 49  ? -5.674  -6.788  17.330  1.00 22.64 ? 43   ARG A NH1 1 
ATOM   336  N  NH2 . ARG A 1 49  ? -6.196  -7.256  15.126  1.00 21.90 ? 43   ARG A NH2 1 
ATOM   337  N  N   . ALA A 1 50  ? -3.556  -1.499  12.184  1.00 13.31 ? 44   ALA A N   1 
ATOM   338  C  CA  . ALA A 1 50  ? -2.415  -1.502  11.259  1.00 12.72 ? 44   ALA A CA  1 
ATOM   339  C  C   . ALA A 1 50  ? -1.716  -0.176  11.208  1.00 11.95 ? 44   ALA A C   1 
ATOM   340  O  O   . ALA A 1 50  ? -0.512  -0.118  11.005  1.00 12.61 ? 44   ALA A O   1 
ATOM   341  C  CB  . ALA A 1 50  ? -2.908  -1.861  9.853   1.00 14.38 ? 44   ALA A CB  1 
ATOM   342  N  N   . PHE A 1 51  ? -2.439  0.911   11.405  1.00 12.34 ? 45   PHE A N   1 
ATOM   343  C  CA  . PHE A 1 51  ? -1.872  2.246   11.306  1.00 12.72 ? 45   PHE A CA  1 
ATOM   344  C  C   . PHE A 1 51  ? -1.250  2.716   12.602  1.00 11.93 ? 45   PHE A C   1 
ATOM   345  O  O   . PHE A 1 51  ? -1.901  3.400   13.428  1.00 14.32 ? 45   PHE A O   1 
ATOM   346  C  CB  . PHE A 1 51  ? -2.945  3.186   10.807  1.00 13.06 ? 45   PHE A CB  1 
ATOM   347  C  CG  . PHE A 1 51  ? -3.433  2.847   9.456   1.00 13.68 ? 45   PHE A CG  1 
ATOM   348  C  CD1 . PHE A 1 51  ? -2.649  3.160   8.321   1.00 13.33 ? 45   PHE A CD1 1 
ATOM   349  C  CD2 . PHE A 1 51  ? -4.614  2.174   9.254   1.00 16.15 ? 45   PHE A CD2 1 
ATOM   350  C  CE1 . PHE A 1 51  ? -3.034  2.831   7.024   1.00 13.15 ? 45   PHE A CE1 1 
ATOM   351  C  CE2 . PHE A 1 51  ? -5.021  1.851   7.958   1.00 16.88 ? 45   PHE A CE2 1 
ATOM   352  C  CZ  . PHE A 1 51  ? -4.253  2.185   6.843   1.00 14.75 ? 45   PHE A CZ  1 
ATOM   353  N  N   . GLN A 1 52  ? -0.078  2.170   12.863  1.00 11.51 ? 46   GLN A N   1 
ATOM   354  C  CA  . GLN A 1 52  ? 0.752   2.497   14.020  1.00 10.82 ? 46   GLN A CA  1 
ATOM   355  C  C   . GLN A 1 52  ? 2.196   2.589   13.682  1.00 11.06 ? 46   GLN A C   1 
ATOM   356  O  O   . GLN A 1 52  ? 2.685   2.014   12.663  1.00 10.48 ? 46   GLN A O   1 
ATOM   357  C  CB  . GLN A 1 52  ? 0.539   1.459   15.131  1.00 11.93 ? 46   GLN A CB  1 
ATOM   358  C  CG  . GLN A 1 52  ? 0.879   0.067   14.658  1.00 11.51 ? 46   GLN A CG  1 
ATOM   359  C  CD  . GLN A 1 52  ? 0.917   -0.896  15.791  1.00 12.32 ? 46   GLN A CD  1 
ATOM   360  O  OE1 . GLN A 1 52  ? 1.953   -1.099  16.465  1.00 12.48 ? 46   GLN A OE1 1 
ATOM   361  N  NE2 . GLN A 1 52  ? -0.270  -1.514  16.065  1.00 12.14 ? 46   GLN A NE2 1 
ATOM   362  N  N   . ARG A 1 53  ? 2.904   3.430   14.451  1.00 11.74 ? 47   ARG A N   1 
ATOM   363  C  CA  . ARG A 1 53  ? 4.276   3.762   14.056  1.00 12.80 ? 47   ARG A CA  1 
ATOM   364  C  C   . ARG A 1 53  ? 5.221   2.553   13.940  1.00 11.64 ? 47   ARG A C   1 
ATOM   365  O  O   . ARG A 1 53  ? 6.096   2.571   13.060  1.00 12.60 ? 47   ARG A O   1 
ATOM   366  C  CB  . ARG A 1 53  ? 4.862   4.818   15.031  1.00 16.96 ? 47   ARG A CB  1 
ATOM   367  C  CG  . ARG A 1 53  ? 6.148   5.406   14.603  1.00 21.80 ? 47   ARG A CG  1 
ATOM   368  C  CD  . ARG A 1 53  ? 6.486   6.499   15.635  1.00 33.61 ? 47   ARG A CD  1 
ATOM   369  N  NE  . ARG A 1 53  ? 7.879   7.014   15.532  1.00 46.32 ? 47   ARG A NE  1 
ATOM   370  C  CZ  . ARG A 1 53  ? 8.929   6.537   16.215  1.00 55.37 ? 47   ARG A CZ  1 
ATOM   371  N  NH1 . ARG A 1 53  ? 8.794   5.528   17.092  1.00 56.04 ? 47   ARG A NH1 1 
ATOM   372  N  NH2 . ARG A 1 53  ? 10.132  7.094   16.030  1.00 64.82 ? 47   ARG A NH2 1 
ATOM   373  N  N   . PRO A 1 54  ? 5.120   1.525   14.786  1.00 10.70 ? 48   PRO A N   1 
ATOM   374  C  CA  . PRO A 1 54  ? 6.036   0.361   14.596  1.00 10.22 ? 48   PRO A CA  1 
ATOM   375  C  C   . PRO A 1 54  ? 6.017   -0.348  13.249  1.00 10.73 ? 48   PRO A C   1 
ATOM   376  O  O   . PRO A 1 54  ? 6.979   -1.064  12.938  1.00 12.60 ? 48   PRO A O   1 
ATOM   377  C  CB  . PRO A 1 54  ? 5.601   -0.594  15.704  1.00 10.70 ? 48   PRO A CB  1 
ATOM   378  C  CG  . PRO A 1 54  ? 5.100   0.272   16.754  1.00 11.31 ? 48   PRO A CG  1 
ATOM   379  C  CD  . PRO A 1 54  ? 4.375   1.376   16.066  1.00 10.93 ? 48   PRO A CD  1 
ATOM   380  N  N   . PHE A 1 55  ? 4.919   -0.155  12.510  1.00 10.43 ? 49   PHE A N   1 
ATOM   381  C  CA  . PHE A 1 55  ? 4.744   -0.758  11.174  1.00 11.39 ? 49   PHE A CA  1 
ATOM   382  C  C   . PHE A 1 55  ? 4.905   0.194   10.049  1.00 11.89 ? 49   PHE A C   1 
ATOM   383  O  O   . PHE A 1 55  ? 4.847   -0.203  8.881   1.00 12.42 ? 49   PHE A O   1 
ATOM   384  C  CB  . PHE A 1 55  ? 3.429   -1.484  11.090  1.00 12.28 ? 49   PHE A CB  1 
ATOM   385  C  CG  . PHE A 1 55  ? 3.220   -2.469  12.213  1.00 11.54 ? 49   PHE A CG  1 
ATOM   386  C  CD1 . PHE A 1 55  ? 4.219   -3.288  12.630  1.00 13.16 ? 49   PHE A CD1 1 
ATOM   387  C  CD2 . PHE A 1 55  ? 1.976   -2.582  12.782  1.00 13.13 ? 49   PHE A CD2 1 
ATOM   388  C  CE1 . PHE A 1 55  ? 4.059   -4.153  13.709  1.00 14.36 ? 49   PHE A CE1 1 
ATOM   389  C  CE2 . PHE A 1 55  ? 1.800   -3.480  13.825  1.00 14.19 ? 49   PHE A CE2 1 
ATOM   390  C  CZ  . PHE A 1 55  ? 2.834   -4.230  14.281  1.00 14.02 ? 49   PHE A CZ  1 
ATOM   391  N  N   . GLU A 1 56  ? 5.019   1.483   10.318  1.00 12.09 ? 50   GLU A N   1 
ATOM   392  C  CA  . GLU A 1 56  ? 4.899   2.489   9.277   1.00 12.29 ? 50   GLU A CA  1 
ATOM   393  C  C   . GLU A 1 56  ? 5.993   2.440   8.200   1.00 12.92 ? 50   GLU A C   1 
ATOM   394  O  O   . GLU A 1 56  ? 5.697   2.660   6.990   1.00 11.26 ? 50   GLU A O   1 
ATOM   395  C  CB  . GLU A 1 56  ? 4.841   3.903   9.897   1.00 14.96 ? 50   GLU A CB  1 
ATOM   396  C  CG  . GLU A 1 56  ? 4.793   5.047   8.882   1.00 16.32 ? 50   GLU A CG  1 
ATOM   397  C  CD  . GLU A 1 56  ? 4.525   6.458   9.429   1.00 20.16 ? 50   GLU A CD  1 
ATOM   398  O  OE1 . GLU A 1 56  ? 3.918   6.509   10.538  1.00 22.06 ? 50   GLU A OE1 1 
ATOM   399  O  OE2 . GLU A 1 56  ? 4.934   7.502   8.721   1.00 18.33 ? 50   GLU A OE2 1 
ATOM   400  N  N   . GLN A 1 57  ? 7.234   2.199   8.609   1.00 10.86 ? 51   GLN A N   1 
ATOM   401  C  CA  . GLN A 1 57  ? 8.324   2.162   7.632   1.00 13.66 ? 51   GLN A CA  1 
ATOM   402  C  C   . GLN A 1 57  ? 8.116   1.035   6.653   1.00 12.39 ? 51   GLN A C   1 
ATOM   403  O  O   . GLN A 1 57  ? 8.202   1.193   5.419   1.00 11.58 ? 51   GLN A O   1 
ATOM   404  C  CB  . GLN A 1 57  ? 9.676   2.083   8.316   1.00 18.25 ? 51   GLN A CB  1 
ATOM   405  C  CG  . GLN A 1 57  ? 10.814  2.102   7.322   1.00 24.25 ? 51   GLN A CG  1 
ATOM   406  C  CD  . GLN A 1 57  ? 12.175  2.359   7.948   1.00 37.18 ? 51   GLN A CD  1 
ATOM   407  O  OE1 . GLN A 1 57  ? 12.304  3.180   8.880   1.00 49.27 ? 51   GLN A OE1 1 
ATOM   408  N  NE2 . GLN A 1 57  ? 13.207  1.657   7.435   1.00 44.45 ? 51   GLN A NE2 1 
ATOM   409  N  N   . SER A 1 58  ? 7.774   -0.126  7.157   1.00 10.73 ? 52   SER A N   1 
ATOM   410  C  CA  . SER A 1 58  ? 7.551   -1.301  6.296   1.00 12.29 ? 52   SER A CA  1 
ATOM   411  C  C   . SER A 1 58  ? 6.336   -1.094  5.409   1.00 10.61 ? 52   SER A C   1 
ATOM   412  O  O   . SER A 1 58  ? 6.335   -1.456  4.223   1.00 10.54 ? 52   SER A O   1 
ATOM   413  C  CB  . SER A 1 58  ? 7.377   -2.552  7.188   1.00 12.73 ? 52   SER A CB  1 
ATOM   414  O  OG  . SER A 1 58  ? 8.601   -2.913  7.810   1.00 14.22 ? 52   SER A OG  1 
ATOM   415  N  N   . LEU A 1 59  ? 5.295   -0.487  5.945   1.00 9.92  ? 53   LEU A N   1 
ATOM   416  C  CA  . LEU A 1 59  ? 4.127   -0.206  5.184   1.00 10.20 ? 53   LEU A CA  1 
ATOM   417  C  C   . LEU A 1 59  ? 4.422   0.788   4.061   1.00 10.81 ? 53   LEU A C   1 
ATOM   418  O  O   . LEU A 1 59  ? 4.029   0.558   2.880   1.00 11.17 ? 53   LEU A O   1 
ATOM   419  C  CB  . LEU A 1 59  ? 2.947   0.277   6.082   1.00 11.26 ? 53   LEU A CB  1 
ATOM   420  C  CG  . LEU A 1 59  ? 1.705   0.610   5.317   1.00 12.11 ? 53   LEU A CG  1 
ATOM   421  C  CD1 . LEU A 1 59  ? 1.208   -0.587  4.567   1.00 13.27 ? 53   LEU A CD1 1 
ATOM   422  C  CD2 . LEU A 1 59  ? 0.624   1.227   6.245   1.00 14.18 ? 53   LEU A CD2 1 
HETATM 423  N  N   . MSE A 1 60  ? 5.143   1.848   4.368   1.00 11.54 ? 54   MSE A N   1 
HETATM 424  C  CA  . MSE A 1 60  ? 5.521   2.801   3.336   1.00 11.34 ? 54   MSE A CA  1 
HETATM 425  C  C   . MSE A 1 60  ? 6.369   2.152   2.262   1.00 12.08 ? 54   MSE A C   1 
HETATM 426  O  O   . MSE A 1 60  ? 6.276   2.508   1.074   1.00 10.36 ? 54   MSE A O   1 
HETATM 427  C  CB  . MSE A 1 60  ? 6.277   3.956   3.936   1.00 13.69 ? 54   MSE A CB  1 
HETATM 428  C  CG  . MSE A 1 60  ? 5.396   4.981   4.636   1.00 15.66 ? 54   MSE A CG  1 
HETATM 429  SE SE  . MSE A 1 60  ? 3.936   5.712   3.541   1.00 23.98 ? 54   MSE A SE  1 
HETATM 430  C  CE  . MSE A 1 60  ? 5.011   6.699   2.184   1.00 18.18 ? 54   MSE A CE  1 
ATOM   431  N  N   . GLY A 1 61  ? 7.226   1.251   2.629   1.00 11.21 ? 55   GLY A N   1 
ATOM   432  C  CA  . GLY A 1 61  ? 8.021   0.484   1.620   1.00 11.95 ? 55   GLY A CA  1 
ATOM   433  C  C   . GLY A 1 61  ? 7.109   -0.281  0.646   1.00 10.52 ? 55   GLY A C   1 
ATOM   434  O  O   . GLY A 1 61  ? 7.310   -0.227  -0.570  1.00 12.04 ? 55   GLY A O   1 
ATOM   435  N  N   . CYS A 1 62  ? 6.082   -0.971  1.197   1.00 10.58 ? 56   CYS A N   1 
ATOM   436  C  CA  . CYS A 1 62  ? 5.066   -1.648  0.347   1.00 10.30 ? 56   CYS A CA  1 
ATOM   437  C  C   . CYS A 1 62  ? 4.373   -0.671  -0.583  1.00 9.43  ? 56   CYS A C   1 
ATOM   438  O  O   . CYS A 1 62  ? 4.196   -0.899  -1.790  1.00 9.26  ? 56   CYS A O   1 
ATOM   439  C  CB  . CYS A 1 62  ? 4.051   -2.321  1.244   1.00 10.75 ? 56   CYS A CB  1 
ATOM   440  S  SG  . CYS A 1 62  ? 4.640   -3.847  2.056   1.00 10.90 ? 56   CYS A SG  1 
ATOM   441  N  N   . LEU A 1 63  ? 3.915   0.451   -0.003  1.00 9.91  ? 57   LEU A N   1 
ATOM   442  C  CA  . LEU A 1 63  ? 3.103   1.409   -0.760  1.00 11.08 ? 57   LEU A CA  1 
ATOM   443  C  C   . LEU A 1 63  ? 3.925   2.072   -1.845  1.00 9.76  ? 57   LEU A C   1 
ATOM   444  O  O   . LEU A 1 63  ? 3.423   2.407   -2.928  1.00 9.31  ? 57   LEU A O   1 
ATOM   445  C  CB  . LEU A 1 63  ? 2.518   2.411   0.187   1.00 11.44 ? 57   LEU A CB  1 
ATOM   446  C  CG  . LEU A 1 63  ? 1.496   1.845   1.216   1.00 12.18 ? 57   LEU A CG  1 
ATOM   447  C  CD1 . LEU A 1 63  ? 0.943   2.948   2.133   1.00 12.83 ? 57   LEU A CD1 1 
ATOM   448  C  CD2 . LEU A 1 63  ? 0.355   1.037   0.576   1.00 12.80 ? 57   LEU A CD2 1 
ATOM   449  N  N   . THR A 1 64  ? 5.211   2.280   -1.515  1.00 10.36 ? 58   THR A N   1 
ATOM   450  C  CA  . THR A 1 64  ? 6.146   2.782   -2.521  1.00 11.81 ? 58   THR A CA  1 
ATOM   451  C  C   . THR A 1 64  ? 6.177   1.888   -3.766  1.00 10.88 ? 58   THR A C   1 
ATOM   452  O  O   . THR A 1 64  ? 6.043   2.390   -4.908  1.00 10.62 ? 58   THR A O   1 
ATOM   453  C  CB  . THR A 1 64  ? 7.580   2.920   -1.959  1.00 11.76 ? 58   THR A CB  1 
ATOM   454  O  OG1 . THR A 1 64  ? 7.601   3.847   -0.877  1.00 12.06 ? 58   THR A OG1 1 
ATOM   455  C  CG2 . THR A 1 64  ? 8.531   3.416   -3.062  1.00 12.41 ? 58   THR A CG2 1 
ATOM   456  N  N   . VAL A 1 65  ? 6.238   0.581   -3.572  1.00 10.33 ? 59   VAL A N   1 
ATOM   457  C  CA  . VAL A 1 65  ? 6.219   -0.363  -4.691  1.00 9.97  ? 59   VAL A CA  1 
ATOM   458  C  C   . VAL A 1 65  ? 4.877   -0.308  -5.423  1.00 9.31  ? 59   VAL A C   1 
ATOM   459  O  O   . VAL A 1 65  ? 4.817   -0.213  -6.670  1.00 10.30 ? 59   VAL A O   1 
ATOM   460  C  CB  . VAL A 1 65  ? 6.512   -1.802  -4.266  1.00 10.97 ? 59   VAL A CB  1 
ATOM   461  C  CG1 . VAL A 1 65  ? 6.382   -2.715  -5.452  1.00 11.25 ? 59   VAL A CG1 1 
ATOM   462  C  CG2 . VAL A 1 65  ? 7.876   -1.936  -3.631  1.00 11.53 ? 59   VAL A CG2 1 
ATOM   463  N  N   . VAL A 1 66  ? 3.767   -0.190  -4.660  1.00 9.72  ? 60   VAL A N   1 
ATOM   464  C  CA  . VAL A 1 66  ? 2.475   -0.128  -5.295  1.00 9.10  ? 60   VAL A CA  1 
ATOM   465  C  C   . VAL A 1 66  ? 2.421   1.150   -6.209  1.00 9.78  ? 60   VAL A C   1 
ATOM   466  O  O   . VAL A 1 66  ? 1.906   1.096   -7.352  1.00 11.95 ? 60   VAL A O   1 
ATOM   467  C  CB  . VAL A 1 66  ? 1.306   -0.072  -4.288  1.00 9.33  ? 60   VAL A CB  1 
ATOM   468  C  CG1 . VAL A 1 66  ? -0.042  0.162   -4.961  1.00 9.75  ? 60   VAL A CG1 1 
ATOM   469  C  CG2 . VAL A 1 66  ? 1.260   -1.327  -3.445  1.00 11.64 ? 60   VAL A CG2 1 
ATOM   470  N  N   . SER A 1 67  ? 2.924   2.265   -5.709  1.00 9.44  ? 61   SER A N   1 
ATOM   471  C  CA  . SER A 1 67  ? 2.857   3.534   -6.467  1.00 10.28 ? 61   SER A CA  1 
ATOM   472  C  C   . SER A 1 67  ? 3.561   3.310   -7.813  1.00 12.00 ? 61   SER A C   1 
ATOM   473  O  O   . SER A 1 67  ? 3.136   3.898   -8.829  1.00 13.63 ? 61   SER A O   1 
ATOM   474  C  CB  . SER A 1 67  ? 3.514   4.706   -5.714  1.00 11.63 ? 61   SER A CB  1 
ATOM   475  O  OG  . SER A 1 67  ? 4.980   4.691   -5.706  1.00 11.31 ? 61   SER A OG  1 
ATOM   476  N  N   . ARG A 1 68  ? 4.663   2.556   -7.792  1.00 10.76 ? 62   ARG A N   1 
ATOM   477  C  CA  . ARG A 1 68  ? 5.491   2.331   -8.987  1.00 11.34 ? 62   ARG A CA  1 
ATOM   478  C  C   . ARG A 1 68  ? 4.927   1.321   -9.967  1.00 11.44 ? 62   ARG A C   1 
ATOM   479  O  O   . ARG A 1 68  ? 4.966   1.554   -11.187 1.00 13.81 ? 62   ARG A O   1 
ATOM   480  C  CB  . ARG A 1 68  ? 6.889   1.921   -8.607  1.00 12.14 ? 62   ARG A CB  1 
ATOM   481  C  CG  . ARG A 1 68  ? 7.621   2.970   -7.751  1.00 14.13 ? 62   ARG A CG  1 
ATOM   482  C  CD  . ARG A 1 68  ? 8.994   2.556   -7.318  1.00 15.89 ? 62   ARG A CD  1 
ATOM   483  N  NE  . ARG A 1 68  ? 9.594   3.592   -6.529  1.00 13.52 ? 62   ARG A NE  1 
ATOM   484  C  CZ  . ARG A 1 68  ? 10.704  3.443   -5.795  1.00 18.32 ? 62   ARG A CZ  1 
ATOM   485  N  NH1 . ARG A 1 68  ? 11.422  2.307   -5.851  1.00 19.22 ? 62   ARG A NH1 1 
ATOM   486  N  NH2 . ARG A 1 68  ? 11.148  4.453   -5.065  1.00 16.12 ? 62   ARG A NH2 1 
ATOM   487  N  N   . VAL A 1 69  ? 4.323   0.234   -9.507  1.00 9.78  ? 63   VAL A N   1 
ATOM   488  C  CA  . VAL A 1 69  ? 4.019   -0.904  -10.349 1.00 10.10 ? 63   VAL A CA  1 
ATOM   489  C  C   . VAL A 1 69  ? 2.541   -0.975  -10.777 1.00 10.28 ? 63   VAL A C   1 
ATOM   490  O  O   . VAL A 1 69  ? 2.243   -1.601  -11.782 1.00 9.93  ? 63   VAL A O   1 
ATOM   491  C  CB  . VAL A 1 69  ? 4.404   -2.260  -9.734  1.00 10.52 ? 63   VAL A CB  1 
ATOM   492  C  CG1 . VAL A 1 69  ? 5.898   -2.347  -9.401  1.00 11.55 ? 63   VAL A CG1 1 
ATOM   493  C  CG2 . VAL A 1 69  ? 3.550   -2.638  -8.555  1.00 10.66 ? 63   VAL A CG2 1 
ATOM   494  N  N   . ALA A 1 70  ? 1.646   -0.374  -9.988  1.00 10.48 ? 64   ALA A N   1 
ATOM   495  C  CA  . ALA A 1 70  ? 0.175   -0.628  -10.199 1.00 10.61 ? 64   ALA A CA  1 
ATOM   496  C  C   . ALA A 1 70  ? -0.308  -0.369  -11.621 1.00 11.04 ? 64   ALA A C   1 
ATOM   497  O  O   . ALA A 1 70  ? -1.168  -1.070  -12.114 1.00 12.29 ? 64   ALA A O   1 
ATOM   498  C  CB  . ALA A 1 70  ? -0.677  0.156   -9.203  1.00 10.58 ? 64   ALA A CB  1 
ATOM   499  N  N   . ALA A 1 71  ? 0.261   0.677   -12.260 1.00 12.36 ? 65   ALA A N   1 
ATOM   500  C  CA  . ALA A 1 71  ? -0.151  1.038   -13.633 1.00 13.69 ? 65   ALA A CA  1 
ATOM   501  C  C   . ALA A 1 71  ? 0.664   0.387   -14.726 1.00 15.43 ? 65   ALA A C   1 
ATOM   502  O  O   . ALA A 1 71  ? 0.427   0.664   -15.895 1.00 15.77 ? 65   ALA A O   1 
ATOM   503  C  CB  . ALA A 1 71  ? -0.071  2.522   -13.822 1.00 16.05 ? 65   ALA A CB  1 
ATOM   504  N  N   . GLN A 1 72  ? 1.669   -0.385  -14.350 1.00 14.20 ? 66   GLN A N   1 
ATOM   505  C  CA  . GLN A 1 72  ? 2.442   -1.143  -15.323 1.00 16.07 ? 66   GLN A CA  1 
ATOM   506  C  C   . GLN A 1 72  ? 1.671   -2.298  -15.927 1.00 17.91 ? 66   GLN A C   1 
ATOM   507  O  O   . GLN A 1 72  ? 0.752   -2.913  -15.363 1.00 16.24 ? 66   GLN A O   1 
ATOM   508  C  CB  . GLN A 1 72  ? 3.747   -1.646  -14.706 1.00 16.30 ? 66   GLN A CB  1 
ATOM   509  C  CG  . GLN A 1 72  ? 4.684   -0.507  -14.348 1.00 16.84 ? 66   GLN A CG  1 
ATOM   510  C  CD  . GLN A 1 72  ? 6.071   -0.938  -13.875 1.00 19.85 ? 66   GLN A CD  1 
ATOM   511  O  OE1 . GLN A 1 72  ? 6.652   -0.429  -12.894 1.00 24.00 ? 66   GLN A OE1 1 
ATOM   512  N  NE2 . GLN A 1 72  ? 6.622   -1.850  -14.576 1.00 22.08 ? 66   GLN A NE2 1 
ATOM   513  N  N   . GLN A 1 73  ? 2.062   -2.647  -17.140 1.00 18.07 ? 67   GLN A N   1 
ATOM   514  C  CA  . GLN A 1 73  ? 1.436   -3.784  -17.788 1.00 19.49 ? 67   GLN A CA  1 
ATOM   515  C  C   . GLN A 1 73  ? 1.611   -5.059  -16.981 1.00 19.00 ? 67   GLN A C   1 
ATOM   516  O  O   . GLN A 1 73  ? 2.727   -5.401  -16.527 1.00 20.07 ? 67   GLN A O   1 
ATOM   517  C  CB  . GLN A 1 73  ? 1.986   -3.961  -19.200 1.00 20.86 ? 67   GLN A CB  1 
ATOM   518  C  CG  . GLN A 1 73  ? 1.917   -2.694  -20.046 1.00 23.15 ? 67   GLN A CG  1 
ATOM   519  C  CD  . GLN A 1 73  ? 0.474   -2.279  -20.300 1.00 25.15 ? 67   GLN A CD  1 
ATOM   520  O  OE1 . GLN A 1 73  ? 0.060   -1.184  -19.940 1.00 25.07 ? 67   GLN A OE1 1 
ATOM   521  N  NE2 . GLN A 1 73  ? -0.318  -3.216  -20.845 1.00 25.54 ? 67   GLN A NE2 1 
ATOM   522  N  N   . GLY A 1 74  ? 0.504   -5.767  -16.809 1.00 19.97 ? 68   GLY A N   1 
ATOM   523  C  CA  . GLY A 1 74  ? 0.411   -6.991  -16.031 1.00 21.14 ? 68   GLY A CA  1 
ATOM   524  C  C   . GLY A 1 74  ? 0.079   -6.846  -14.564 1.00 19.47 ? 68   GLY A C   1 
ATOM   525  O  O   . GLY A 1 74  ? -0.020  -7.838  -13.840 1.00 17.78 ? 68   GLY A O   1 
ATOM   526  N  N   . PHE A 1 75  ? -0.067  -5.600  -14.128 1.00 16.62 ? 69   PHE A N   1 
ATOM   527  C  CA  . PHE A 1 75  ? -0.418  -5.342  -12.743 1.00 14.01 ? 69   PHE A CA  1 
ATOM   528  C  C   . PHE A 1 75  ? -1.885  -4.865  -12.679 1.00 15.75 ? 69   PHE A C   1 
ATOM   529  O  O   . PHE A 1 75  ? -2.442  -4.497  -13.688 1.00 19.25 ? 69   PHE A O   1 
ATOM   530  C  CB  . PHE A 1 75  ? 0.509   -4.329  -12.133 1.00 13.53 ? 69   PHE A CB  1 
ATOM   531  C  CG  . PHE A 1 75  ? 1.918   -4.798  -11.956 1.00 13.06 ? 69   PHE A CG  1 
ATOM   532  C  CD1 . PHE A 1 75  ? 2.798   -4.717  -13.037 1.00 14.73 ? 69   PHE A CD1 1 
ATOM   533  C  CD2 . PHE A 1 75  ? 2.373   -5.317  -10.792 1.00 12.81 ? 69   PHE A CD2 1 
ATOM   534  C  CE1 . PHE A 1 75  ? 4.100   -5.107  -12.907 1.00 15.89 ? 69   PHE A CE1 1 
ATOM   535  C  CE2 . PHE A 1 75  ? 3.666   -5.746  -10.648 1.00 14.51 ? 69   PHE A CE2 1 
ATOM   536  C  CZ  . PHE A 1 75  ? 4.544   -5.633  -11.703 1.00 14.47 ? 69   PHE A CZ  1 
ATOM   537  N  N   . ASP A 1 76  ? -2.524  -4.914  -11.495 1.00 15.79 ? 70   ASP A N   1 
ATOM   538  C  CA  . ASP A 1 76  ? -3.953  -4.566  -11.380 1.00 15.04 ? 70   ASP A CA  1 
ATOM   539  C  C   . ASP A 1 76  ? -4.049  -3.153  -10.842 1.00 12.79 ? 70   ASP A C   1 
ATOM   540  O  O   . ASP A 1 76  ? -3.858  -2.920  -9.609  1.00 11.93 ? 70   ASP A O   1 
ATOM   541  C  CB  . ASP A 1 76  ? -4.622  -5.524  -10.475 1.00 15.90 ? 70   ASP A CB  1 
ATOM   542  C  CG  . ASP A 1 76  ? -6.114  -5.326  -10.373 1.00 18.53 ? 70   ASP A CG  1 
ATOM   543  O  OD1 . ASP A 1 76  ? -6.697  -4.228  -10.543 1.00 18.07 ? 70   ASP A OD1 1 
ATOM   544  O  OD2 . ASP A 1 76  ? -6.746  -6.350  -10.013 1.00 21.08 ? 70   ASP A OD2 1 
ATOM   545  N  N   . LEU A 1 77  ? -4.308  -2.215  -11.733 1.00 11.43 ? 71   LEU A N   1 
ATOM   546  C  CA  . LEU A 1 77  ? -4.309  -0.808  -11.375 1.00 10.42 ? 71   LEU A CA  1 
ATOM   547  C  C   . LEU A 1 77  ? -5.419  -0.495  -10.377 1.00 10.02 ? 71   LEU A C   1 
ATOM   548  O  O   . LEU A 1 77  ? -5.183  0.231   -9.381  1.00 10.65 ? 71   LEU A O   1 
ATOM   549  C  CB  . LEU A 1 77  ? -4.414  0.058   -12.582 1.00 11.30 ? 71   LEU A CB  1 
ATOM   550  C  CG  . LEU A 1 77  ? -4.581  1.541   -12.375 1.00 10.62 ? 71   LEU A CG  1 
ATOM   551  C  CD1 . LEU A 1 77  ? -3.416  2.114   -11.575 1.00 11.67 ? 71   LEU A CD1 1 
ATOM   552  C  CD2 . LEU A 1 77  ? -4.591  2.316   -13.676 1.00 11.45 ? 71   LEU A CD2 1 
ATOM   553  N  N   . ASP A 1 78  ? -6.601  -1.005  -10.599 1.00 10.22 ? 72   ASP A N   1 
ATOM   554  C  CA  . ASP A 1 78  ? -7.720  -0.655  -9.679  1.00 12.37 ? 72   ASP A CA  1 
ATOM   555  C  C   . ASP A 1 78  ? -7.458  -1.184  -8.236  1.00 11.13 ? 72   ASP A C   1 
ATOM   556  O  O   . ASP A 1 78  ? -7.799  -0.528  -7.269  1.00 11.45 ? 72   ASP A O   1 
ATOM   557  C  CB  . ASP A 1 78  ? -9.093  -1.134  -10.131 1.00 14.28 ? 72   ASP A CB  1 
ATOM   558  C  CG  . ASP A 1 78  ? -10.175 -0.525  -9.262  1.00 17.88 ? 72   ASP A CG  1 
ATOM   559  O  OD1 . ASP A 1 78  ? -10.186 0.730   -9.134  1.00 16.98 ? 72   ASP A OD1 1 
ATOM   560  O  OD2 . ASP A 1 78  ? -10.830 -1.235  -8.538  1.00 17.84 ? 72   ASP A OD2 1 
ATOM   561  N  N   . LEU A 1 79  ? -6.866  -2.362  -8.094  1.00 11.00 ? 73   LEU A N   1 
ATOM   562  C  CA  . LEU A 1 79  ? -6.560  -2.900  -6.753  1.00 10.63 ? 73   LEU A CA  1 
ATOM   563  C  C   . LEU A 1 79  ? -5.523  -2.018  -6.127  1.00 9.66  ? 73   LEU A C   1 
ATOM   564  O  O   . LEU A 1 79  ? -5.567  -1.720  -4.944  1.00 10.19 ? 73   LEU A O   1 
ATOM   565  C  CB  . LEU A 1 79  ? -6.001  -4.326  -6.900  1.00 11.68 ? 73   LEU A CB  1 
ATOM   566  C  CG  . LEU A 1 79  ? -5.562  -5.079  -5.680  1.00 13.34 ? 73   LEU A CG  1 
ATOM   567  C  CD1 . LEU A 1 79  ? -6.696  -5.140  -4.664  1.00 16.07 ? 73   LEU A CD1 1 
ATOM   568  C  CD2 . LEU A 1 79  ? -5.196  -6.509  -6.045  1.00 13.86 ? 73   LEU A CD2 1 
ATOM   569  N  N   . GLY A 1 80  ? -4.491  -1.644  -6.894  1.00 10.02 ? 74   GLY A N   1 
ATOM   570  C  CA  . GLY A 1 80  ? -3.483  -0.717  -6.347  1.00 9.81  ? 74   GLY A CA  1 
ATOM   571  C  C   . GLY A 1 80  ? -4.108  0.584   -5.865  1.00 9.47  ? 74   GLY A C   1 
ATOM   572  O  O   . GLY A 1 80  ? -3.777  1.126   -4.808  1.00 9.57  ? 74   GLY A O   1 
ATOM   573  N  N   . TYR A 1 81  ? -5.022  1.083   -6.643  1.00 8.92  ? 75   TYR A N   1 
ATOM   574  C  CA  . TYR A 1 81  ? -5.636  2.361   -6.323  1.00 9.64  ? 75   TYR A CA  1 
ATOM   575  C  C   . TYR A 1 81  ? -6.471  2.217   -5.066  1.00 9.36  ? 75   TYR A C   1 
ATOM   576  O  O   . TYR A 1 81  ? -6.427  3.040   -4.180  1.00 10.42 ? 75   TYR A O   1 
ATOM   577  C  CB  . TYR A 1 81  ? -6.515  2.823   -7.485  1.00 10.31 ? 75   TYR A CB  1 
ATOM   578  C  CG  . TYR A 1 81  ? -7.313  4.108   -7.124  1.00 10.09 ? 75   TYR A CG  1 
ATOM   579  C  CD1 . TYR A 1 81  ? -6.699  5.353   -7.028  1.00 11.24 ? 75   TYR A CD1 1 
ATOM   580  C  CD2 . TYR A 1 81  ? -8.673  4.051   -6.853  1.00 10.47 ? 75   TYR A CD2 1 
ATOM   581  C  CE1 . TYR A 1 81  ? -7.369  6.496   -6.644  1.00 11.52 ? 75   TYR A CE1 1 
ATOM   582  C  CE2 . TYR A 1 81  ? -9.368  5.177   -6.450  1.00 10.43 ? 75   TYR A CE2 1 
ATOM   583  C  CZ  . TYR A 1 81  ? -8.753  6.425   -6.405  1.00 11.23 ? 75   TYR A CZ  1 
ATOM   584  O  OH  . TYR A 1 81  ? -9.433  7.589   -6.036  1.00 12.17 ? 75   TYR A OH  1 
ATOM   585  N  N   . ARG A 1 82  ? -7.237  1.142   -4.980  1.00 10.90 ? 76   ARG A N   1 
ATOM   586  C  CA  . ARG A 1 82  ? -8.067  0.942   -3.767  1.00 11.63 ? 76   ARG A CA  1 
ATOM   587  C  C   . ARG A 1 82  ? -7.285  0.799   -2.516  1.00 10.88 ? 76   ARG A C   1 
ATOM   588  O  O   . ARG A 1 82  ? -7.656  1.331   -1.497  1.00 10.80 ? 76   ARG A O   1 
ATOM   589  C  CB  . ARG A 1 82  ? -8.974  -0.264  -3.932  1.00 13.26 ? 76   ARG A CB  1 
ATOM   590  C  CG  . ARG A 1 82  ? -10.064 0.039   -4.911  1.00 16.10 ? 76   ARG A CG  1 
ATOM   591  C  CD  . ARG A 1 82  ? -11.162 -0.956  -4.910  1.00 20.39 ? 76   ARG A CD  1 
ATOM   592  N  NE  . ARG A 1 82  ? -10.750 -2.170  -5.482  1.00 22.58 ? 76   ARG A NE  1 
ATOM   593  C  CZ  . ARG A 1 82  ? -10.770 -3.360  -4.880  1.00 24.93 ? 76   ARG A CZ  1 
ATOM   594  N  NH1 . ARG A 1 82  ? -11.153 -3.515  -3.656  1.00 27.85 ? 76   ARG A NH1 1 
ATOM   595  N  NH2 . ARG A 1 82  ? -10.391 -4.397  -5.595  1.00 27.04 ? 76   ARG A NH2 1 
ATOM   596  N  N   . LEU A 1 83  ? -6.135  0.153   -2.642  1.00 10.45 ? 77   LEU A N   1 
ATOM   597  C  CA  . LEU A 1 83  ? -5.190  0.055   -1.527  1.00 12.16 ? 77   LEU A CA  1 
ATOM   598  C  C   . LEU A 1 83  ? -4.636  1.432   -1.125  1.00 11.52 ? 77   LEU A C   1 
ATOM   599  O  O   . LEU A 1 83  ? -4.619  1.753   0.035   1.00 11.65 ? 77   LEU A O   1 
ATOM   600  C  CB  . LEU A 1 83  ? -4.023  -0.912  -1.903  1.00 13.07 ? 77   LEU A CB  1 
ATOM   601  C  CG  . LEU A 1 83  ? -2.840  -1.012  -1.014  1.00 16.22 ? 77   LEU A CG  1 
ATOM   602  C  CD1 . LEU A 1 83  ? -3.301  -1.307  0.367   1.00 17.24 ? 77   LEU A CD1 1 
ATOM   603  C  CD2 . LEU A 1 83  ? -1.981  -2.168  -1.567  1.00 18.20 ? 77   LEU A CD2 1 
ATOM   604  N  N   . LEU A 1 84  ? -4.163  2.232   -2.085  1.00 11.91 ? 78   LEU A N   1 
ATOM   605  C  CA  . LEU A 1 84  ? -3.645  3.536   -1.770  1.00 13.37 ? 78   LEU A CA  1 
ATOM   606  C  C   . LEU A 1 84  ? -4.741  4.458   -1.208  1.00 13.18 ? 78   LEU A C   1 
ATOM   607  O  O   . LEU A 1 84  ? -4.457  5.294   -0.359  1.00 13.05 ? 78   LEU A O   1 
ATOM   608  C  CB  . LEU A 1 84  ? -2.932  4.203   -2.955  1.00 14.13 ? 78   LEU A CB  1 
ATOM   609  C  CG  . LEU A 1 84  ? -1.572  3.554   -3.299  1.00 17.29 ? 78   LEU A CG  1 
ATOM   610  C  CD1 . LEU A 1 84  ? -0.934  4.436   -4.326  1.00 16.07 ? 78   LEU A CD1 1 
ATOM   611  C  CD2 . LEU A 1 84  ? -0.702  3.492   -2.112  1.00 22.54 ? 78   LEU A CD2 1 
ATOM   612  N  N   . ALA A 1 85  ? -5.990  4.261   -1.654  1.00 11.51 ? 79   ALA A N   1 
ATOM   613  C  CA  . ALA A 1 85  ? -7.086  5.070   -1.129  1.00 11.76 ? 79   ALA A CA  1 
ATOM   614  C  C   . ALA A 1 85  ? -7.360  4.860   0.340   1.00 11.74 ? 79   ALA A C   1 
ATOM   615  O  O   . ALA A 1 85  ? -7.577  5.844   1.080   1.00 11.75 ? 79   ALA A O   1 
ATOM   616  C  CB  . ALA A 1 85  ? -8.321  4.882   -1.925  1.00 12.39 ? 79   ALA A CB  1 
ATOM   617  N  N   . VAL A 1 86  ? -7.422  3.612   0.799   1.00 12.05 ? 80   VAL A N   1 
ATOM   618  C  CA  . VAL A 1 86  ? -7.491  3.350   2.224   1.00 14.54 ? 80   VAL A CA  1 
ATOM   619  C  C   . VAL A 1 86  ? -6.354  4.003   3.008   1.00 14.44 ? 80   VAL A C   1 
ATOM   620  O  O   . VAL A 1 86  ? -6.565  4.573   4.092   1.00 13.91 ? 80   VAL A O   1 
ATOM   621  C  CB  . VAL A 1 86  ? -7.501  1.826   2.491   1.00 15.52 ? 80   VAL A CB  1 
ATOM   622  C  CG1 . VAL A 1 86  ? -7.368  1.501   3.968   1.00 17.17 ? 80   VAL A CG1 1 
ATOM   623  C  CG2 . VAL A 1 86  ? -8.770  1.268   1.967   1.00 17.12 ? 80   VAL A CG2 1 
ATOM   624  N  N   . CYS A 1 87  ? -5.103  3.954   2.496   1.00 14.44 ? 81   CYS A N   1 
ATOM   625  C  CA  . CYS A 1 87  ? -4.004  4.515   3.238   1.00 13.80 ? 81   CYS A CA  1 
ATOM   626  C  C   . CYS A 1 87  ? -4.067  5.998   3.192   1.00 13.70 ? 81   CYS A C   1 
ATOM   627  O  O   . CYS A 1 87  ? -3.893  6.688   4.203   1.00 12.36 ? 81   CYS A O   1 
ATOM   628  C  CB  . CYS A 1 87  ? -2.664  3.931   2.687   1.00 14.09 ? 81   CYS A CB  1 
ATOM   629  S  SG  . CYS A 1 87  ? -2.557  2.150   3.038   1.00 14.76 ? 81   CYS A SG  1 
ATOM   630  N  N   . ALA A 1 88  ? -4.445  6.582   2.059   1.00 13.47 ? 82   ALA A N   1 
ATOM   631  C  CA  . ALA A 1 88  ? -4.636  8.009   2.012   1.00 15.86 ? 82   ALA A CA  1 
ATOM   632  C  C   . ALA A 1 88  ? -5.698  8.494   3.000   1.00 13.92 ? 82   ALA A C   1 
ATOM   633  O  O   . ALA A 1 88  ? -5.597  9.570   3.610   1.00 13.90 ? 82   ALA A O   1 
ATOM   634  C  CB  . ALA A 1 88  ? -5.015  8.405   0.614   1.00 16.98 ? 82   ALA A CB  1 
ATOM   635  N  N   . ALA A 1 89  ? -6.739  7.691   3.211   1.00 15.81 ? 83   ALA A N   1 
ATOM   636  C  CA  . ALA A 1 89  ? -7.772  8.019   4.208   1.00 16.56 ? 83   ALA A CA  1 
ATOM   637  C  C   . ALA A 1 89  ? -7.305  8.048   5.614   1.00 16.65 ? 83   ALA A C   1 
ATOM   638  O  O   . ALA A 1 89  ? -8.026  8.612   6.489   1.00 20.63 ? 83   ALA A O   1 
ATOM   639  C  CB  . ALA A 1 89  ? -8.926  7.049   4.078   1.00 16.47 ? 83   ALA A CB  1 
ATOM   640  N  N   . ASN A 1 90  ? -6.181  7.392   5.878   1.00 13.38 ? 84   ASN A N   1 
ATOM   641  C  CA  . ASN A 1 90  ? -5.511  7.347   7.148   1.00 14.70 ? 84   ASN A CA  1 
ATOM   642  C  C   . ASN A 1 90  ? -4.171  8.122   7.179   1.00 14.03 ? 84   ASN A C   1 
ATOM   643  O  O   . ASN A 1 90  ? -3.348  7.912   8.058   1.00 13.91 ? 84   ASN A O   1 
ATOM   644  C  CB  . ASN A 1 90  ? -5.283  5.849   7.479   1.00 14.89 ? 84   ASN A CB  1 
ATOM   645  C  CG  . ASN A 1 90  ? -6.566  5.149   7.820   1.00 16.56 ? 84   ASN A CG  1 
ATOM   646  O  OD1 . ASN A 1 90  ? -6.993  5.219   8.999   1.00 18.13 ? 84   ASN A OD1 1 
ATOM   647  N  ND2 . ASN A 1 90  ? -7.222  4.534   6.844   1.00 16.47 ? 84   ASN A ND2 1 
ATOM   648  N  N   . ARG A 1 91  ? -3.974  9.075   6.261   1.00 13.96 ? 85   ARG A N   1 
ATOM   649  C  CA  . ARG A 1 91  ? -2.669  9.626   6.000   1.00 14.12 ? 85   ARG A CA  1 
ATOM   650  C  C   . ARG A 1 91  ? -2.224  10.500  7.191   1.00 15.75 ? 85   ARG A C   1 
ATOM   651  O  O   . ARG A 1 91  ? -1.042  10.656  7.414   1.00 15.99 ? 85   ARG A O   1 
ATOM   652  C  CB  . ARG A 1 91  ? -2.630  10.371  4.688   1.00 13.60 ? 85   ARG A CB  1 
ATOM   653  C  CG  . ARG A 1 91  ? -3.444  11.627  4.650   1.00 14.69 ? 85   ARG A CG  1 
ATOM   654  C  CD  . ARG A 1 91  ? -3.426  12.191  3.254   1.00 16.63 ? 85   ARG A CD  1 
ATOM   655  N  NE  . ARG A 1 91  ? -4.198  13.431  3.122   1.00 17.10 ? 85   ARG A NE  1 
ATOM   656  C  CZ  . ARG A 1 91  ? -5.535  13.464  2.953   1.00 20.84 ? 85   ARG A CZ  1 
ATOM   657  N  NH1 . ARG A 1 91  ? -6.250  12.326  2.855   1.00 19.04 ? 85   ARG A NH1 1 
ATOM   658  N  NH2 . ARG A 1 91  ? -6.149  14.650  2.816   1.00 21.79 ? 85   ARG A NH2 1 
ATOM   659  N  N   . ASP A 1 92  ? -3.206  10.986  7.948   1.00 16.25 ? 86   ASP A N   1 
ATOM   660  C  CA  A ASP A 1 92  ? -2.861  11.835  9.115   0.50 19.71 ? 86   ASP A CA  1 
ATOM   661  C  CA  B ASP A 1 92  ? -3.076  11.713  9.241   0.50 19.78 ? 86   ASP A CA  1 
ATOM   662  C  C   . ASP A 1 92  ? -2.239  10.981  10.250  1.00 18.43 ? 86   ASP A C   1 
ATOM   663  O  O   . ASP A 1 92  ? -1.682  11.549  11.217  1.00 22.61 ? 86   ASP A O   1 
ATOM   664  C  CB  A ASP A 1 92  ? -4.098  12.657  9.593   0.50 21.81 ? 86   ASP A CB  1 
ATOM   665  C  CB  B ASP A 1 92  ? -4.526  12.088  9.811   0.50 20.62 ? 86   ASP A CB  1 
ATOM   666  C  CG  A ASP A 1 92  ? -4.586  13.737  8.569   0.50 23.25 ? 86   ASP A CG  1 
ATOM   667  C  CG  B ASP A 1 92  ? -5.358  10.906  10.486  0.50 20.90 ? 86   ASP A CG  1 
ATOM   668  O  OD1 A ASP A 1 92  ? -3.833  14.198  7.707   0.50 22.05 ? 86   ASP A OD1 1 
ATOM   669  O  OD1 B ASP A 1 92  ? -6.093  10.063  9.830   0.50 16.31 ? 86   ASP A OD1 1 
ATOM   670  O  OD2 A ASP A 1 92  ? -5.772  14.161  8.639   0.50 28.21 ? 86   ASP A OD2 1 
ATOM   671  O  OD2 B ASP A 1 92  ? -5.405  10.938  11.775  0.50 25.09 ? 86   ASP A OD2 1 
ATOM   672  N  N   . LYS A 1 93  ? -2.224  9.671   10.134  1.00 17.00 ? 87   LYS A N   1 
ATOM   673  C  CA  . LYS A 1 93  ? -1.480  8.838   11.068  1.00 16.53 ? 87   LYS A CA  1 
ATOM   674  C  C   . LYS A 1 93  ? 0.001   8.666   10.725  1.00 16.31 ? 87   LYS A C   1 
ATOM   675  O  O   . LYS A 1 93  ? 0.783   8.199   11.548  1.00 20.00 ? 87   LYS A O   1 
ATOM   676  C  CB  . LYS A 1 93  ? -2.152  7.520   11.244  1.00 15.75 ? 87   LYS A CB  1 
ATOM   677  C  CG  . LYS A 1 93  ? -3.573  7.685   11.763  1.00 17.16 ? 87   LYS A CG  1 
ATOM   678  C  CD  . LYS A 1 93  ? -4.296  6.413   11.614  1.00 17.75 ? 87   LYS A CD  1 
ATOM   679  C  CE  . LYS A 1 93  ? -5.725  6.433   12.124  1.00 20.56 ? 87   LYS A CE  1 
ATOM   680  N  NZ  . LYS A 1 93  ? -6.750  6.862   11.187  1.00 22.32 ? 87   LYS A NZ  1 
ATOM   681  N  N   . PHE A 1 94  ? 0.422   9.097   9.557   1.00 13.81 ? 88   PHE A N   1 
ATOM   682  C  CA  . PHE A 1 94  ? 1.777   9.026   9.107   1.00 14.39 ? 88   PHE A CA  1 
ATOM   683  C  C   . PHE A 1 94  ? 2.511   10.311  9.317   1.00 14.72 ? 88   PHE A C   1 
ATOM   684  O  O   . PHE A 1 94  ? 1.890   11.340  9.591   1.00 16.44 ? 88   PHE A O   1 
ATOM   685  C  CB  . PHE A 1 94  ? 1.786   8.708   7.586   1.00 13.88 ? 88   PHE A CB  1 
ATOM   686  C  CG  . PHE A 1 94  ? 1.217   7.370   7.224   1.00 14.88 ? 88   PHE A CG  1 
ATOM   687  C  CD1 . PHE A 1 94  ? -0.153  7.131   7.251   1.00 14.18 ? 88   PHE A CD1 1 
ATOM   688  C  CD2 . PHE A 1 94  ? 2.053   6.391   6.754   1.00 15.81 ? 88   PHE A CD2 1 
ATOM   689  C  CE1 . PHE A 1 94  ? -0.667  5.918   6.848   1.00 15.42 ? 88   PHE A CE1 1 
ATOM   690  C  CE2 . PHE A 1 94  ? 1.549   5.175   6.353   1.00 17.82 ? 88   PHE A CE2 1 
ATOM   691  C  CZ  . PHE A 1 94  ? 0.190   4.933   6.380   1.00 16.50 ? 88   PHE A CZ  1 
ATOM   692  N  N   . THR A 1 95  ? 3.835   10.277  9.069   1.00 15.53 ? 89   THR A N   1 
ATOM   693  C  CA  . THR A 1 95  ? 4.600   11.517  9.085   1.00 15.72 ? 89   THR A CA  1 
ATOM   694  C  C   . THR A 1 95  ? 4.036   12.474  8.069   1.00 17.26 ? 89   THR A C   1 
ATOM   695  O  O   . THR A 1 95  ? 3.528   12.060  7.064   1.00 17.56 ? 89   THR A O   1 
ATOM   696  C  CB  . THR A 1 95  ? 6.088   11.341  8.851   1.00 17.39 ? 89   THR A CB  1 
ATOM   697  O  OG1 . THR A 1 95  ? 6.352   10.837  7.531   1.00 20.10 ? 89   THR A OG1 1 
ATOM   698  C  CG2 . THR A 1 95  ? 6.685   10.400  9.831   1.00 19.74 ? 89   THR A CG2 1 
ATOM   699  N  N   . PRO A 1 96  ? 4.267   13.767  8.247   1.00 17.60 ? 90   PRO A N   1 
ATOM   700  C  CA  . PRO A 1 96  ? 3.813   14.669  7.231   1.00 18.19 ? 90   PRO A CA  1 
ATOM   701  C  C   . PRO A 1 96  ? 4.407   14.428  5.807   1.00 17.40 ? 90   PRO A C   1 
ATOM   702  O  O   . PRO A 1 96  ? 3.668   14.529  4.857   1.00 18.34 ? 90   PRO A O   1 
ATOM   703  C  CB  . PRO A 1 96  ? 4.267   16.031  7.795   1.00 24.21 ? 90   PRO A CB  1 
ATOM   704  C  CG  . PRO A 1 96  ? 4.062   15.863  9.264   1.00 23.01 ? 90   PRO A CG  1 
ATOM   705  C  CD  . PRO A 1 96  ? 4.634   14.489  9.488   1.00 21.51 ? 90   PRO A CD  1 
ATOM   706  N  N   . LYS A 1 97  ? 5.682   14.057  5.695   1.00 16.44 ? 91   LYS A N   1 
ATOM   707  C  CA  . LYS A 1 97  ? 6.266   13.823  4.357   1.00 17.93 ? 91   LYS A CA  1 
ATOM   708  C  C   . LYS A 1 97  ? 5.587   12.595  3.734   1.00 15.61 ? 91   LYS A C   1 
ATOM   709  O  O   . LYS A 1 97  ? 5.249   12.593  2.571   1.00 15.05 ? 91   LYS A O   1 
ATOM   710  C  CB  . LYS A 1 97  ? 7.753   13.614  4.452   1.00 22.81 ? 91   LYS A CB  1 
ATOM   711  C  CG  . LYS A 1 97  ? 8.429   13.257  3.142   1.00 28.28 ? 91   LYS A CG  1 
ATOM   712  C  CD  . LYS A 1 97  ? 9.949   13.258  3.305   1.00 38.38 ? 91   LYS A CD  1 
ATOM   713  C  CE  . LYS A 1 97  ? 10.572  11.988  2.692   1.00 46.59 ? 91   LYS A CE  1 
ATOM   714  N  NZ  . LYS A 1 97  ? 12.048  11.797  2.981   1.00 53.43 ? 91   LYS A NZ  1 
ATOM   715  N  N   . SER A 1 98  ? 5.414   11.541  4.515   1.00 13.91 ? 92   SER A N   1 
ATOM   716  C  CA  . SER A 1 98  ? 4.742   10.331  4.021   1.00 13.09 ? 92   SER A CA  1 
ATOM   717  C  C   . SER A 1 98  ? 3.301   10.577  3.707   1.00 13.58 ? 92   SER A C   1 
ATOM   718  O  O   . SER A 1 98  ? 2.785   10.045  2.712   1.00 12.24 ? 92   SER A O   1 
ATOM   719  C  CB  . SER A 1 98  ? 4.920   9.236   5.073   1.00 15.02 ? 92   SER A CB  1 
ATOM   720  O  OG  . SER A 1 98  ? 6.276   8.788   5.073   1.00 16.93 ? 92   SER A OG  1 
ATOM   721  N  N   . ALA A 1 99  ? 2.599   11.366  4.530   1.00 10.90 ? 93   ALA A N   1 
ATOM   722  C  CA  . ALA A 1 99  ? 1.237   11.665  4.184   1.00 11.98 ? 93   ALA A CA  1 
ATOM   723  C  C   . ALA A 1 99  ? 1.105   12.363  2.784   1.00 12.35 ? 93   ALA A C   1 
ATOM   724  O  O   . ALA A 1 99  ? 0.220   12.009  1.988   1.00 13.09 ? 93   ALA A O   1 
ATOM   725  C  CB  . ALA A 1 99  ? 0.548   12.464  5.263   1.00 12.72 ? 93   ALA A CB  1 
ATOM   726  N  N   . ALA A 1 100 ? 1.997   13.295  2.496   1.00 12.58 ? 94   ALA A N   1 
ATOM   727  C  CA  . ALA A 1 100 ? 2.029   13.995  1.232   1.00 13.76 ? 94   ALA A CA  1 
ATOM   728  C  C   . ALA A 1 100 ? 2.345   13.033  0.081   1.00 12.46 ? 94   ALA A C   1 
ATOM   729  O  O   . ALA A 1 100 ? 1.736   13.117  -1.036  1.00 12.75 ? 94   ALA A O   1 
ATOM   730  C  CB  . ALA A 1 100 ? 3.038   15.164  1.298   1.00 15.18 ? 94   ALA A CB  1 
ATOM   731  N  N   . LEU A 1 101 ? 3.207   12.063  0.343   1.00 12.52 ? 95   LEU A N   1 
ATOM   732  C  CA  . LEU A 1 101 ? 3.518   11.093  -0.699  1.00 11.61 ? 95   LEU A CA  1 
ATOM   733  C  C   . LEU A 1 101 ? 2.308   10.263  -0.966  1.00 11.95 ? 95   LEU A C   1 
ATOM   734  O  O   . LEU A 1 101 ? 1.955   10.031  -2.136  1.00 12.83 ? 95   LEU A O   1 
ATOM   735  C  CB  . LEU A 1 101 ? 4.684   10.258  -0.321  1.00 13.17 ? 95   LEU A CB  1 
ATOM   736  C  CG  . LEU A 1 101 ? 6.060   10.869  -0.325  1.00 13.62 ? 95   LEU A CG  1 
ATOM   737  C  CD1 . LEU A 1 101 ? 6.991   9.867   0.390   1.00 13.24 ? 95   LEU A CD1 1 
ATOM   738  C  CD2 . LEU A 1 101 ? 6.485   11.047  -1.787  1.00 14.43 ? 95   LEU A CD2 1 
ATOM   739  N  N   . LEU A 1 102 ? 1.674   9.759   0.089   1.00 11.31 ? 96   LEU A N   1 
ATOM   740  C  CA  . LEU A 1 102 ? 0.420   8.895   -0.107  1.00 13.45 ? 96   LEU A CA  1 
ATOM   741  C  C   . LEU A 1 102 ? -0.613  9.597   -0.947  1.00 13.62 ? 96   LEU A C   1 
ATOM   742  O  O   . LEU A 1 102 ? -1.189  9.011   -1.876  1.00 13.54 ? 96   LEU A O   1 
ATOM   743  C  CB  . LEU A 1 102 ? -0.236  8.498   1.244   1.00 15.17 ? 96   LEU A CB  1 
ATOM   744  C  CG  . LEU A 1 102 ? 0.603   7.665   2.121   1.00 17.71 ? 96   LEU A CG  1 
ATOM   745  C  CD1 . LEU A 1 102 ? 0.092   7.414   3.554   1.00 18.30 ? 96   LEU A CD1 1 
ATOM   746  C  CD2 . LEU A 1 102 ? 0.781   6.324   1.405   1.00 20.25 ? 96   LEU A CD2 1 
ATOM   747  N  N   . SER A 1 103 ? -0.886  10.873  -0.618  1.00 13.20 ? 97   SER A N   1 
ATOM   748  C  CA  . SER A 1 103 ? -1.876  11.664  -1.331  1.00 14.22 ? 97   SER A CA  1 
ATOM   749  C  C   . SER A 1 103 ? -1.453  11.770  -2.810  1.00 13.24 ? 97   SER A C   1 
ATOM   750  O  O   . SER A 1 103 ? -2.297  11.591  -3.715  1.00 14.17 ? 97   SER A O   1 
ATOM   751  C  CB  . SER A 1 103 ? -1.989  13.058  -0.807  1.00 17.17 ? 97   SER A CB  1 
ATOM   752  O  OG  . SER A 1 103 ? -2.652  13.101  0.483   1.00 23.07 ? 97   SER A OG  1 
ATOM   753  N  N   . SER A 1 104 ? -0.188  12.082  -3.028  1.00 11.97 ? 98   SER A N   1 
ATOM   754  C  CA  . SER A 1 104 ? 0.299   12.171  -4.406  1.00 12.34 ? 98   SER A CA  1 
ATOM   755  C  C   . SER A 1 104 ? 0.156   10.858  -5.211  1.00 11.86 ? 98   SER A C   1 
ATOM   756  O  O   . SER A 1 104 ? -0.256  10.853  -6.396  1.00 11.18 ? 98   SER A O   1 
ATOM   757  C  CB  . SER A 1 104 ? 1.781   12.658  -4.435  1.00 12.41 ? 98   SER A CB  1 
ATOM   758  O  OG  . SER A 1 104 ? 2.118   13.019  -5.764  1.00 13.67 ? 98   SER A OG  1 
ATOM   759  N  N   . TRP A 1 105 ? 0.567   9.746   -4.598  1.00 10.75 ? 99   TRP A N   1 
ATOM   760  C  CA  . TRP A 1 105 ? 0.579   8.426   -5.263  1.00 11.61 ? 99   TRP A CA  1 
ATOM   761  C  C   . TRP A 1 105 ? -0.829  7.974   -5.524  1.00 10.91 ? 99   TRP A C   1 
ATOM   762  O  O   . TRP A 1 105 ? -1.172  7.483   -6.620  1.00 11.58 ? 99   TRP A O   1 
ATOM   763  C  CB  . TRP A 1 105 ? 1.350   7.400   -4.429  1.00 11.53 ? 99   TRP A CB  1 
ATOM   764  C  CG  . TRP A 1 105 ? 2.760   7.715   -4.113  1.00 12.87 ? 99   TRP A CG  1 
ATOM   765  C  CD1 . TRP A 1 105 ? 3.534   8.575   -4.788  1.00 13.30 ? 99   TRP A CD1 1 
ATOM   766  C  CD2 . TRP A 1 105 ? 3.574   7.121   -3.097  1.00 12.32 ? 99   TRP A CD2 1 
ATOM   767  N  NE1 . TRP A 1 105 ? 4.806   8.586   -4.248  1.00 14.20 ? 99   TRP A NE1 1 
ATOM   768  C  CE2 . TRP A 1 105 ? 4.849   7.668   -3.220  1.00 13.01 ? 99   TRP A CE2 1 
ATOM   769  C  CE3 . TRP A 1 105 ? 3.349   6.156   -2.092  1.00 12.47 ? 99   TRP A CE3 1 
ATOM   770  C  CZ2 . TRP A 1 105 ? 5.878   7.320   -2.391  1.00 12.67 ? 99   TRP A CZ2 1 
ATOM   771  C  CZ3 . TRP A 1 105 ? 4.401   5.829   -1.243  1.00 12.60 ? 99   TRP A CZ3 1 
ATOM   772  C  CH2 . TRP A 1 105 ? 5.634   6.370   -1.435  1.00 13.06 ? 99   TRP A CH2 1 
ATOM   773  N  N   . CYS A 1 106 ? -1.721  8.206   -4.571  1.00 11.77 ? 100  CYS A N   1 
ATOM   774  C  CA  . CYS A 1 106 ? -3.140  7.832   -4.747  1.00 12.17 ? 100  CYS A CA  1 
ATOM   775  C  C   . CYS A 1 106 ? -3.759  8.611   -5.914  1.00 13.83 ? 100  CYS A C   1 
ATOM   776  O  O   . CYS A 1 106 ? -4.409  8.018   -6.803  1.00 12.44 ? 100  CYS A O   1 
ATOM   777  C  CB  . CYS A 1 106 ? -3.881  8.042   -3.428  1.00 14.06 ? 100  CYS A CB  1 
ATOM   778  S  SG  . CYS A 1 106 ? -5.585  7.482   -3.477  1.00 17.39 ? 100  CYS A SG  1 
ATOM   779  N  N   . GLU A 1 107 ? -3.547  9.920   -5.920  1.00 12.98 ? 101  GLU A N   1 
ATOM   780  C  CA  . GLU A 1 107 ? -4.095  10.755  -6.947  1.00 14.69 ? 101  GLU A CA  1 
ATOM   781  C  C   . GLU A 1 107 ? -3.583  10.372  -8.328  1.00 12.29 ? 101  GLU A C   1 
ATOM   782  O  O   . GLU A 1 107 ? -4.364  10.387  -9.312  1.00 12.40 ? 101  GLU A O   1 
ATOM   783  C  CB  . GLU A 1 107 ? -3.866  12.167  -6.573  1.00 19.19 ? 101  GLU A CB  1 
ATOM   784  C  CG  . GLU A 1 107 ? -4.275  13.280  -7.506  1.00 27.58 ? 101  GLU A CG  1 
ATOM   785  C  CD  . GLU A 1 107 ? -3.731  14.630  -6.958  1.00 37.64 ? 101  GLU A CD  1 
ATOM   786  O  OE1 . GLU A 1 107 ? -4.336  15.181  -6.003  1.00 46.00 ? 101  GLU A OE1 1 
ATOM   787  O  OE2 . GLU A 1 107 ? -2.632  15.074  -7.401  1.00 48.56 ? 101  GLU A OE2 1 
ATOM   788  N  N   . GLU A 1 108 ? -2.335  9.997   -8.391  1.00 11.33 ? 102  GLU A N   1 
ATOM   789  C  CA  . GLU A 1 108 ? -1.724  9.639   -9.702  1.00 11.20 ? 102  GLU A CA  1 
ATOM   790  C  C   . GLU A 1 108 ? -2.294  8.336   -10.222 1.00 11.15 ? 102  GLU A C   1 
ATOM   791  O  O   . GLU A 1 108 ? -2.649  8.191   -11.423 1.00 9.98  ? 102  GLU A O   1 
ATOM   792  C  CB  . GLU A 1 108 ? -0.191  9.611   -9.541  1.00 13.22 ? 102  GLU A CB  1 
ATOM   793  C  CG  . GLU A 1 108 ? 0.559   9.148   -10.761 1.00 13.51 ? 102  GLU A CG  1 
ATOM   794  C  CD  . GLU A 1 108 ? 2.074   9.301   -10.624 1.00 14.84 ? 102  GLU A CD  1 
ATOM   795  O  OE1 . GLU A 1 108 ? 2.513   9.603   -9.522  1.00 16.18 ? 102  GLU A OE1 1 
ATOM   796  O  OE2 . GLU A 1 108 ? 2.850   9.060   -11.582 1.00 15.45 ? 102  GLU A OE2 1 
ATOM   797  N  N   . LEU A 1 109 ? -2.363  7.341   -9.360  1.00 10.68 ? 103  LEU A N   1 
ATOM   798  C  CA  . LEU A 1 109 ? -3.061  6.146   -9.745  1.00 10.90 ? 103  LEU A CA  1 
ATOM   799  C  C   . LEU A 1 109 ? -4.528  6.398   -10.167 1.00 10.47 ? 103  LEU A C   1 
ATOM   800  O  O   . LEU A 1 109 ? -5.029  5.755   -11.162 1.00 11.35 ? 103  LEU A O   1 
ATOM   801  C  CB  . LEU A 1 109 ? -2.993  5.003   -8.674  1.00 10.57 ? 103  LEU A CB  1 
ATOM   802  C  CG  . LEU A 1 109 ? -1.599  4.443   -8.354  1.00 10.97 ? 103  LEU A CG  1 
ATOM   803  C  CD1 . LEU A 1 109 ? -1.761  3.244   -7.428  1.00 11.81 ? 103  LEU A CD1 1 
ATOM   804  C  CD2 . LEU A 1 109 ? -0.775  4.060   -9.589  1.00 10.20 ? 103  LEU A CD2 1 
ATOM   805  N  N   . GLY A 1 110 ? -5.215  7.299   -9.455  1.00 10.43 ? 104  GLY A N   1 
ATOM   806  C  CA  . GLY A 1 110 ? -6.608  7.578   -9.846  1.00 12.06 ? 104  GLY A CA  1 
ATOM   807  C  C   . GLY A 1 110 ? -6.710  8.228   -11.245 1.00 12.05 ? 104  GLY A C   1 
ATOM   808  O  O   . GLY A 1 110 ? -7.613  7.856   -12.057 1.00 13.81 ? 104  GLY A O   1 
ATOM   809  N  N   . ARG A 1 111 ? -5.782  9.107   -11.572 1.00 11.74 ? 105  ARG A N   1 
ATOM   810  C  CA  . ARG A 1 111 ? -5.726  9.752   -12.898 1.00 12.63 ? 105  ARG A CA  1 
ATOM   811  C  C   . ARG A 1 111 ? -5.542  8.694   -13.935 1.00 12.06 ? 105  ARG A C   1 
ATOM   812  O  O   . ARG A 1 111 ? -6.172  8.722   -15.008 1.00 14.10 ? 105  ARG A O   1 
ATOM   813  C  CB  . ARG A 1 111 ? -4.585  10.753  -12.941 1.00 15.11 ? 105  ARG A CB  1 
ATOM   814  N  N   . LEU A 1 112 ? -4.588  7.823   -13.724 1.00 10.79 ? 106  LEU A N   1 
ATOM   815  C  CA  . LEU A 1 112 ? -4.292  6.732   -14.675 1.00 11.91 ? 106  LEU A CA  1 
ATOM   816  C  C   . LEU A 1 112 ? -5.487  5.826   -14.862 1.00 12.57 ? 106  LEU A C   1 
ATOM   817  O  O   . LEU A 1 112 ? -5.832  5.465   -15.994 1.00 13.75 ? 106  LEU A O   1 
ATOM   818  C  CB  . LEU A 1 112 ? -3.033  5.970   -14.261 1.00 11.67 ? 106  LEU A CB  1 
ATOM   819  C  CG  . LEU A 1 112 ? -1.752  6.855   -14.440 1.00 12.33 ? 106  LEU A CG  1 
ATOM   820  C  CD1 . LEU A 1 112 ? -0.577  6.196   -13.788 1.00 13.69 ? 106  LEU A CD1 1 
ATOM   821  C  CD2 . LEU A 1 112 ? -1.510  7.062   -15.917 1.00 12.66 ? 106  LEU A CD2 1 
ATOM   822  N  N   . LEU A 1 113 ? -6.209  5.556   -13.769 1.00 12.15 ? 107  LEU A N   1 
ATOM   823  C  CA  . LEU A 1 113 ? -7.372  4.699   -13.795 1.00 13.71 ? 107  LEU A CA  1 
ATOM   824  C  C   . LEU A 1 113 ? -8.472  5.368   -14.581 1.00 14.62 ? 107  LEU A C   1 
ATOM   825  O  O   . LEU A 1 113 ? -9.105  4.701   -15.441 1.00 14.94 ? 107  LEU A O   1 
ATOM   826  C  CB  . LEU A 1 113 ? -7.835  4.438   -12.365 1.00 15.27 ? 107  LEU A CB  1 
ATOM   827  C  CG  . LEU A 1 113 ? -8.968  3.452   -12.211 1.00 16.34 ? 107  LEU A CG  1 
ATOM   828  C  CD1 . LEU A 1 113 ? -8.599  2.040   -12.615 1.00 17.68 ? 107  LEU A CD1 1 
ATOM   829  C  CD2 . LEU A 1 113 ? -9.493  3.524   -10.771 1.00 16.92 ? 107  LEU A CD2 1 
ATOM   830  N  N   . LEU A 1 114 ? -8.644  6.672   -14.376 1.00 15.11 ? 108  LEU A N   1 
ATOM   831  C  CA  . LEU A 1 114 ? -9.640  7.460   -15.116 1.00 20.24 ? 108  LEU A CA  1 
ATOM   832  C  C   . LEU A 1 114 ? -9.380  7.412   -16.608 1.00 19.35 ? 108  LEU A C   1 
ATOM   833  O  O   . LEU A 1 114 ? -10.322 7.118   -17.421 1.00 21.53 ? 108  LEU A O   1 
ATOM   834  C  CB  . LEU A 1 114 ? -9.645  8.904   -14.676 1.00 23.32 ? 108  LEU A CB  1 
ATOM   835  C  CG  . LEU A 1 114 ? -10.826 9.469   -13.948 1.00 30.57 ? 108  LEU A CG  1 
ATOM   836  C  CD1 . LEU A 1 114 ? -10.615 10.978  -13.903 1.00 31.65 ? 108  LEU A CD1 1 
ATOM   837  C  CD2 . LEU A 1 114 ? -12.114 9.131   -14.685 1.00 31.37 ? 108  LEU A CD2 1 
ATOM   838  N  N   . LEU A 1 115 ? -8.141  7.704   -16.972 1.00 16.88 ? 109  LEU A N   1 
ATOM   839  C  CA  . LEU A 1 115 ? -7.725  7.669   -18.403 1.00 18.37 ? 109  LEU A CA  1 
ATOM   840  C  C   . LEU A 1 115 ? -8.063  6.387   -19.098 1.00 18.95 ? 109  LEU A C   1 
ATOM   841  O  O   . LEU A 1 115 ? -8.477  6.435   -20.251 1.00 23.78 ? 109  LEU A O   1 
ATOM   842  C  CB  . LEU A 1 115 ? -6.265  7.986   -18.575 1.00 17.84 ? 109  LEU A CB  1 
ATOM   843  C  CG  . LEU A 1 115 ? -5.942  9.441   -18.316 1.00 21.17 ? 109  LEU A CG  1 
ATOM   844  C  CD1 . LEU A 1 115 ? -4.461  9.628   -18.157 1.00 19.77 ? 109  LEU A CD1 1 
ATOM   845  C  CD2 . LEU A 1 115 ? -6.556  10.355  -19.407 1.00 25.97 ? 109  LEU A CD2 1 
ATOM   846  N  N   . ARG A 1 116 ? -7.984  5.240   -18.431 1.00 19.31 ? 110  ARG A N   1 
ATOM   847  C  CA  . ARG A 1 116 ? -8.328  3.960   -19.056 1.00 22.38 ? 110  ARG A CA  1 
ATOM   848  C  C   . ARG A 1 116 ? -9.799  3.803   -19.301 1.00 28.45 ? 110  ARG A C   1 
ATOM   849  O  O   . ARG A 1 116 ? -10.193 3.082   -20.229 1.00 29.51 ? 110  ARG A O   1 
ATOM   850  C  CB  . ARG A 1 116 ? -7.884  2.797   -18.226 1.00 22.06 ? 110  ARG A CB  1 
ATOM   851  C  CG  . ARG A 1 116 ? -6.406  2.741   -18.208 1.00 20.39 ? 110  ARG A CG  1 
ATOM   852  C  CD  . ARG A 1 116 ? -5.939  1.588   -17.369 1.00 18.59 ? 110  ARG A CD  1 
ATOM   853  N  NE  . ARG A 1 116 ? -4.481  1.756   -17.246 1.00 17.24 ? 110  ARG A NE  1 
ATOM   854  C  CZ  . ARG A 1 116 ? -3.639  0.857   -16.738 1.00 17.83 ? 110  ARG A CZ  1 
ATOM   855  N  NH1 . ARG A 1 116 ? -4.119  -0.297  -16.308 1.00 18.04 ? 110  ARG A NH1 1 
ATOM   856  N  NH2 . ARG A 1 116 ? -2.336  1.156   -16.605 1.00 20.32 ? 110  ARG A NH2 1 
ATOM   857  N  N   . HIS A 1 117 ? -10.603 4.473   -18.473 1.00 27.34 ? 111  HIS A N   1 
ATOM   858  C  CA  . HIS A 1 117 ? -12.052 4.413   -18.626 1.00 35.55 ? 111  HIS A CA  1 
ATOM   859  C  C   . HIS A 1 117 ? -12.634 5.576   -19.460 1.00 41.55 ? 111  HIS A C   1 
ATOM   860  O  O   . HIS A 1 117 ? -13.859 5.759   -19.479 1.00 51.23 ? 111  HIS A O   1 
ATOM   861  C  CB  . HIS A 1 117 ? -12.696 4.303   -17.234 1.00 35.52 ? 111  HIS A CB  1 
ATOM   862  C  CG  . HIS A 1 117 ? -12.438 2.983   -16.560 1.00 37.99 ? 111  HIS A CG  1 
ATOM   863  N  ND1 . HIS A 1 117 ? -11.234 2.670   -15.966 1.00 35.22 ? 111  HIS A ND1 1 
ATOM   864  C  CD2 . HIS A 1 117 ? -13.232 1.898   -16.395 1.00 42.27 ? 111  HIS A CD2 1 
ATOM   865  C  CE1 . HIS A 1 117 ? -11.290 1.444   -15.474 1.00 41.26 ? 111  HIS A CE1 1 
ATOM   866  N  NE2 . HIS A 1 117 ? -12.496 0.957   -15.710 1.00 43.66 ? 111  HIS A NE2 1 
ATOM   867  N  N   . GLN A 1 118 ? -11.781 6.347   -20.144 1.00 42.42 ? 112  GLN A N   1 
ATOM   868  C  CA  . GLN A 1 118 ? -12.235 7.479   -20.964 1.00 49.29 ? 112  GLN A CA  1 
ATOM   869  C  C   . GLN A 1 118 ? -12.080 7.137   -22.426 1.00 53.12 ? 112  GLN A C   1 
ATOM   870  O  O   . GLN A 1 118 ? -12.728 6.202   -22.892 1.00 61.30 ? 112  GLN A O   1 
ATOM   871  C  CB  . GLN A 1 118 ? -11.480 8.764   -20.605 1.00 50.99 ? 112  GLN A CB  1 
ATOM   872  C  CG  . GLN A 1 118 ? -11.952 9.331   -19.266 1.00 53.54 ? 112  GLN A CG  1 
ATOM   873  C  CD  . GLN A 1 118 ? -11.324 10.665  -18.872 1.00 57.35 ? 112  GLN A CD  1 
ATOM   874  O  OE1 . GLN A 1 118 ? -10.270 11.063  -19.377 1.00 58.13 ? 112  GLN A OE1 1 
ATOM   875  N  NE2 . GLN A 1 118 ? -11.978 11.361  -17.934 1.00 59.86 ? 112  GLN A NE2 1 
HETATM 876  X  UNK . UNX B 2 .   ? 2.094   -13.440 -2.912  1.00 30.00 ? 1115 UNX A UNK 1 
HETATM 877  C  C1  . EDO C 3 .   ? 1.807   -13.497 3.748   1.00 25.77 ? 1113 EDO A C1  1 
HETATM 878  O  O1  . EDO C 3 .   ? 0.728   -12.848 4.398   1.00 27.30 ? 1113 EDO A O1  1 
HETATM 879  C  C2  . EDO C 3 .   ? 2.176   -14.742 4.607   1.00 25.53 ? 1113 EDO A C2  1 
HETATM 880  O  O2  . EDO C 3 .   ? 1.070   -15.248 5.412   1.00 27.70 ? 1113 EDO A O2  1 
HETATM 881  C  C   . ACT D 4 .   ? -9.394  -12.390 -3.778  1.00 34.60 ? 1114 ACT A C   1 
HETATM 882  O  O   . ACT D 4 .   ? -8.591  -13.193 -4.351  1.00 35.44 ? 1114 ACT A O   1 
HETATM 883  O  OXT . ACT D 4 .   ? -9.776  -12.569 -2.585  1.00 38.81 ? 1114 ACT A OXT 1 
HETATM 884  C  CH3 . ACT D 4 .   ? -9.861  -11.191 -4.542  1.00 37.49 ? 1114 ACT A CH3 1 
HETATM 885  O  O   . HOH E 5 .   ? 1.446   -9.614  17.935  1.00 31.49 ? 2001 HOH A O   1 
HETATM 886  O  O   . HOH E 5 .   ? -1.053  -6.595  21.252  1.00 30.71 ? 2002 HOH A O   1 
HETATM 887  O  O   . HOH E 5 .   ? -3.261  -4.921  19.448  1.00 16.72 ? 2003 HOH A O   1 
HETATM 888  O  O   . HOH E 5 .   ? 3.021   -8.346  15.657  1.00 41.08 ? 2004 HOH A O   1 
HETATM 889  O  O   . HOH E 5 .   ? 2.978   -5.800  23.302  1.00 33.63 ? 2005 HOH A O   1 
HETATM 890  O  O   . HOH E 5 .   ? 8.775   -9.679  21.435  1.00 49.65 ? 2006 HOH A O   1 
HETATM 891  O  O   . HOH E 5 .   ? 3.055   -10.243 28.767  1.00 39.70 ? 2007 HOH A O   1 
HETATM 892  O  O   . HOH E 5 .   ? 8.628   -17.955 17.309  1.00 49.46 ? 2008 HOH A O   1 
HETATM 893  O  O   . HOH E 5 .   ? 9.366   -0.081  16.621  1.00 32.87 ? 2009 HOH A O   1 
HETATM 894  O  O   . HOH E 5 .   ? 10.028  -15.826 -0.728  1.00 26.87 ? 2010 HOH A O   1 
HETATM 895  O  O   . HOH E 5 .   ? 9.463   -8.125  18.108  1.00 29.91 ? 2011 HOH A O   1 
HETATM 896  O  O   . HOH E 5 .   ? 8.858   -10.854 17.065  1.00 18.26 ? 2012 HOH A O   1 
HETATM 897  O  O   . HOH E 5 .   ? 10.594  -4.817  13.906  1.00 23.41 ? 2013 HOH A O   1 
HETATM 898  O  O   . HOH E 5 .   ? 11.860  -6.242  8.910   1.00 36.29 ? 2014 HOH A O   1 
HETATM 899  O  O   . HOH E 5 .   ? 16.139  -6.129  -8.400  1.00 56.68 ? 2015 HOH A O   1 
HETATM 900  O  O   . HOH E 5 .   ? 5.937   -13.273 10.021  1.00 17.93 ? 2016 HOH A O   1 
HETATM 901  O  O   . HOH E 5 .   ? 3.007   -15.345 16.360  1.00 35.46 ? 2017 HOH A O   1 
HETATM 902  O  O   . HOH E 5 .   ? 10.195  -13.616 15.684  1.00 29.81 ? 2018 HOH A O   1 
HETATM 903  O  O   . HOH E 5 .   ? 5.898   -16.776 17.741  1.00 33.03 ? 2019 HOH A O   1 
HETATM 904  O  O   . HOH E 5 .   ? -3.337  -12.518 -11.162 1.00 30.09 ? 2020 HOH A O   1 
HETATM 905  O  O   . HOH E 5 .   ? -3.432  -14.948 -7.153  1.00 25.74 ? 2021 HOH A O   1 
HETATM 906  O  O   . HOH E 5 .   ? -3.820  -14.881 -9.190  1.00 44.73 ? 2022 HOH A O   1 
HETATM 907  O  O   . HOH E 5 .   ? 0.756   -9.603  10.903  1.00 19.66 ? 2023 HOH A O   1 
HETATM 908  O  O   . HOH E 5 .   ? 8.185   -0.676  10.038  1.00 12.16 ? 2024 HOH A O   1 
HETATM 909  O  O   . HOH E 5 .   ? 9.319   -1.003  14.090  1.00 24.57 ? 2025 HOH A O   1 
HETATM 910  O  O   . HOH E 5 .   ? 11.046  -10.647 5.347   1.00 29.93 ? 2026 HOH A O   1 
HETATM 911  O  O   . HOH E 5 .   ? 12.740  -8.820  6.781   1.00 37.77 ? 2027 HOH A O   1 
HETATM 912  O  O   . HOH E 5 .   ? 10.121  -12.603 11.869  1.00 29.72 ? 2028 HOH A O   1 
HETATM 913  O  O   . HOH E 5 .   ? 13.645  -11.248 11.811  1.00 34.74 ? 2029 HOH A O   1 
HETATM 914  O  O   . HOH E 5 .   ? -11.233 -3.256  1.214   1.00 32.80 ? 2030 HOH A O   1 
HETATM 915  O  O   . HOH E 5 .   ? -3.020  -9.559  5.339   1.00 19.39 ? 2031 HOH A O   1 
HETATM 916  O  O   . HOH E 5 .   ? 0.841   4.459   9.923   1.00 29.38 ? 2032 HOH A O   1 
HETATM 917  O  O   . HOH E 5 .   ? 11.881  -6.505  1.617   1.00 39.37 ? 2033 HOH A O   1 
HETATM 918  O  O   . HOH E 5 .   ? 11.618  -1.134  6.448   1.00 45.04 ? 2034 HOH A O   1 
HETATM 919  O  O   . HOH E 5 .   ? 10.747  -0.986  3.667   1.00 15.60 ? 2035 HOH A O   1 
HETATM 920  O  O   . HOH E 5 .   ? 9.810   2.622   14.717  1.00 41.59 ? 2036 HOH A O   1 
HETATM 921  O  O   . HOH E 5 .   ? 4.117   11.987  12.668  1.00 39.53 ? 2037 HOH A O   1 
HETATM 922  O  O   . HOH E 5 .   ? 9.311   5.567   5.441   1.00 41.43 ? 2038 HOH A O   1 
HETATM 923  O  O   . HOH E 5 .   ? 9.702   -14.017 0.669   1.00 27.79 ? 2039 HOH A O   1 
HETATM 924  O  O   . HOH E 5 .   ? 8.830   6.500   1.621   1.00 40.78 ? 2040 HOH A O   1 
HETATM 925  O  O   . HOH E 5 .   ? 11.223  2.050   -0.371  1.00 32.94 ? 2041 HOH A O   1 
HETATM 926  O  O   . HOH E 5 .   ? 10.334  0.354   -1.443  1.00 25.87 ? 2042 HOH A O   1 
HETATM 927  O  O   . HOH E 5 .   ? 11.491  -4.709  -2.770  1.00 42.43 ? 2043 HOH A O   1 
HETATM 928  O  O   . HOH E 5 .   ? 9.509   -12.780 -4.609  1.00 48.82 ? 2044 HOH A O   1 
HETATM 929  O  O   . HOH E 5 .   ? 8.152   -16.680 -2.681  1.00 15.94 ? 2045 HOH A O   1 
HETATM 930  O  O   . HOH E 5 .   ? 7.413   -6.288  -14.207 1.00 48.87 ? 2046 HOH A O   1 
HETATM 931  O  O   . HOH E 5 .   ? 8.785   -4.586  -10.511 1.00 34.62 ? 2047 HOH A O   1 
HETATM 932  O  O   . HOH E 5 .   ? 12.010  -6.367  -8.857  1.00 48.16 ? 2048 HOH A O   1 
HETATM 933  O  O   . HOH E 5 .   ? 10.598  -0.624  -6.493  1.00 30.53 ? 2049 HOH A O   1 
HETATM 934  O  O   . HOH E 5 .   ? 9.182   -1.292  -7.944  1.00 30.68 ? 2050 HOH A O   1 
HETATM 935  O  O   . HOH E 5 .   ? -8.485  -0.222  -15.571 1.00 39.83 ? 2051 HOH A O   1 
HETATM 936  O  O   . HOH E 5 .   ? -11.822 -0.471  -12.317 1.00 32.63 ? 2052 HOH A O   1 
HETATM 937  O  O   . HOH E 5 .   ? 7.055   -12.867 -9.744  1.00 38.69 ? 2053 HOH A O   1 
HETATM 938  O  O   . HOH E 5 .   ? 10.808  -9.498  -8.726  1.00 44.97 ? 2054 HOH A O   1 
HETATM 939  O  O   . HOH E 5 .   ? 6.100   -12.191 -11.632 1.00 32.21 ? 2055 HOH A O   1 
HETATM 940  O  O   . HOH E 5 .   ? -1.089  -11.104 -9.868  1.00 21.19 ? 2056 HOH A O   1 
HETATM 941  O  O   . HOH E 5 .   ? 2.006   -12.292 -14.778 1.00 41.95 ? 2057 HOH A O   1 
HETATM 942  O  O   . HOH E 5 .   ? -0.176  -15.508 -11.092 1.00 20.70 ? 2058 HOH A O   1 
HETATM 943  O  O   . HOH E 5 .   ? -1.037  -13.370 -7.148  1.00 13.31 ? 2059 HOH A O   1 
HETATM 944  O  O   . HOH E 5 .   ? 0.837   -14.772 -5.280  1.00 14.85 ? 2060 HOH A O   1 
HETATM 945  O  O   . HOH E 5 .   ? -5.477  -8.549  -9.634  1.00 36.27 ? 2061 HOH A O   1 
HETATM 946  O  O   . HOH E 5 .   ? 1.416   -14.850 0.019   1.00 16.19 ? 2062 HOH A O   1 
HETATM 947  O  O   . HOH E 5 .   ? 6.234   16.921  1.032   1.00 28.61 ? 2063 HOH A O   1 
HETATM 948  O  O   . HOH E 5 .   ? 3.425   16.184  -3.073  1.00 31.29 ? 2064 HOH A O   1 
HETATM 949  O  O   . HOH E 5 .   ? -8.599  -8.678  -4.247  1.00 18.05 ? 2065 HOH A O   1 
HETATM 950  O  O   . HOH E 5 .   ? 3.085   -11.792 -0.402  1.00 12.82 ? 2066 HOH A O   1 
HETATM 951  O  O   . HOH E 5 .   ? -9.669  -3.085  3.445   1.00 31.12 ? 2067 HOH A O   1 
HETATM 952  O  O   . HOH E 5 .   ? -5.332  -11.448 4.112   1.00 28.60 ? 2068 HOH A O   1 
HETATM 953  O  O   . HOH E 5 .   ? -5.238  -7.922  11.016  1.00 34.91 ? 2069 HOH A O   1 
HETATM 954  O  O   . HOH E 5 .   ? -5.428  -5.840  20.148  1.00 25.52 ? 2070 HOH A O   1 
HETATM 955  O  O   . HOH E 5 .   ? 1.112   -0.765  8.915   1.00 28.94 ? 2071 HOH A O   1 
HETATM 956  O  O   . HOH E 5 .   ? 1.688   2.015   9.910   1.00 22.98 ? 2072 HOH A O   1 
HETATM 957  O  O   . HOH E 5 .   ? 1.907   5.122   11.520  1.00 32.19 ? 2073 HOH A O   1 
HETATM 958  O  O   . HOH E 5 .   ? 1.639   4.529   16.706  1.00 11.33 ? 2074 HOH A O   1 
HETATM 959  O  O   . HOH E 5 .   ? 0.905   6.034   13.210  1.00 34.43 ? 2075 HOH A O   1 
HETATM 960  O  O   . HOH E 5 .   ? 8.178   1.818   11.476  1.00 12.72 ? 2076 HOH A O   1 
HETATM 961  O  O   . HOH E 5 .   ? 10.888  6.122   19.818  1.00 25.94 ? 2077 HOH A O   1 
HETATM 962  O  O   . HOH E 5 .   ? 7.747   3.039   16.884  1.00 10.57 ? 2078 HOH A O   1 
HETATM 963  O  O   . HOH E 5 .   ? 9.900   3.483   18.902  1.00 30.65 ? 2079 HOH A O   1 
HETATM 964  O  O   . HOH E 5 .   ? 12.354  6.427   17.726  1.00 30.92 ? 2080 HOH A O   1 
HETATM 965  O  O   . HOH E 5 .   ? 3.803   8.631   12.309  1.00 26.46 ? 2081 HOH A O   1 
HETATM 966  O  O   . HOH E 5 .   ? 6.977   7.268   7.256   1.00 24.30 ? 2082 HOH A O   1 
HETATM 967  O  O   . HOH E 5 .   ? 10.079  2.740   4.045   1.00 26.92 ? 2083 HOH A O   1 
HETATM 968  O  O   . HOH E 5 .   ? 10.914  -1.455  9.580   1.00 37.62 ? 2084 HOH A O   1 
HETATM 969  O  O   . HOH E 5 .   ? 9.351   4.129   1.831   1.00 34.73 ? 2085 HOH A O   1 
HETATM 970  O  O   . HOH E 5 .   ? 9.429   6.096   -0.599  1.00 28.28 ? 2086 HOH A O   1 
HETATM 971  O  O   . HOH E 5 .   ? 1.614   6.405   -8.323  1.00 21.40 ? 2087 HOH A O   1 
HETATM 972  O  O   . HOH E 5 .   ? 10.156  6.870   -3.304  1.00 36.36 ? 2088 HOH A O   1 
HETATM 973  O  O   . HOH E 5 .   ? -1.861  -1.640  -14.896 1.00 17.05 ? 2089 HOH A O   1 
HETATM 974  O  O   . HOH E 5 .   ? 1.059   1.009   -18.423 1.00 21.30 ? 2090 HOH A O   1 
HETATM 975  O  O   . HOH E 5 .   ? 9.613   -0.723  -12.991 1.00 36.57 ? 2091 HOH A O   1 
HETATM 976  O  O   . HOH E 5 .   ? 7.905   -4.255  -13.079 1.00 37.55 ? 2092 HOH A O   1 
HETATM 977  O  O   . HOH E 5 .   ? 8.862   -0.073  -15.500 1.00 46.06 ? 2093 HOH A O   1 
HETATM 978  O  O   . HOH E 5 .   ? 6.699   -2.778  -17.223 1.00 36.42 ? 2094 HOH A O   1 
HETATM 979  O  O   . HOH E 5 .   ? 4.923   -1.615  -18.213 1.00 28.71 ? 2095 HOH A O   1 
HETATM 980  O  O   . HOH E 5 .   ? 5.217   -5.121  -16.943 1.00 38.19 ? 2096 HOH A O   1 
HETATM 981  O  O   . HOH E 5 .   ? -0.308  -10.451 -14.876 1.00 34.24 ? 2097 HOH A O   1 
HETATM 982  O  O   . HOH E 5 .   ? -2.028  -8.414  -11.174 1.00 28.15 ? 2098 HOH A O   1 
HETATM 983  O  O   . HOH E 5 .   ? -4.947  -3.061  -14.510 1.00 24.35 ? 2099 HOH A O   1 
HETATM 984  O  O   . HOH E 5 .   ? -7.643  -2.080  -13.110 1.00 19.02 ? 2100 HOH A O   1 
HETATM 985  O  O   . HOH E 5 .   ? -9.053  -6.161  -8.839  1.00 45.78 ? 2101 HOH A O   1 
HETATM 986  O  O   . HOH E 5 .   ? -11.727 2.061   -7.511  1.00 17.34 ? 2102 HOH A O   1 
HETATM 987  O  O   . HOH E 5 .   ? -13.537 0.810   -10.428 1.00 22.52 ? 2103 HOH A O   1 
HETATM 988  O  O   . HOH E 5 .   ? -10.185 -4.004  -7.884  1.00 34.60 ? 2104 HOH A O   1 
HETATM 989  O  O   . HOH E 5 .   ? -9.460  -7.488  -6.609  1.00 33.59 ? 2105 HOH A O   1 
HETATM 990  O  O   . HOH E 5 .   ? -12.120 -7.512  -5.876  1.00 37.46 ? 2106 HOH A O   1 
HETATM 991  O  O   . HOH E 5 .   ? -11.579 -1.584  -1.136  1.00 15.34 ? 2107 HOH A O   1 
HETATM 992  O  O   . HOH E 5 .   ? -6.265  11.298  7.201   1.00 28.31 ? 2108 HOH A O   1 
HETATM 993  O  O   . HOH E 5 .   ? -10.624 9.569   6.252   1.00 38.89 ? 2109 HOH A O   1 
HETATM 994  O  O   . HOH E 5 .   ? -8.348  2.914   9.933   1.00 27.00 ? 2110 HOH A O   1 
HETATM 995  O  O   . HOH E 5 .   ? -1.959  15.409  4.330   1.00 40.52 ? 2111 HOH A O   1 
HETATM 996  O  O   . HOH E 5 .   ? -1.582  15.511  1.867   1.00 33.92 ? 2112 HOH A O   1 
HETATM 997  O  O   . HOH E 5 .   ? -9.226  13.609  3.577   1.00 11.38 ? 2113 HOH A O   1 
HETATM 998  O  O   . HOH E 5 .   ? 1.208   12.155  12.117  1.00 31.02 ? 2114 HOH A O   1 
HETATM 999  O  O   . HOH E 5 .   ? -1.860  14.660  6.959   1.00 37.72 ? 2115 HOH A O   1 
HETATM 1000 O  O   . HOH E 5 .   ? 0.615   13.692  8.830   1.00 26.08 ? 2116 HOH A O   1 
HETATM 1001 O  O   . HOH E 5 .   ? 9.134   10.737  7.002   1.00 23.15 ? 2117 HOH A O   1 
HETATM 1002 O  O   . HOH E 5 .   ? 7.811   14.600  7.981   1.00 24.04 ? 2118 HOH A O   1 
HETATM 1003 O  O   . HOH E 5 .   ? 1.638   16.412  4.773   1.00 22.22 ? 2119 HOH A O   1 
HETATM 1004 O  O   . HOH E 5 .   ? 6.036   17.308  3.809   1.00 41.91 ? 2120 HOH A O   1 
HETATM 1005 O  O   . HOH E 5 .   ? 5.955   13.678  12.408  1.00 49.04 ? 2121 HOH A O   1 
HETATM 1006 O  O   . HOH E 5 .   ? 6.407   14.350  0.439   1.00 18.32 ? 2122 HOH A O   1 
HETATM 1007 O  O   . HOH E 5 .   ? 4.876   14.261  -2.065  1.00 27.01 ? 2123 HOH A O   1 
HETATM 1008 O  O   . HOH E 5 .   ? 0.783   15.504  -1.831  1.00 20.25 ? 2124 HOH A O   1 
HETATM 1009 O  O   . HOH E 5 .   ? -5.055  11.641  -2.683  1.00 29.72 ? 2125 HOH A O   1 
HETATM 1010 O  O   . HOH E 5 .   ? 3.075   10.816  -7.155  1.00 16.27 ? 2126 HOH A O   1 
HETATM 1011 O  O   . HOH E 5 .   ? -0.228  15.549  -6.415  1.00 40.14 ? 2127 HOH A O   1 
HETATM 1012 O  O   . HOH E 5 .   ? -3.829  4.838   -17.840 1.00 16.65 ? 2128 HOH A O   1 
HETATM 1013 O  O   . HOH E 5 .   ? -6.416  -1.670  -16.455 1.00 36.60 ? 2129 HOH A O   1 
HETATM 1014 O  O   . HOH E 5 .   ? -8.823  1.339   -21.796 1.00 37.37 ? 2130 HOH A O   1 
HETATM 1015 O  O   . HOH E 5 .   ? -7.553  -15.183 -5.755  1.00 52.18 ? 2131 HOH A O   1 
# 
